data_4KO4
#
_entry.id   4KO4
#
_cell.length_a   106.200
_cell.length_b   108.720
_cell.length_c   136.620
_cell.angle_alpha   90.00
_cell.angle_beta   90.00
_cell.angle_gamma   90.00
#
_symmetry.space_group_name_H-M   'P 21 21 21'
#
loop_
_entity.id
_entity.type
_entity.pdbx_description
1 polymer 'Periplasmic [NiFeSe] hydrogenase small subunit'
2 polymer 'Nickel-dependent hydrogenase large subunit'
3 non-polymer 'IRON/SULFUR CLUSTER'
4 non-polymer 'CALCIUM ION'
5 non-polymer 'CHLORIDE ION'
6 non-polymer GLYCEROL
7 non-polymer 'CARBONMONOXIDE-(DICYANO) IRON'
8 non-polymer 'NICKEL (II) ION'
9 non-polymer 'HYDROSULFURIC ACID'
10 water water
#
loop_
_entity_poly.entity_id
_entity_poly.type
_entity_poly.pdbx_seq_one_letter_code
_entity_poly.pdbx_strand_id
1 'polypeptide(L)'
;MTEGAKKAPVIWVQGQGCTGCSVSLLNAVHPRIKEILLDVISLEFHPTVMASEGEMALAHMYEIAEKFNGNFFLLVEGAI
PTAKEGRYCIVGETLDAKGHHHEVTMMELIRDLAPKSLATVAVGTCSAYGGIPAAEGNVTGSKSVRDFFADEKIEKLLVN
VPGCPPHPDWMVGTLVAAWSHVLNPTEHPLPELDDDGRPLLFFGDNIHENCPYLDKYDNSEFAETFTKPGCKAELGCKGP
STYADCAKRRWNNGINWCVENAVCIGCVEPDFPDGKSPFYVAE
;
S,T
2 'polypeptide(L)'
;MSQAATPAADGKVKISIDPLTRVEGHLKIEVEVKDGKVVDAKCSGGMFRGFEQILRGRDPRDSSQIVQRICGVCPTAHCT
ASVMAQDDAFGVKVTTNGRITRNLIFGANYLQSHILHFYHLAALDYVKGPDVSPFVPRYANADLLTDRIKDGAKADATNT
YGLNQYLKALEIRRICHEMVAMFGGRMPHVQGMVVGGATEIPTADKVAEYAARFKEVQKFVIEEYLPLIYTLGSVYTDLF
ETGIGWKNVIAFGVFPEDDDYKTFLLKPGVYIDGKDEEFDSKLVKEYVGHSFFDHSAPGGLHYSVGETNPNPDKPGAYSF
VKAPRYKDKPCEVGPLARMWVQNPELSPVGQKLLKELYGIEAKNFRDLGDKAFSIMGRHVARAEETWLTAVAVEKWLKQV
QPGAETYVKSEIPDAAEGTGFTEAPRGALLHYLKIKDKKIENYQIVSATLWNANPRDDMGQRGPIEEALIGVPVPDIKNP
VNVGRLVRSYDPULGCAVH
;
L,M
#
loop_
_chem_comp.id
_chem_comp.type
_chem_comp.name
_chem_comp.formula
CA non-polymer 'CALCIUM ION' 'Ca 2'
CL non-polymer 'CHLORIDE ION' 'Cl -1'
FCO non-polymer 'CARBONMONOXIDE-(DICYANO) IRON' 'C3 Fe N2 O'
GOL non-polymer GLYCEROL 'C3 H8 O3'
H2S non-polymer 'HYDROSULFURIC ACID' 'H2 S'
NI non-polymer 'NICKEL (II) ION' 'Ni 2'
SF4 non-polymer 'IRON/SULFUR CLUSTER' 'Fe4 S4'
#
# COMPACT_ATOMS: atom_id res chain seq x y z
N ALA A 5 10.76 -12.36 19.25
CA ALA A 5 10.82 -12.17 17.77
C ALA A 5 12.23 -12.27 17.23
N LYS A 6 12.91 -13.33 17.64
CA LYS A 6 14.31 -13.61 17.26
C LYS A 6 14.46 -13.91 15.75
N LYS A 7 15.30 -13.13 15.07
CA LYS A 7 15.45 -13.28 13.62
C LYS A 7 16.44 -14.38 13.27
N ALA A 8 16.24 -15.00 12.11
CA ALA A 8 17.17 -16.02 11.62
C ALA A 8 18.46 -15.40 11.09
N PRO A 9 19.63 -15.73 11.69
CA PRO A 9 20.88 -15.19 11.14
C PRO A 9 21.22 -15.84 9.80
N VAL A 10 21.57 -15.01 8.81
CA VAL A 10 21.85 -15.48 7.46
C VAL A 10 23.18 -14.90 6.97
N ILE A 11 24.05 -15.80 6.47
CA ILE A 11 25.21 -15.38 5.72
C ILE A 11 24.96 -15.83 4.29
N TRP A 12 24.90 -14.87 3.37
CA TRP A 12 24.56 -15.14 1.98
C TRP A 12 25.80 -14.96 1.13
N VAL A 13 26.26 -16.05 0.53
CA VAL A 13 27.50 -16.03 -0.25
C VAL A 13 27.19 -16.34 -1.72
N GLN A 14 27.96 -15.75 -2.60
CA GLN A 14 27.82 -15.91 -4.05
C GLN A 14 29.05 -16.56 -4.65
N GLY A 15 28.84 -17.62 -5.43
CA GLY A 15 29.91 -18.25 -6.21
C GLY A 15 29.76 -17.85 -7.66
N GLN A 16 29.59 -18.85 -8.52
CA GLN A 16 29.31 -18.62 -9.94
C GLN A 16 27.82 -18.38 -10.12
N GLY A 17 27.39 -17.22 -9.66
CA GLY A 17 25.99 -16.82 -9.73
C GLY A 17 25.82 -15.60 -10.62
N CYS A 18 24.56 -15.24 -10.86
CA CYS A 18 24.23 -14.08 -11.67
C CYS A 18 23.51 -13.00 -10.86
N THR A 19 23.33 -13.26 -9.55
CA THR A 19 22.62 -12.37 -8.63
C THR A 19 21.08 -12.42 -8.86
N GLY A 20 20.64 -13.25 -9.80
CA GLY A 20 19.22 -13.40 -10.07
C GLY A 20 18.43 -14.03 -8.94
N CYS A 21 19.06 -14.92 -8.16
CA CYS A 21 18.37 -15.48 -6.99
C CYS A 21 18.13 -14.38 -5.95
N SER A 22 19.14 -13.54 -5.73
CA SER A 22 18.99 -12.34 -4.88
C SER A 22 17.92 -11.39 -5.37
N VAL A 23 17.96 -11.07 -6.66
CA VAL A 23 16.96 -10.16 -7.22
C VAL A 23 15.56 -10.75 -7.07
N SER A 24 15.40 -12.05 -7.32
CA SER A 24 14.09 -12.67 -7.15
C SER A 24 13.60 -12.57 -5.69
N LEU A 25 14.52 -12.78 -4.74
CA LEU A 25 14.19 -12.58 -3.32
C LEU A 25 13.70 -11.15 -3.04
N LEU A 26 14.34 -10.15 -3.66
CA LEU A 26 13.91 -8.75 -3.51
C LEU A 26 12.46 -8.52 -3.96
N ASN A 27 11.96 -9.41 -4.81
CA ASN A 27 10.58 -9.35 -5.30
C ASN A 27 9.53 -9.99 -4.40
N ALA A 28 9.93 -10.47 -3.21
CA ALA A 28 9.00 -11.12 -2.29
C ALA A 28 7.77 -10.28 -1.93
N VAL A 29 6.64 -10.94 -1.74
CA VAL A 29 5.46 -10.29 -1.15
C VAL A 29 4.91 -11.19 -0.06
N HIS A 30 4.30 -10.58 0.96
CA HIS A 30 3.60 -11.32 2.03
C HIS A 30 4.49 -12.39 2.70
N PRO A 31 5.65 -11.99 3.28
CA PRO A 31 6.11 -10.63 3.48
C PRO A 31 6.95 -10.09 2.32
N ARG A 32 6.98 -8.76 2.22
CA ARG A 32 7.88 -8.06 1.32
C ARG A 32 9.29 -7.99 1.90
N ILE A 33 10.24 -7.59 1.07
CA ILE A 33 11.65 -7.61 1.48
C ILE A 33 11.98 -6.70 2.66
N LYS A 34 11.31 -5.55 2.79
CA LYS A 34 11.58 -4.69 3.97
C LYS A 34 11.29 -5.46 5.27
N GLU A 35 10.15 -6.12 5.31
CA GLU A 35 9.77 -6.90 6.51
C GLU A 35 10.67 -8.13 6.68
N ILE A 36 11.08 -8.75 5.58
CA ILE A 36 12.03 -9.86 5.66
C ILE A 36 13.31 -9.40 6.35
N LEU A 37 13.86 -8.27 5.89
CA LEU A 37 15.13 -7.77 6.43
C LEU A 37 15.02 -7.26 7.87
N LEU A 38 13.90 -6.62 8.22
CA LEU A 38 13.79 -5.99 9.55
C LEU A 38 13.15 -6.88 10.61
N ASP A 39 12.37 -7.86 10.16
CA ASP A 39 11.54 -8.67 11.07
C ASP A 39 11.81 -10.17 11.01
N VAL A 40 12.29 -10.68 9.88
CA VAL A 40 12.34 -12.15 9.73
C VAL A 40 13.75 -12.74 9.81
N ILE A 41 14.68 -12.14 9.08
CA ILE A 41 16.06 -12.59 9.08
C ILE A 41 16.99 -11.47 9.52
N SER A 42 18.19 -11.85 9.99
CA SER A 42 19.27 -10.89 10.10
C SER A 42 20.26 -11.20 8.97
N LEU A 43 20.21 -10.39 7.93
CA LEU A 43 21.08 -10.60 6.77
C LEU A 43 22.44 -10.01 7.09
N GLU A 44 23.34 -10.86 7.57
CA GLU A 44 24.58 -10.42 8.19
C GLU A 44 25.66 -10.09 7.16
N PHE A 45 25.66 -10.87 6.09
CA PHE A 45 26.62 -10.71 5.02
C PHE A 45 25.85 -10.99 3.72
N HIS A 46 25.97 -10.07 2.78
CA HIS A 46 25.40 -10.23 1.45
C HIS A 46 26.15 -9.24 0.57
N PRO A 47 26.93 -9.75 -0.39
CA PRO A 47 27.84 -8.86 -1.15
C PRO A 47 27.14 -7.80 -2.01
N THR A 48 25.89 -8.03 -2.40
CA THR A 48 25.20 -7.09 -3.28
C THR A 48 24.65 -5.86 -2.54
N VAL A 49 24.29 -6.00 -1.26
CA VAL A 49 23.54 -4.94 -0.59
C VAL A 49 24.12 -4.40 0.73
N MET A 50 25.08 -5.11 1.31
CA MET A 50 25.57 -4.73 2.64
C MET A 50 26.39 -3.43 2.61
N ALA A 51 26.39 -2.72 3.74
CA ALA A 51 27.07 -1.41 3.84
C ALA A 51 28.58 -1.54 3.76
N SER A 52 29.16 -2.46 4.53
CA SER A 52 30.62 -2.58 4.59
C SER A 52 31.20 -3.30 3.36
N GLU A 53 32.50 -3.13 3.17
CA GLU A 53 33.20 -3.69 2.02
C GLU A 53 34.54 -4.27 2.48
N GLY A 54 35.17 -5.04 1.58
CA GLY A 54 36.54 -5.54 1.77
C GLY A 54 36.82 -6.16 3.12
N GLU A 55 37.89 -5.70 3.77
CA GLU A 55 38.34 -6.24 5.06
C GLU A 55 37.23 -6.23 6.13
N MET A 56 36.47 -5.13 6.19
CA MET A 56 35.45 -4.97 7.20
C MET A 56 34.29 -5.95 6.95
N ALA A 57 33.88 -6.09 5.70
CA ALA A 57 32.80 -7.02 5.33
C ALA A 57 33.17 -8.47 5.64
N LEU A 58 34.39 -8.87 5.29
CA LEU A 58 34.83 -10.25 5.56
C LEU A 58 35.01 -10.48 7.04
N ALA A 59 35.60 -9.50 7.74
CA ALA A 59 35.80 -9.64 9.19
C ALA A 59 34.46 -9.81 9.89
N HIS A 60 33.45 -9.06 9.43
CA HIS A 60 32.11 -9.18 9.99
C HIS A 60 31.50 -10.56 9.72
N MET A 61 31.63 -11.04 8.47
CA MET A 61 31.16 -12.38 8.11
C MET A 61 31.74 -13.45 9.04
N TYR A 62 33.06 -13.43 9.22
CA TYR A 62 33.73 -14.41 10.05
C TYR A 62 33.35 -14.24 11.53
N GLU A 63 33.21 -13.00 12.00
CA GLU A 63 32.77 -12.77 13.39
C GLU A 63 31.37 -13.35 13.63
N ILE A 64 30.45 -13.15 12.69
CA ILE A 64 29.12 -13.74 12.81
C ILE A 64 29.19 -15.28 12.78
N ALA A 65 29.96 -15.83 11.84
CA ALA A 65 30.08 -17.29 11.74
C ALA A 65 30.64 -17.91 13.03
N GLU A 66 31.49 -17.15 13.73
CA GLU A 66 31.97 -17.57 15.05
C GLU A 66 30.94 -17.35 16.16
N LYS A 67 30.45 -16.12 16.32
CA LYS A 67 29.49 -15.82 17.42
C LYS A 67 28.19 -16.64 17.30
N PHE A 68 27.78 -16.90 16.06
CA PHE A 68 26.56 -17.65 15.80
C PHE A 68 26.87 -19.03 15.26
N ASN A 69 28.03 -19.58 15.65
CA ASN A 69 28.40 -20.93 15.26
C ASN A 69 27.28 -21.94 15.57
N GLY A 70 26.96 -22.78 14.59
CA GLY A 70 25.86 -23.73 14.69
C GLY A 70 24.48 -23.09 14.78
N ASN A 71 24.39 -21.79 14.45
CA ASN A 71 23.17 -21.02 14.65
C ASN A 71 23.01 -19.93 13.59
N PHE A 72 23.51 -20.19 12.39
CA PHE A 72 23.20 -19.33 11.24
C PHE A 72 22.94 -20.20 10.02
N PHE A 73 22.19 -19.65 9.08
CA PHE A 73 21.96 -20.30 7.81
C PHE A 73 22.96 -19.78 6.80
N LEU A 74 23.67 -20.70 6.17
CA LEU A 74 24.55 -20.40 5.06
C LEU A 74 23.74 -20.51 3.78
N LEU A 75 23.48 -19.37 3.15
CA LEU A 75 22.72 -19.33 1.89
C LEU A 75 23.72 -19.24 0.75
N VAL A 76 23.59 -20.13 -0.23
CA VAL A 76 24.57 -20.17 -1.33
C VAL A 76 23.87 -19.91 -2.65
N GLU A 77 24.32 -18.88 -3.37
CA GLU A 77 23.79 -18.52 -4.67
C GLU A 77 24.94 -18.71 -5.66
N GLY A 78 24.70 -19.52 -6.70
CA GLY A 78 25.73 -19.78 -7.69
C GLY A 78 26.51 -21.06 -7.46
N ALA A 79 27.18 -21.53 -8.50
CA ALA A 79 27.92 -22.79 -8.45
C ALA A 79 29.34 -22.64 -7.87
N ILE A 80 29.98 -23.77 -7.63
CA ILE A 80 31.31 -23.81 -7.03
C ILE A 80 32.29 -24.39 -8.05
N PRO A 81 33.18 -23.55 -8.63
CA PRO A 81 34.08 -24.08 -9.65
C PRO A 81 35.34 -24.68 -9.03
N THR A 82 35.62 -25.93 -9.40
CA THR A 82 36.74 -26.65 -8.78
C THR A 82 37.99 -26.80 -9.65
N ALA A 83 37.91 -26.43 -10.92
CA ALA A 83 39.09 -26.50 -11.78
C ALA A 83 40.11 -25.43 -11.38
N LYS A 84 41.37 -25.64 -11.78
CA LYS A 84 42.44 -24.67 -11.56
C LYS A 84 42.48 -24.22 -10.09
N GLU A 85 42.36 -25.20 -9.19
CA GLU A 85 42.50 -24.98 -7.75
C GLU A 85 41.52 -23.93 -7.21
N GLY A 86 40.35 -23.85 -7.83
CA GLY A 86 39.27 -22.96 -7.38
C GLY A 86 39.36 -21.53 -7.89
N ARG A 87 40.37 -21.25 -8.72
CA ARG A 87 40.69 -19.87 -9.12
C ARG A 87 39.73 -19.21 -10.12
N TYR A 88 38.71 -19.95 -10.56
CA TYR A 88 37.65 -19.32 -11.36
C TYR A 88 36.60 -18.58 -10.52
N CYS A 89 36.74 -18.63 -9.19
CA CYS A 89 35.89 -17.79 -8.37
C CYS A 89 36.60 -17.35 -7.09
N ILE A 90 37.09 -16.13 -7.13
CA ILE A 90 37.71 -15.50 -5.96
C ILE A 90 36.67 -14.60 -5.28
N VAL A 91 36.39 -14.89 -4.02
CA VAL A 91 35.29 -14.20 -3.30
C VAL A 91 35.79 -13.07 -2.40
N GLY A 92 37.09 -13.00 -2.18
CA GLY A 92 37.63 -11.95 -1.33
C GLY A 92 39.10 -12.13 -1.06
N GLU A 93 39.65 -11.23 -0.25
CA GLU A 93 41.07 -11.30 0.07
C GLU A 93 41.23 -11.06 1.58
N THR A 94 42.02 -11.91 2.24
CA THR A 94 42.28 -11.81 3.69
C THR A 94 43.70 -11.45 4.03
N LEU A 95 43.86 -10.85 5.20
CA LEU A 95 45.12 -10.30 5.62
C LEU A 95 45.53 -10.87 6.97
N ASP A 96 46.76 -11.34 7.06
CA ASP A 96 47.26 -12.04 8.24
C ASP A 96 47.72 -11.12 9.37
N ALA A 97 48.22 -11.72 10.44
CA ALA A 97 48.71 -10.97 11.59
C ALA A 97 49.98 -10.20 11.25
N LYS A 98 50.34 -10.20 9.98
CA LYS A 98 51.62 -9.64 9.53
C LYS A 98 51.53 -8.51 8.50
N GLY A 99 50.51 -8.54 7.65
CA GLY A 99 50.34 -7.54 6.61
C GLY A 99 50.18 -8.07 5.18
N HIS A 100 50.35 -9.38 5.01
CA HIS A 100 50.27 -10.05 3.69
C HIS A 100 48.83 -10.40 3.23
N HIS A 101 48.65 -10.57 1.91
CA HIS A 101 47.35 -10.82 1.23
C HIS A 101 47.14 -12.20 0.77
N HIS A 102 45.96 -12.75 1.02
CA HIS A 102 45.63 -14.10 0.58
C HIS A 102 44.22 -14.14 -0.04
N GLU A 103 44.14 -14.58 -1.29
CA GLU A 103 42.85 -14.63 -1.95
C GLU A 103 42.06 -15.82 -1.40
N VAL A 104 40.75 -15.70 -1.40
CA VAL A 104 39.88 -16.77 -0.91
C VAL A 104 39.05 -17.26 -2.08
N THR A 105 39.12 -18.55 -2.35
CA THR A 105 38.29 -19.13 -3.43
C THR A 105 36.92 -19.53 -2.91
N MET A 106 35.96 -19.70 -3.82
CA MET A 106 34.63 -20.21 -3.45
C MET A 106 34.75 -21.58 -2.73
N MET A 107 35.61 -22.46 -3.22
CA MET A 107 35.84 -23.75 -2.55
C MET A 107 36.25 -23.54 -1.10
N GLU A 108 37.21 -22.65 -0.87
CA GLU A 108 37.75 -22.41 0.47
C GLU A 108 36.67 -21.83 1.37
N LEU A 109 35.90 -20.91 0.82
CA LEU A 109 34.86 -20.24 1.59
C LEU A 109 33.79 -21.22 2.07
N ILE A 110 33.31 -22.07 1.16
CA ILE A 110 32.26 -23.02 1.53
C ILE A 110 32.80 -24.09 2.50
N ARG A 111 34.01 -24.57 2.26
CA ARG A 111 34.64 -25.56 3.16
C ARG A 111 34.76 -25.01 4.59
N ASP A 112 35.00 -23.70 4.68
CA ASP A 112 35.14 -22.97 5.94
C ASP A 112 33.78 -22.77 6.62
N LEU A 113 32.84 -22.18 5.90
CA LEU A 113 31.59 -21.77 6.52
C LEU A 113 30.57 -22.86 6.73
N ALA A 114 30.51 -23.84 5.82
CA ALA A 114 29.48 -24.88 5.94
C ALA A 114 29.51 -25.63 7.30
N PRO A 115 30.69 -26.07 7.77
CA PRO A 115 30.72 -26.75 9.07
C PRO A 115 30.34 -25.85 10.25
N LYS A 116 30.45 -24.52 10.05
CA LYS A 116 30.06 -23.57 11.08
C LYS A 116 28.56 -23.29 11.11
N SER A 117 27.88 -23.63 10.02
CA SER A 117 26.48 -23.29 9.87
C SER A 117 25.57 -24.21 10.68
N LEU A 118 24.37 -23.73 10.95
CA LEU A 118 23.28 -24.58 11.42
C LEU A 118 22.74 -25.45 10.28
N ALA A 119 22.58 -24.84 9.10
CA ALA A 119 22.19 -25.56 7.90
C ALA A 119 22.69 -24.76 6.72
N THR A 120 22.86 -25.44 5.59
CA THR A 120 23.17 -24.77 4.35
C THR A 120 21.94 -24.86 3.45
N VAL A 121 21.59 -23.75 2.81
CA VAL A 121 20.46 -23.73 1.89
C VAL A 121 21.00 -23.28 0.55
N ALA A 122 20.95 -24.17 -0.44
CA ALA A 122 21.41 -23.85 -1.78
C ALA A 122 20.22 -23.26 -2.54
N VAL A 123 20.24 -21.94 -2.73
CA VAL A 123 19.16 -21.27 -3.48
C VAL A 123 19.56 -21.14 -4.95
N GLY A 124 18.64 -21.55 -5.82
CA GLY A 124 18.84 -21.53 -7.26
C GLY A 124 19.39 -22.83 -7.79
N THR A 125 19.12 -23.07 -9.07
CA THR A 125 19.59 -24.29 -9.72
C THR A 125 21.12 -24.36 -9.82
N CYS A 126 21.81 -23.22 -9.90
CA CYS A 126 23.30 -23.25 -9.94
C CYS A 126 23.87 -23.92 -8.69
N SER A 127 23.53 -23.38 -7.53
CA SER A 127 24.05 -23.94 -6.29
C SER A 127 23.46 -25.32 -5.97
N ALA A 128 22.18 -25.53 -6.28
CA ALA A 128 21.56 -26.80 -5.94
C ALA A 128 22.11 -27.95 -6.81
N TYR A 129 22.22 -27.69 -8.12
CA TYR A 129 22.40 -28.77 -9.10
C TYR A 129 23.51 -28.53 -10.13
N GLY A 130 24.13 -27.36 -10.11
CA GLY A 130 25.16 -27.01 -11.10
C GLY A 130 24.63 -26.01 -12.11
N GLY A 131 23.46 -26.27 -12.68
CA GLY A 131 22.79 -25.32 -13.58
C GLY A 131 23.61 -24.91 -14.79
N ILE A 132 23.39 -23.67 -15.25
CA ILE A 132 24.05 -23.20 -16.46
C ILE A 132 25.60 -23.19 -16.36
N PRO A 133 26.17 -22.73 -15.23
CA PRO A 133 27.66 -22.75 -15.16
C PRO A 133 28.27 -24.15 -15.28
N ALA A 134 27.50 -25.16 -14.89
CA ALA A 134 27.96 -26.55 -14.97
C ALA A 134 27.52 -27.28 -16.25
N ALA A 135 26.89 -26.55 -17.16
CA ALA A 135 26.37 -27.16 -18.39
C ALA A 135 27.48 -27.52 -19.39
N GLU A 136 27.13 -28.34 -20.38
CA GLU A 136 28.08 -28.79 -21.38
C GLU A 136 28.85 -27.62 -22.02
N GLY A 137 30.17 -27.79 -22.08
CA GLY A 137 31.05 -26.77 -22.66
C GLY A 137 31.83 -26.00 -21.62
N ASN A 138 31.37 -26.00 -20.36
CA ASN A 138 32.09 -25.26 -19.33
C ASN A 138 33.42 -25.93 -19.04
N VAL A 139 34.45 -25.13 -18.70
CA VAL A 139 35.77 -25.68 -18.36
C VAL A 139 36.20 -25.32 -16.93
N THR A 140 35.24 -24.90 -16.11
CA THR A 140 35.58 -24.44 -14.75
C THR A 140 35.43 -25.50 -13.67
N GLY A 141 35.04 -26.71 -14.06
CA GLY A 141 34.79 -27.78 -13.08
C GLY A 141 33.68 -27.36 -12.11
N SER A 142 32.69 -26.67 -12.67
CA SER A 142 31.59 -26.10 -11.89
C SER A 142 30.77 -27.22 -11.24
N LYS A 143 30.49 -27.06 -9.95
CA LYS A 143 29.88 -28.10 -9.13
C LYS A 143 28.78 -27.53 -8.24
N SER A 144 27.77 -28.35 -7.96
CA SER A 144 26.73 -27.99 -7.01
C SER A 144 27.24 -28.10 -5.56
N VAL A 145 26.49 -27.50 -4.64
CA VAL A 145 26.77 -27.66 -3.22
C VAL A 145 26.70 -29.14 -2.82
N ARG A 146 25.65 -29.87 -3.21
CA ARG A 146 25.59 -31.29 -2.82
C ARG A 146 26.81 -32.10 -3.30
N ASP A 147 27.26 -31.87 -4.53
CA ASP A 147 28.42 -32.58 -5.02
C ASP A 147 29.70 -32.15 -4.30
N PHE A 148 29.83 -30.85 -4.05
CA PHE A 148 31.00 -30.36 -3.31
C PHE A 148 31.04 -30.93 -1.88
N PHE A 149 29.90 -30.95 -1.22
CA PHE A 149 29.78 -31.57 0.12
C PHE A 149 30.17 -33.05 0.08
N ALA A 150 29.72 -33.77 -0.95
CA ALA A 150 30.08 -35.18 -1.09
C ALA A 150 31.58 -35.36 -1.31
N ASP A 151 32.16 -34.56 -2.20
CA ASP A 151 33.61 -34.62 -2.45
C ASP A 151 34.42 -34.27 -1.19
N GLU A 152 33.93 -33.29 -0.44
CA GLU A 152 34.62 -32.81 0.76
C GLU A 152 34.34 -33.64 2.00
N LYS A 153 33.40 -34.59 1.88
CA LYS A 153 32.93 -35.35 3.04
C LYS A 153 32.44 -34.42 4.17
N ILE A 154 31.64 -33.44 3.77
CA ILE A 154 30.98 -32.52 4.69
C ILE A 154 29.55 -33.01 4.92
N GLU A 155 29.21 -33.27 6.19
CA GLU A 155 27.90 -33.68 6.61
CA GLU A 155 27.87 -33.87 6.52
C GLU A 155 27.37 -32.47 7.33
C GLU A 155 26.66 -32.95 6.89
N LYS A 156 26.50 -31.76 6.64
N LYS A 156 26.83 -31.65 6.83
CA LYS A 156 25.84 -30.62 7.21
C LYS A 156 24.48 -30.68 6.57
N LEU A 157 23.43 -30.47 7.36
CA LEU A 157 22.07 -30.40 6.85
C LEU A 157 22.03 -29.44 5.65
N LEU A 158 21.51 -29.93 4.54
CA LEU A 158 21.49 -29.19 3.27
C LEU A 158 20.09 -29.26 2.70
N VAL A 159 19.53 -28.10 2.36
CA VAL A 159 18.24 -28.04 1.68
C VAL A 159 18.43 -27.26 0.39
N ASN A 160 17.90 -27.82 -0.70
CA ASN A 160 17.99 -27.19 -2.02
C ASN A 160 16.69 -26.49 -2.36
N VAL A 161 16.80 -25.25 -2.85
CA VAL A 161 15.63 -24.49 -3.29
C VAL A 161 15.89 -24.05 -4.72
N PRO A 162 15.66 -24.96 -5.69
CA PRO A 162 16.08 -24.64 -7.07
C PRO A 162 15.12 -23.74 -7.83
N GLY A 163 15.40 -23.56 -9.13
CA GLY A 163 14.75 -22.55 -9.95
C GLY A 163 15.81 -21.61 -10.48
N CYS A 164 15.57 -21.06 -11.67
CA CYS A 164 16.53 -20.16 -12.29
C CYS A 164 15.80 -18.92 -12.81
N PRO A 165 15.46 -17.99 -11.90
CA PRO A 165 15.66 -18.08 -10.45
C PRO A 165 14.50 -18.82 -9.72
N PRO A 166 14.69 -19.16 -8.44
CA PRO A 166 13.55 -19.65 -7.66
C PRO A 166 12.58 -18.50 -7.43
N HIS A 167 11.31 -18.84 -7.27
CA HIS A 167 10.30 -17.89 -6.83
C HIS A 167 10.62 -17.42 -5.40
N PRO A 168 10.43 -16.12 -5.09
CA PRO A 168 10.70 -15.71 -3.70
C PRO A 168 9.88 -16.52 -2.68
N ASP A 169 8.65 -16.92 -3.03
CA ASP A 169 7.85 -17.73 -2.08
C ASP A 169 8.57 -19.04 -1.70
N TRP A 170 9.30 -19.63 -2.64
CA TRP A 170 10.01 -20.88 -2.35
C TRP A 170 11.17 -20.65 -1.39
N MET A 171 11.94 -19.58 -1.62
CA MET A 171 13.08 -19.26 -0.76
C MET A 171 12.63 -18.85 0.64
N VAL A 172 11.70 -17.89 0.71
CA VAL A 172 11.19 -17.42 2.00
C VAL A 172 10.51 -18.56 2.76
N GLY A 173 9.63 -19.29 2.08
CA GLY A 173 8.89 -20.38 2.71
C GLY A 173 9.82 -21.45 3.29
N THR A 174 10.88 -21.78 2.56
CA THR A 174 11.79 -22.85 3.01
C THR A 174 12.59 -22.35 4.20
N LEU A 175 13.10 -21.13 4.10
CA LEU A 175 13.88 -20.57 5.20
C LEU A 175 13.06 -20.43 6.49
N VAL A 176 11.83 -19.96 6.36
CA VAL A 176 10.94 -19.83 7.52
C VAL A 176 10.61 -21.21 8.12
N ALA A 177 10.39 -22.20 7.25
CA ALA A 177 10.11 -23.55 7.75
C ALA A 177 11.33 -24.11 8.49
N ALA A 178 12.52 -23.88 7.94
CA ALA A 178 13.74 -24.35 8.61
C ALA A 178 13.94 -23.69 9.98
N TRP A 179 13.76 -22.37 10.04
CA TRP A 179 13.92 -21.63 11.29
C TRP A 179 12.88 -22.05 12.32
N SER A 180 11.63 -22.22 11.89
CA SER A 180 10.59 -22.71 12.78
C SER A 180 10.95 -24.06 13.39
N HIS A 181 11.52 -24.93 12.56
CA HIS A 181 11.96 -26.25 13.02
C HIS A 181 13.03 -26.14 14.12
N VAL A 182 14.03 -25.31 13.88
CA VAL A 182 15.10 -25.08 14.86
C VAL A 182 14.52 -24.56 16.18
N LEU A 183 13.53 -23.69 16.10
CA LEU A 183 12.96 -23.09 17.31
C LEU A 183 12.07 -24.08 18.08
N ASN A 184 11.39 -24.95 17.35
CA ASN A 184 10.54 -25.96 17.98
C ASN A 184 10.37 -27.15 17.06
N PRO A 185 11.30 -28.11 17.13
CA PRO A 185 11.41 -29.16 16.12
C PRO A 185 10.25 -30.15 16.06
N THR A 186 9.59 -30.39 17.18
CA THR A 186 8.49 -31.34 17.22
C THR A 186 7.16 -30.71 16.80
N GLU A 187 7.01 -29.41 17.00
CA GLU A 187 5.83 -28.69 16.49
C GLU A 187 5.94 -28.40 15.00
N HIS A 188 7.18 -28.21 14.54
CA HIS A 188 7.46 -27.87 13.14
C HIS A 188 8.52 -28.80 12.58
N PRO A 189 8.12 -30.01 12.13
CA PRO A 189 9.12 -30.89 11.51
C PRO A 189 9.70 -30.24 10.26
N LEU A 190 10.91 -30.62 9.87
CA LEU A 190 11.49 -30.14 8.61
C LEU A 190 10.59 -30.56 7.45
N PRO A 191 10.42 -29.68 6.45
CA PRO A 191 9.71 -30.05 5.22
C PRO A 191 10.29 -31.34 4.62
N GLU A 192 9.42 -32.23 4.18
CA GLU A 192 9.85 -33.45 3.50
C GLU A 192 10.52 -33.06 2.18
N LEU A 193 11.67 -33.64 1.91
CA LEU A 193 12.41 -33.36 0.67
C LEU A 193 12.28 -34.52 -0.31
N ASP A 194 12.36 -34.24 -1.60
CA ASP A 194 12.40 -35.33 -2.57
C ASP A 194 13.82 -35.89 -2.67
N ASP A 195 14.05 -36.78 -3.63
CA ASP A 195 15.36 -37.42 -3.78
C ASP A 195 16.48 -36.45 -4.14
N ASP A 196 16.10 -35.27 -4.61
CA ASP A 196 17.08 -34.25 -4.98
C ASP A 196 17.13 -33.12 -3.95
N GLY A 197 16.69 -33.42 -2.73
CA GLY A 197 16.84 -32.51 -1.60
C GLY A 197 16.02 -31.23 -1.63
N ARG A 198 14.97 -31.17 -2.47
CA ARG A 198 14.14 -29.96 -2.56
C ARG A 198 12.76 -30.22 -1.92
N PRO A 199 12.16 -29.19 -1.30
CA PRO A 199 10.94 -29.46 -0.53
C PRO A 199 9.74 -29.80 -1.40
N LEU A 200 9.05 -30.89 -1.07
CA LEU A 200 7.79 -31.24 -1.73
C LEU A 200 6.71 -30.15 -1.62
N LEU A 201 6.81 -29.33 -0.57
CA LEU A 201 5.95 -28.14 -0.42
C LEU A 201 5.83 -27.33 -1.72
N PHE A 202 6.95 -27.19 -2.43
CA PHE A 202 7.00 -26.34 -3.62
C PHE A 202 7.27 -27.12 -4.91
N PHE A 203 7.91 -28.29 -4.77
CA PHE A 203 8.41 -29.02 -5.93
C PHE A 203 7.79 -30.43 -6.05
N GLY A 204 6.67 -30.64 -5.36
CA GLY A 204 5.95 -31.93 -5.44
C GLY A 204 5.00 -32.03 -6.63
N ASP A 205 4.39 -30.91 -7.02
CA ASP A 205 3.45 -30.90 -8.15
C ASP A 205 4.17 -30.97 -9.49
N ASN A 206 3.63 -31.77 -10.42
CA ASN A 206 4.08 -31.74 -11.81
C ASN A 206 3.37 -30.58 -12.51
N ILE A 207 4.12 -29.74 -13.20
CA ILE A 207 3.56 -28.58 -13.90
C ILE A 207 2.44 -29.00 -14.85
N HIS A 208 2.72 -29.95 -15.73
CA HIS A 208 1.78 -30.42 -16.76
C HIS A 208 0.47 -30.93 -16.14
N GLU A 209 0.57 -31.79 -15.13
CA GLU A 209 -0.62 -32.35 -14.49
C GLU A 209 -1.51 -31.26 -13.92
N ASN A 210 -0.89 -30.13 -13.57
CA ASN A 210 -1.61 -29.01 -12.93
C ASN A 210 -1.84 -27.82 -13.86
N CYS A 211 -1.60 -28.02 -15.15
CA CYS A 211 -1.59 -26.91 -16.10
C CYS A 211 -2.99 -26.58 -16.61
N PRO A 212 -3.33 -25.28 -16.69
CA PRO A 212 -4.64 -24.89 -17.23
C PRO A 212 -4.83 -25.22 -18.72
N TYR A 213 -3.75 -25.56 -19.42
CA TYR A 213 -3.84 -25.94 -20.83
C TYR A 213 -4.05 -27.44 -21.03
N LEU A 214 -4.17 -28.19 -19.93
CA LEU A 214 -4.22 -29.65 -20.03
C LEU A 214 -5.42 -30.13 -20.87
N ASP A 215 -6.56 -29.43 -20.76
CA ASP A 215 -7.73 -29.78 -21.58
C ASP A 215 -7.41 -29.66 -23.08
N LYS A 216 -6.66 -28.64 -23.45
CA LYS A 216 -6.25 -28.42 -24.83
C LYS A 216 -5.28 -29.50 -25.29
N TYR A 217 -4.29 -29.80 -24.45
CA TYR A 217 -3.37 -30.90 -24.70
C TYR A 217 -4.14 -32.21 -24.98
N ASP A 218 -5.13 -32.51 -24.13
CA ASP A 218 -5.92 -33.73 -24.23
C ASP A 218 -6.72 -33.81 -25.54
N ASN A 219 -7.09 -32.65 -26.07
CA ASN A 219 -7.85 -32.58 -27.31
C ASN A 219 -6.96 -32.29 -28.53
N SER A 220 -5.64 -32.46 -28.35
CA SER A 220 -4.66 -32.22 -29.40
C SER A 220 -4.75 -30.83 -30.04
N GLU A 221 -5.05 -29.83 -29.20
CA GLU A 221 -5.10 -28.44 -29.65
C GLU A 221 -3.78 -27.78 -29.25
N PHE A 222 -2.85 -27.75 -30.19
CA PHE A 222 -1.51 -27.23 -29.95
C PHE A 222 -1.27 -25.91 -30.68
N ALA A 223 -0.74 -24.93 -29.94
CA ALA A 223 -0.39 -23.64 -30.52
C ALA A 223 0.62 -23.83 -31.64
N GLU A 224 0.25 -23.33 -32.83
CA GLU A 224 1.11 -23.43 -33.99
C GLU A 224 2.33 -22.52 -33.89
N THR A 225 2.12 -21.37 -33.24
CA THR A 225 3.20 -20.43 -32.92
C THR A 225 2.90 -19.89 -31.52
N PHE A 226 3.85 -19.13 -30.97
CA PHE A 226 3.68 -18.53 -29.63
C PHE A 226 2.38 -17.74 -29.48
N THR A 227 1.96 -17.07 -30.56
CA THR A 227 0.82 -16.17 -30.46
C THR A 227 -0.49 -16.77 -31.01
N LYS A 228 -0.55 -18.10 -31.10
CA LYS A 228 -1.78 -18.80 -31.47
C LYS A 228 -2.31 -19.56 -30.25
N PRO A 229 -3.63 -19.87 -30.24
CA PRO A 229 -4.19 -20.59 -29.10
C PRO A 229 -3.80 -22.07 -29.06
N GLY A 230 -3.84 -22.66 -27.87
CA GLY A 230 -3.55 -24.07 -27.69
C GLY A 230 -2.46 -24.35 -26.67
N CYS A 231 -2.32 -25.62 -26.31
CA CYS A 231 -1.23 -26.09 -25.48
C CYS A 231 0.13 -25.72 -26.13
N LYS A 232 1.14 -25.51 -25.30
CA LYS A 232 2.47 -25.06 -25.75
C LYS A 232 3.46 -26.21 -26.06
N ALA A 233 2.99 -27.47 -26.00
CA ALA A 233 3.88 -28.62 -26.13
C ALA A 233 4.74 -28.59 -27.40
N GLU A 234 4.14 -28.23 -28.54
CA GLU A 234 4.88 -28.25 -29.80
C GLU A 234 5.90 -27.10 -29.90
N LEU A 235 5.75 -26.10 -29.03
CA LEU A 235 6.68 -24.96 -29.00
C LEU A 235 7.89 -25.24 -28.11
N GLY A 236 7.88 -26.37 -27.41
CA GLY A 236 9.01 -26.80 -26.59
C GLY A 236 8.73 -26.95 -25.11
N CYS A 237 7.48 -26.76 -24.69
CA CYS A 237 7.15 -26.77 -23.26
C CYS A 237 7.66 -28.01 -22.52
N LYS A 238 8.41 -27.79 -21.44
CA LYS A 238 8.94 -28.89 -20.61
C LYS A 238 8.11 -29.13 -19.35
N GLY A 239 6.90 -28.57 -19.30
CA GLY A 239 5.96 -28.83 -18.20
C GLY A 239 5.79 -30.31 -17.86
N PRO A 240 5.73 -31.19 -18.89
CA PRO A 240 5.57 -32.62 -18.63
C PRO A 240 6.65 -33.24 -17.73
N SER A 241 7.87 -32.71 -17.77
CA SER A 241 9.00 -33.29 -17.04
C SER A 241 9.48 -32.42 -15.87
N THR A 242 8.66 -31.46 -15.46
CA THR A 242 9.10 -30.45 -14.50
C THR A 242 8.17 -30.41 -13.29
N TYR A 243 8.78 -30.32 -12.10
CA TYR A 243 8.05 -30.35 -10.85
C TYR A 243 8.25 -29.06 -10.04
N ALA A 244 7.22 -28.23 -10.05
CA ALA A 244 7.17 -26.98 -9.30
C ALA A 244 5.71 -26.54 -9.28
N ASP A 245 5.37 -25.60 -8.39
CA ASP A 245 3.98 -25.17 -8.24
C ASP A 245 3.64 -23.89 -9.00
N CYS A 246 4.44 -23.57 -10.02
CA CYS A 246 4.23 -22.38 -10.84
C CYS A 246 2.82 -22.23 -11.40
N ALA A 247 2.18 -23.34 -11.79
CA ALA A 247 0.81 -23.24 -12.35
C ALA A 247 -0.16 -22.66 -11.33
N LYS A 248 0.06 -22.94 -10.05
CA LYS A 248 -0.79 -22.40 -8.97
C LYS A 248 -0.35 -20.99 -8.56
N ARG A 249 0.95 -20.84 -8.32
CA ARG A 249 1.50 -19.67 -7.67
C ARG A 249 1.69 -18.51 -8.65
N ARG A 250 2.00 -18.86 -9.90
CA ARG A 250 2.42 -17.89 -10.92
C ARG A 250 3.62 -17.05 -10.48
N TRP A 251 3.92 -15.98 -11.20
CA TRP A 251 5.15 -15.22 -11.02
C TRP A 251 4.90 -13.73 -10.84
N ASN A 252 5.83 -13.08 -10.14
CA ASN A 252 5.80 -11.63 -9.93
C ASN A 252 4.45 -11.15 -9.40
N ASN A 253 4.10 -11.70 -8.24
CA ASN A 253 2.87 -11.35 -7.54
C ASN A 253 1.64 -11.65 -8.41
N GLY A 254 1.68 -12.81 -9.06
CA GLY A 254 0.54 -13.34 -9.81
C GLY A 254 0.32 -12.71 -11.17
N ILE A 255 1.27 -11.92 -11.66
CA ILE A 255 1.10 -11.18 -12.93
C ILE A 255 1.10 -12.08 -14.19
N ASN A 256 1.95 -13.09 -14.21
CA ASN A 256 2.09 -13.93 -15.41
C ASN A 256 2.85 -15.17 -15.01
N TRP A 257 3.04 -16.09 -15.95
CA TRP A 257 3.99 -17.20 -15.74
C TRP A 257 4.48 -17.74 -17.07
N CYS A 258 5.51 -18.57 -17.02
CA CYS A 258 6.22 -18.97 -18.24
C CYS A 258 5.33 -19.66 -19.27
N VAL A 259 4.45 -20.54 -18.81
CA VAL A 259 3.60 -21.31 -19.70
C VAL A 259 2.55 -20.45 -20.37
N GLU A 260 1.86 -19.57 -19.64
CA GLU A 260 0.92 -18.64 -20.28
C GLU A 260 1.64 -17.81 -21.34
N ASN A 261 2.76 -17.22 -20.94
CA ASN A 261 3.50 -16.28 -21.77
C ASN A 261 4.18 -16.97 -22.97
N ALA A 262 4.70 -18.17 -22.75
CA ALA A 262 5.61 -18.79 -23.71
C ALA A 262 5.67 -20.31 -23.47
N VAL A 263 6.78 -20.79 -22.90
CA VAL A 263 6.94 -22.21 -22.55
C VAL A 263 7.63 -22.33 -21.20
N CYS A 264 7.42 -23.47 -20.53
CA CYS A 264 8.26 -23.86 -19.38
C CYS A 264 9.57 -24.41 -19.94
N ILE A 265 10.69 -23.99 -19.37
CA ILE A 265 12.00 -24.50 -19.77
C ILE A 265 12.62 -25.45 -18.72
N GLY A 266 11.82 -25.83 -17.74
CA GLY A 266 12.22 -26.82 -16.73
C GLY A 266 13.30 -26.34 -15.78
N CYS A 267 13.25 -25.04 -15.43
CA CYS A 267 14.36 -24.38 -14.76
C CYS A 267 14.68 -24.88 -13.35
N VAL A 268 13.72 -25.57 -12.71
CA VAL A 268 13.92 -26.09 -11.34
C VAL A 268 14.58 -27.47 -11.29
N GLU A 269 14.74 -28.12 -12.45
CA GLU A 269 15.13 -29.54 -12.48
C GLU A 269 16.65 -29.74 -12.43
N PRO A 270 17.11 -30.83 -11.80
CA PRO A 270 18.57 -31.07 -11.71
C PRO A 270 19.30 -31.20 -13.05
N ASP A 271 18.58 -31.54 -14.12
CA ASP A 271 19.21 -31.60 -15.46
C ASP A 271 19.03 -30.31 -16.28
N PHE A 272 18.56 -29.22 -15.66
CA PHE A 272 18.56 -27.91 -16.34
C PHE A 272 19.98 -27.31 -16.42
N PRO A 273 20.42 -26.85 -17.62
CA PRO A 273 19.65 -26.74 -18.86
C PRO A 273 19.74 -27.90 -19.86
N ASP A 274 20.78 -28.73 -19.76
CA ASP A 274 21.08 -29.64 -20.88
C ASP A 274 19.97 -30.66 -21.16
N GLY A 275 19.37 -31.19 -20.09
CA GLY A 275 18.30 -32.17 -20.22
C GLY A 275 16.98 -31.55 -20.65
N LYS A 276 16.93 -30.21 -20.68
CA LYS A 276 15.70 -29.50 -21.07
C LYS A 276 15.85 -28.78 -22.42
N SER A 277 16.98 -29.02 -23.08
CA SER A 277 17.35 -28.35 -24.33
C SER A 277 17.28 -29.32 -25.50
N PRO A 278 17.02 -28.82 -26.73
CA PRO A 278 16.74 -27.40 -27.00
C PRO A 278 15.43 -26.95 -26.37
N PHE A 279 15.40 -25.69 -25.99
CA PHE A 279 14.23 -25.15 -25.30
C PHE A 279 13.00 -25.08 -26.18
N TYR A 280 13.20 -24.86 -27.49
CA TYR A 280 12.07 -24.66 -28.38
C TYR A 280 11.80 -25.84 -29.29
N VAL A 281 12.25 -27.01 -28.84
CA VAL A 281 11.90 -28.30 -29.45
C VAL A 281 11.12 -29.10 -28.41
N ALA A 282 10.01 -29.69 -28.84
CA ALA A 282 9.14 -30.49 -27.98
C ALA A 282 9.89 -31.62 -27.30
N GLU A 283 9.42 -31.99 -26.09
CA GLU A 283 9.89 -33.14 -25.34
CA GLU A 283 9.98 -33.11 -25.34
C GLU A 283 9.30 -34.41 -25.96
C GLU A 283 10.20 -34.35 -26.20
N GLY B 11 56.27 7.73 0.30
CA GLY B 11 55.11 7.73 1.24
C GLY B 11 53.81 7.21 0.64
N LYS B 12 53.91 6.27 -0.29
CA LYS B 12 52.73 5.62 -0.89
C LYS B 12 52.15 4.55 0.03
N VAL B 13 50.82 4.48 0.05
CA VAL B 13 50.11 3.45 0.81
C VAL B 13 49.20 2.70 -0.17
N LYS B 14 49.18 1.37 -0.06
CA LYS B 14 48.31 0.53 -0.87
C LYS B 14 47.03 0.23 -0.10
N ILE B 15 45.89 0.30 -0.79
CA ILE B 15 44.60 -0.11 -0.22
C ILE B 15 44.02 -1.15 -1.17
N SER B 16 43.64 -2.29 -0.61
CA SER B 16 43.05 -3.36 -1.41
C SER B 16 41.65 -3.64 -0.87
N ILE B 17 40.65 -3.61 -1.75
CA ILE B 17 39.26 -3.82 -1.36
C ILE B 17 38.68 -5.01 -2.15
N ASP B 18 38.50 -6.14 -1.48
CA ASP B 18 38.00 -7.36 -2.13
C ASP B 18 37.28 -8.17 -1.05
N PRO B 19 35.94 -8.27 -1.11
CA PRO B 19 35.03 -7.80 -2.16
C PRO B 19 34.72 -6.31 -2.10
N LEU B 20 34.71 -5.67 -3.26
CA LEU B 20 34.12 -4.34 -3.37
C LEU B 20 32.62 -4.63 -3.49
N THR B 21 31.91 -4.38 -2.39
CA THR B 21 30.51 -4.77 -2.27
C THR B 21 29.58 -3.73 -2.88
N ARG B 22 28.29 -4.04 -2.95
CA ARG B 22 27.28 -3.14 -3.52
C ARG B 22 27.65 -2.75 -4.96
N VAL B 23 28.15 -3.74 -5.67
CA VAL B 23 28.12 -3.79 -7.12
C VAL B 23 27.57 -5.20 -7.38
N GLU B 24 27.24 -5.53 -8.63
CA GLU B 24 26.92 -6.93 -8.92
C GLU B 24 28.21 -7.70 -9.16
N GLY B 25 28.31 -8.87 -8.54
CA GLY B 25 29.36 -9.80 -8.85
C GLY B 25 30.66 -9.52 -8.11
N HIS B 26 31.73 -10.16 -8.59
CA HIS B 26 33.00 -10.27 -7.88
C HIS B 26 34.02 -9.28 -8.40
N LEU B 27 34.25 -8.24 -7.61
CA LEU B 27 35.15 -7.14 -7.97
C LEU B 27 36.20 -6.91 -6.87
N LYS B 28 37.45 -6.75 -7.29
CA LYS B 28 38.52 -6.26 -6.44
C LYS B 28 39.02 -4.92 -6.96
N ILE B 29 39.22 -3.97 -6.05
CA ILE B 29 39.82 -2.68 -6.38
C ILE B 29 41.08 -2.51 -5.53
N GLU B 30 42.17 -2.14 -6.19
CA GLU B 30 43.42 -1.81 -5.52
C GLU B 30 43.80 -0.40 -5.90
N VAL B 31 44.15 0.43 -4.91
CA VAL B 31 44.65 1.78 -5.18
C VAL B 31 45.94 2.04 -4.42
N GLU B 32 46.79 2.87 -5.01
CA GLU B 32 47.93 3.46 -4.32
C GLU B 32 47.57 4.91 -4.00
N VAL B 33 47.81 5.34 -2.77
CA VAL B 33 47.49 6.70 -2.32
C VAL B 33 48.77 7.43 -1.90
N LYS B 34 48.93 8.67 -2.35
CA LYS B 34 50.05 9.51 -1.95
C LYS B 34 49.56 10.95 -1.86
N ASP B 35 49.98 11.64 -0.81
CA ASP B 35 49.59 13.04 -0.58
C ASP B 35 48.07 13.20 -0.66
N GLY B 36 47.34 12.23 -0.10
CA GLY B 36 45.90 12.33 0.05
C GLY B 36 45.06 12.09 -1.20
N LYS B 37 45.68 11.57 -2.26
CA LYS B 37 44.97 11.25 -3.51
C LYS B 37 45.39 9.91 -4.08
N VAL B 38 44.47 9.24 -4.76
CA VAL B 38 44.83 8.05 -5.53
C VAL B 38 45.79 8.41 -6.67
N VAL B 39 46.92 7.71 -6.72
CA VAL B 39 47.92 7.91 -7.79
C VAL B 39 48.04 6.73 -8.74
N ASP B 40 47.51 5.58 -8.35
CA ASP B 40 47.41 4.43 -9.27
C ASP B 40 46.28 3.52 -8.83
N ALA B 41 45.84 2.65 -9.74
CA ALA B 41 44.68 1.80 -9.49
C ALA B 41 44.71 0.55 -10.37
N LYS B 42 44.08 -0.52 -9.87
CA LYS B 42 43.85 -1.76 -10.63
C LYS B 42 42.46 -2.28 -10.30
N CYS B 43 41.74 -2.68 -11.35
CA CYS B 43 40.39 -3.22 -11.27
C CYS B 43 40.46 -4.66 -11.73
N SER B 44 39.93 -5.59 -10.91
CA SER B 44 40.02 -7.03 -11.18
C SER B 44 38.65 -7.69 -11.02
N GLY B 45 38.24 -8.45 -12.03
CA GLY B 45 37.06 -9.31 -11.93
C GLY B 45 37.54 -10.73 -11.63
N GLY B 46 37.11 -11.28 -10.51
CA GLY B 46 37.65 -12.56 -10.04
C GLY B 46 36.79 -13.80 -10.24
N MET B 47 35.71 -13.70 -11.02
CA MET B 47 34.87 -14.89 -11.26
C MET B 47 34.58 -15.06 -12.75
N PHE B 48 34.72 -16.31 -13.21
CA PHE B 48 34.50 -16.65 -14.63
C PHE B 48 33.58 -17.84 -14.76
N ARG B 49 32.65 -17.76 -15.73
CA ARG B 49 31.79 -18.90 -16.08
C ARG B 49 32.01 -19.41 -17.51
N GLY B 50 32.24 -18.50 -18.46
CA GLY B 50 32.50 -18.90 -19.85
C GLY B 50 31.26 -19.25 -20.66
N PHE B 51 30.29 -18.35 -20.64
CA PHE B 51 29.07 -18.51 -21.45
C PHE B 51 29.38 -18.70 -22.93
N GLU B 52 30.41 -18.04 -23.43
CA GLU B 52 30.77 -18.16 -24.83
C GLU B 52 31.22 -19.59 -25.17
N GLN B 53 31.83 -20.28 -24.20
CA GLN B 53 32.15 -21.71 -24.37
C GLN B 53 30.93 -22.61 -24.21
N ILE B 54 30.15 -22.37 -23.17
CA ILE B 54 28.95 -23.16 -22.88
C ILE B 54 27.96 -23.14 -24.07
N LEU B 55 27.86 -21.99 -24.74
CA LEU B 55 26.92 -21.81 -25.86
C LEU B 55 27.22 -22.65 -27.10
N ARG B 56 28.48 -23.04 -27.30
CA ARG B 56 28.88 -23.70 -28.55
C ARG B 56 28.12 -25.00 -28.75
N GLY B 57 27.68 -25.23 -29.99
CA GLY B 57 27.04 -26.48 -30.36
C GLY B 57 25.55 -26.57 -30.07
N ARG B 58 24.99 -25.52 -29.47
CA ARG B 58 23.57 -25.51 -29.13
C ARG B 58 22.69 -25.00 -30.29
N ASP B 59 21.41 -25.32 -30.23
CA ASP B 59 20.37 -24.67 -31.06
C ASP B 59 20.49 -23.16 -30.81
N PRO B 60 20.71 -22.36 -31.87
CA PRO B 60 20.94 -20.93 -31.65
C PRO B 60 19.80 -20.21 -30.92
N ARG B 61 18.60 -20.77 -31.02
CA ARG B 61 17.45 -20.20 -30.32
C ARG B 61 17.58 -20.27 -28.80
N ASP B 62 18.33 -21.26 -28.30
CA ASP B 62 18.52 -21.41 -26.85
C ASP B 62 19.29 -20.23 -26.29
N SER B 63 20.05 -19.54 -27.13
CA SER B 63 20.94 -18.49 -26.62
C SER B 63 20.20 -17.40 -25.88
N SER B 64 18.97 -17.07 -26.30
CA SER B 64 18.23 -15.97 -25.66
C SER B 64 17.70 -16.34 -24.26
N GLN B 65 17.71 -17.64 -23.94
CA GLN B 65 17.52 -18.05 -22.54
C GLN B 65 18.84 -18.19 -21.79
N ILE B 66 19.80 -18.88 -22.39
CA ILE B 66 21.11 -19.07 -21.75
C ILE B 66 21.78 -17.75 -21.35
N VAL B 67 21.85 -16.79 -22.29
CA VAL B 67 22.58 -15.54 -22.03
C VAL B 67 21.99 -14.69 -20.93
N GLN B 68 20.69 -14.86 -20.65
CA GLN B 68 20.10 -14.07 -19.58
C GLN B 68 20.75 -14.40 -18.24
N ARG B 69 21.21 -15.64 -18.11
CA ARG B 69 21.85 -16.09 -16.88
C ARG B 69 23.26 -15.54 -16.67
N ILE B 70 23.73 -14.72 -17.62
CA ILE B 70 24.93 -13.92 -17.35
C ILE B 70 24.67 -12.99 -16.17
N CYS B 71 23.44 -12.47 -16.08
CA CYS B 71 23.14 -11.51 -15.04
CA CYS B 71 23.14 -11.48 -15.05
CA CYS B 71 23.14 -11.48 -15.06
C CYS B 71 21.66 -11.40 -14.74
N GLY B 72 21.33 -11.53 -13.46
CA GLY B 72 19.94 -11.46 -13.03
C GLY B 72 19.44 -10.04 -12.76
N VAL B 73 20.34 -9.06 -12.92
CA VAL B 73 19.98 -7.64 -12.77
C VAL B 73 19.58 -7.06 -14.14
N CYS B 74 20.32 -7.43 -15.18
CA CYS B 74 20.09 -6.91 -16.55
C CYS B 74 19.77 -8.02 -17.59
N PRO B 75 18.96 -9.03 -17.20
CA PRO B 75 18.86 -10.12 -18.19
C PRO B 75 18.13 -9.73 -19.46
N THR B 76 17.22 -8.74 -19.36
CA THR B 76 16.48 -8.31 -20.52
C THR B 76 17.38 -7.67 -21.58
N ALA B 77 18.49 -7.05 -21.15
CA ALA B 77 19.44 -6.47 -22.10
C ALA B 77 20.11 -7.57 -22.92
N HIS B 78 20.61 -8.59 -22.22
CA HIS B 78 21.20 -9.72 -22.91
C HIS B 78 20.19 -10.44 -23.78
N CYS B 79 18.97 -10.60 -23.29
CA CYS B 79 17.91 -11.22 -24.10
C CYS B 79 17.68 -10.41 -25.36
N THR B 80 17.59 -9.09 -25.22
CA THR B 80 17.39 -8.20 -26.38
C THR B 80 18.52 -8.34 -27.39
N ALA B 81 19.78 -8.26 -26.93
CA ALA B 81 20.91 -8.40 -27.85
C ALA B 81 20.89 -9.77 -28.56
N SER B 82 20.56 -10.82 -27.81
CA SER B 82 20.54 -12.17 -28.37
C SER B 82 19.45 -12.35 -29.41
N VAL B 83 18.22 -11.95 -29.08
CA VAL B 83 17.14 -12.09 -30.07
C VAL B 83 17.37 -11.24 -31.32
N MET B 84 17.98 -10.06 -31.15
CA MET B 84 18.36 -9.26 -32.31
C MET B 84 19.44 -9.91 -33.16
N ALA B 85 20.43 -10.54 -32.52
CA ALA B 85 21.46 -11.30 -33.24
C ALA B 85 20.79 -12.45 -34.01
N GLN B 86 19.86 -13.14 -33.36
CA GLN B 86 19.13 -14.23 -34.01
C GLN B 86 18.26 -13.71 -35.15
N ASP B 87 17.53 -12.61 -34.93
CA ASP B 87 16.69 -12.03 -36.01
C ASP B 87 17.56 -11.78 -37.26
N ASP B 88 18.73 -11.20 -37.03
CA ASP B 88 19.70 -10.90 -38.09
C ASP B 88 20.17 -12.18 -38.78
N ALA B 89 20.62 -13.17 -37.99
CA ALA B 89 21.13 -14.42 -38.56
C ALA B 89 20.04 -15.23 -39.26
N PHE B 90 18.82 -15.20 -38.74
CA PHE B 90 17.73 -16.03 -39.28
C PHE B 90 17.04 -15.38 -40.47
N GLY B 91 17.28 -14.08 -40.65
CA GLY B 91 16.70 -13.31 -41.77
C GLY B 91 15.22 -12.97 -41.60
N VAL B 92 14.81 -12.68 -40.37
CA VAL B 92 13.41 -12.36 -40.11
C VAL B 92 13.30 -10.92 -39.63
N LYS B 93 12.23 -10.23 -40.04
CA LYS B 93 11.99 -8.86 -39.62
C LYS B 93 10.85 -8.81 -38.59
N VAL B 94 11.11 -8.15 -37.48
CA VAL B 94 10.10 -8.03 -36.42
C VAL B 94 8.99 -7.03 -36.81
N THR B 95 7.76 -7.33 -36.42
CA THR B 95 6.62 -6.43 -36.68
C THR B 95 6.71 -5.17 -35.82
N THR B 96 5.93 -4.17 -36.19
CA THR B 96 5.84 -2.94 -35.40
C THR B 96 5.48 -3.25 -33.95
N ASN B 97 4.44 -4.06 -33.77
CA ASN B 97 3.98 -4.37 -32.42
C ASN B 97 4.99 -5.21 -31.65
N GLY B 98 5.74 -6.07 -32.35
CA GLY B 98 6.80 -6.86 -31.72
C GLY B 98 7.91 -5.95 -31.22
N ARG B 99 8.28 -4.96 -32.04
CA ARG B 99 9.34 -4.01 -31.66
C ARG B 99 8.92 -3.23 -30.41
N ILE B 100 7.69 -2.72 -30.41
CA ILE B 100 7.18 -1.93 -29.30
C ILE B 100 7.06 -2.78 -28.03
N THR B 101 6.56 -4.02 -28.16
CA THR B 101 6.43 -4.91 -27.02
C THR B 101 7.80 -5.21 -26.41
N ARG B 102 8.80 -5.48 -27.25
CA ARG B 102 10.16 -5.70 -26.78
C ARG B 102 10.67 -4.48 -26.01
N ASN B 103 10.34 -3.28 -26.50
CA ASN B 103 10.75 -2.05 -25.83
C ASN B 103 10.06 -1.87 -24.47
N LEU B 104 8.79 -2.26 -24.38
CA LEU B 104 8.07 -2.18 -23.11
C LEU B 104 8.61 -3.16 -22.08
N ILE B 105 8.99 -4.37 -22.52
CA ILE B 105 9.53 -5.39 -21.61
C ILE B 105 10.86 -4.87 -21.04
N PHE B 106 11.71 -4.42 -21.95
CA PHE B 106 13.09 -4.01 -21.64
C PHE B 106 13.07 -2.66 -20.90
N GLY B 107 12.27 -1.72 -21.38
CA GLY B 107 12.20 -0.40 -20.75
C GLY B 107 11.77 -0.46 -19.29
N ALA B 108 10.86 -1.39 -18.95
CA ALA B 108 10.47 -1.55 -17.54
C ALA B 108 11.66 -1.97 -16.67
N ASN B 109 12.59 -2.74 -17.24
CA ASN B 109 13.78 -3.11 -16.45
C ASN B 109 14.86 -2.03 -16.40
N TYR B 110 14.87 -1.13 -17.38
CA TYR B 110 15.73 0.06 -17.28
C TYR B 110 15.35 0.83 -16.03
N LEU B 111 14.04 1.05 -15.84
CA LEU B 111 13.57 1.75 -14.63
C LEU B 111 13.93 0.96 -13.38
N GLN B 112 13.71 -0.36 -13.38
CA GLN B 112 14.08 -1.18 -12.24
C GLN B 112 15.56 -1.08 -11.91
N SER B 113 16.40 -1.16 -12.93
CA SER B 113 17.85 -1.29 -12.74
C SER B 113 18.45 0.00 -12.20
N HIS B 114 18.01 1.14 -12.74
CA HIS B 114 18.56 2.42 -12.29
C HIS B 114 18.14 2.69 -10.86
N ILE B 115 16.89 2.33 -10.53
CA ILE B 115 16.36 2.53 -9.18
C ILE B 115 17.09 1.61 -8.20
N LEU B 116 17.21 0.34 -8.55
CA LEU B 116 17.99 -0.61 -7.77
C LEU B 116 19.38 -0.06 -7.56
N HIS B 117 20.01 0.44 -8.62
CA HIS B 117 21.38 0.90 -8.45
C HIS B 117 21.48 2.07 -7.49
N PHE B 118 20.75 3.15 -7.76
CA PHE B 118 21.00 4.34 -6.97
C PHE B 118 20.72 4.07 -5.51
N TYR B 119 19.57 3.47 -5.23
CA TYR B 119 19.19 3.25 -3.84
C TYR B 119 19.93 2.10 -3.19
N HIS B 120 19.81 0.92 -3.77
CA HIS B 120 20.21 -0.30 -3.07
C HIS B 120 21.66 -0.70 -3.25
N LEU B 121 22.34 -0.05 -4.21
CA LEU B 121 23.78 -0.23 -4.35
C LEU B 121 24.56 1.03 -3.97
N ALA B 122 24.11 2.19 -4.42
CA ALA B 122 24.92 3.41 -4.25
C ALA B 122 24.65 4.18 -2.96
N ALA B 123 23.40 4.18 -2.51
CA ALA B 123 23.00 5.19 -1.51
C ALA B 123 23.64 5.01 -0.14
N LEU B 124 24.02 3.79 0.21
CA LEU B 124 24.63 3.57 1.53
C LEU B 124 26.04 4.17 1.65
N ASP B 125 26.53 4.81 0.58
CA ASP B 125 27.75 5.61 0.71
C ASP B 125 27.43 7.05 1.10
N TYR B 126 26.13 7.37 1.27
CA TYR B 126 25.70 8.73 1.57
C TYR B 126 24.66 8.79 2.69
N VAL B 127 23.83 7.75 2.74
CA VAL B 127 22.71 7.70 3.67
C VAL B 127 23.08 6.77 4.83
N LYS B 128 22.83 7.23 6.05
CA LYS B 128 22.99 6.42 7.27
C LYS B 128 21.75 5.56 7.50
N GLY B 129 21.91 4.24 7.40
CA GLY B 129 20.79 3.33 7.57
C GLY B 129 20.54 3.05 9.04
N PRO B 130 19.50 2.26 9.36
CA PRO B 130 19.26 1.84 10.74
C PRO B 130 20.41 0.97 11.27
N ASP B 131 20.51 0.85 12.59
CA ASP B 131 21.64 0.17 13.24
C ASP B 131 21.42 -1.35 13.33
N VAL B 132 21.05 -1.96 12.20
CA VAL B 132 20.93 -3.42 12.10
C VAL B 132 21.52 -3.88 10.78
N SER B 133 22.06 -5.11 10.77
CA SER B 133 22.57 -5.68 9.52
C SER B 133 21.42 -5.78 8.50
N PRO B 134 21.70 -5.53 7.22
CA PRO B 134 23.04 -5.35 6.61
C PRO B 134 23.50 -3.89 6.47
N PHE B 135 22.86 -2.99 7.22
CA PHE B 135 23.20 -1.55 7.15
C PHE B 135 24.43 -1.21 7.99
N VAL B 136 24.74 -2.10 8.93
CA VAL B 136 25.95 -2.00 9.74
C VAL B 136 26.56 -3.40 9.77
N PRO B 137 27.88 -3.50 9.97
CA PRO B 137 28.83 -2.40 10.20
C PRO B 137 29.09 -1.55 8.95
N ARG B 138 29.69 -0.38 9.16
CA ARG B 138 30.06 0.53 8.10
C ARG B 138 31.32 1.27 8.53
N TYR B 139 31.93 1.99 7.59
CA TYR B 139 33.09 2.81 7.92
C TYR B 139 32.76 3.74 9.09
N ALA B 140 33.69 3.84 10.03
CA ALA B 140 33.54 4.70 11.21
C ALA B 140 33.41 6.18 10.84
N ASN B 141 34.19 6.63 9.88
CA ASN B 141 34.12 8.00 9.36
C ASN B 141 33.68 7.89 7.91
N ALA B 142 32.37 7.81 7.72
CA ALA B 142 31.84 7.48 6.40
C ALA B 142 31.44 8.72 5.58
N ASP B 143 31.60 9.92 6.16
CA ASP B 143 31.34 11.16 5.41
C ASP B 143 29.92 11.18 4.84
N LEU B 144 28.95 10.75 5.65
CA LEU B 144 27.56 10.60 5.23
C LEU B 144 26.83 11.92 5.35
N LEU B 145 25.57 11.95 4.92
CA LEU B 145 24.73 13.14 5.06
C LEU B 145 24.71 13.66 6.51
N THR B 146 24.67 12.73 7.45
CA THR B 146 24.63 13.04 8.87
C THR B 146 25.97 13.61 9.41
N ASP B 147 27.04 13.46 8.63
CA ASP B 147 28.38 14.00 8.98
C ASP B 147 28.63 15.33 8.27
N ARG B 148 28.18 15.42 7.01
CA ARG B 148 28.44 16.57 6.15
C ARG B 148 27.62 17.80 6.49
N ILE B 149 26.33 17.59 6.72
CA ILE B 149 25.41 18.70 6.97
C ILE B 149 25.55 19.12 8.43
N LYS B 150 26.05 20.33 8.64
CA LYS B 150 26.45 20.76 9.98
C LYS B 150 25.27 21.17 10.87
N ASP B 151 24.19 21.63 10.25
CA ASP B 151 22.93 21.90 10.96
C ASP B 151 22.28 20.54 11.26
N GLY B 152 22.25 20.17 12.54
CA GLY B 152 21.85 18.81 12.94
C GLY B 152 20.45 18.41 12.54
N ALA B 153 19.50 19.31 12.71
CA ALA B 153 18.11 19.03 12.30
C ALA B 153 18.03 18.83 10.80
N LYS B 154 18.73 19.68 10.04
CA LYS B 154 18.74 19.54 8.57
C LYS B 154 19.40 18.22 8.15
N ALA B 155 20.49 17.87 8.85
CA ALA B 155 21.19 16.61 8.61
C ALA B 155 20.28 15.42 8.84
N ASP B 156 19.58 15.40 9.97
CA ASP B 156 18.65 14.32 10.30
C ASP B 156 17.52 14.24 9.28
N ALA B 157 16.93 15.39 8.96
CA ALA B 157 15.81 15.46 8.03
C ALA B 157 16.23 14.99 6.64
N THR B 158 17.40 15.43 6.19
CA THR B 158 17.87 15.04 4.85
C THR B 158 18.21 13.54 4.81
N ASN B 159 18.80 13.04 5.88
CA ASN B 159 19.13 11.62 5.93
C ASN B 159 17.89 10.75 5.95
N THR B 160 16.91 11.14 6.76
CA THR B 160 15.63 10.45 6.84
C THR B 160 14.90 10.46 5.50
N TYR B 161 14.91 11.62 4.83
CA TYR B 161 14.36 11.77 3.49
C TYR B 161 14.99 10.76 2.53
N GLY B 162 16.32 10.67 2.52
CA GLY B 162 17.02 9.71 1.68
C GLY B 162 16.73 8.25 2.06
N LEU B 163 16.74 7.95 3.36
CA LEU B 163 16.51 6.57 3.83
C LEU B 163 15.09 6.11 3.54
N ASN B 164 14.11 6.98 3.75
CA ASN B 164 12.74 6.64 3.41
C ASN B 164 12.55 6.35 1.94
N GLN B 165 13.29 7.08 1.08
CA GLN B 165 13.25 6.78 -0.35
C GLN B 165 13.90 5.43 -0.67
N TYR B 166 15.02 5.12 -0.01
CA TYR B 166 15.65 3.80 -0.14
C TYR B 166 14.65 2.69 0.17
N LEU B 167 13.91 2.86 1.26
CA LEU B 167 12.94 1.85 1.70
C LEU B 167 11.75 1.76 0.73
N LYS B 168 11.21 2.90 0.35
CA LYS B 168 10.12 2.93 -0.63
C LYS B 168 10.57 2.33 -1.98
N ALA B 169 11.81 2.59 -2.38
CA ALA B 169 12.33 2.11 -3.65
C ALA B 169 12.34 0.58 -3.73
N LEU B 170 12.37 -0.10 -2.57
CA LEU B 170 12.28 -1.56 -2.57
C LEU B 170 10.98 -2.01 -3.22
N GLU B 171 9.89 -1.31 -2.90
CA GLU B 171 8.60 -1.65 -3.47
C GLU B 171 8.49 -1.15 -4.92
N ILE B 172 8.99 0.06 -5.19
CA ILE B 172 8.95 0.60 -6.55
C ILE B 172 9.69 -0.32 -7.54
N ARG B 173 10.88 -0.80 -7.17
CA ARG B 173 11.62 -1.71 -8.09
C ARG B 173 10.88 -3.03 -8.30
N ARG B 174 10.19 -3.53 -7.27
CA ARG B 174 9.39 -4.75 -7.38
C ARG B 174 8.22 -4.53 -8.36
N ILE B 175 7.58 -3.36 -8.27
CA ILE B 175 6.53 -3.00 -9.23
C ILE B 175 7.07 -2.93 -10.66
N CYS B 176 8.28 -2.40 -10.86
CA CYS B 176 8.91 -2.46 -12.18
C CYS B 176 9.01 -3.91 -12.71
N HIS B 177 9.29 -4.87 -11.84
CA HIS B 177 9.32 -6.27 -12.29
C HIS B 177 7.95 -6.87 -12.59
N GLU B 178 6.90 -6.42 -11.90
CA GLU B 178 5.52 -6.73 -12.34
C GLU B 178 5.32 -6.23 -13.77
N MET B 179 5.81 -5.03 -14.04
CA MET B 179 5.72 -4.46 -15.40
C MET B 179 6.48 -5.29 -16.43
N VAL B 180 7.69 -5.74 -16.09
CA VAL B 180 8.44 -6.63 -16.99
C VAL B 180 7.69 -7.96 -17.25
N ALA B 181 7.18 -8.57 -16.17
CA ALA B 181 6.45 -9.84 -16.28
C ALA B 181 5.17 -9.74 -17.11
N MET B 182 4.59 -8.54 -17.19
CA MET B 182 3.31 -8.34 -17.89
C MET B 182 3.33 -8.98 -19.29
N PHE B 183 4.35 -8.65 -20.08
CA PHE B 183 4.50 -9.23 -21.42
C PHE B 183 5.74 -10.14 -21.52
N GLY B 184 6.54 -10.18 -20.45
CA GLY B 184 7.77 -10.98 -20.45
C GLY B 184 7.69 -12.33 -19.76
N GLY B 185 6.57 -12.58 -19.07
CA GLY B 185 6.31 -13.89 -18.45
C GLY B 185 6.72 -14.00 -16.99
N ARG B 186 7.96 -13.61 -16.69
CA ARG B 186 8.45 -13.53 -15.30
C ARG B 186 9.73 -12.74 -15.31
N MET B 187 10.24 -12.40 -14.12
CA MET B 187 11.49 -11.66 -14.00
C MET B 187 12.04 -11.89 -12.61
N PRO B 188 13.36 -12.11 -12.48
CA PRO B 188 14.40 -12.26 -13.51
C PRO B 188 14.14 -13.36 -14.54
N HIS B 189 14.76 -13.19 -15.70
CA HIS B 189 14.84 -14.19 -16.78
C HIS B 189 13.52 -14.38 -17.50
N VAL B 190 13.27 -13.44 -18.41
CA VAL B 190 12.02 -13.43 -19.17
C VAL B 190 11.92 -14.61 -20.12
N GLN B 191 10.67 -14.90 -20.50
CA GLN B 191 10.37 -15.93 -21.49
C GLN B 191 9.83 -15.30 -22.78
N GLY B 192 9.46 -14.03 -22.70
CA GLY B 192 8.63 -13.41 -23.74
C GLY B 192 9.30 -12.86 -24.97
N MET B 193 10.63 -12.85 -24.99
CA MET B 193 11.36 -12.38 -26.18
C MET B 193 12.09 -13.55 -26.81
N VAL B 194 11.90 -13.70 -28.12
CA VAL B 194 12.42 -14.82 -28.90
C VAL B 194 12.81 -14.29 -30.27
N VAL B 195 13.59 -15.06 -31.03
CA VAL B 195 13.81 -14.76 -32.45
C VAL B 195 12.43 -14.62 -33.12
N GLY B 196 12.24 -13.53 -33.87
CA GLY B 196 10.99 -13.30 -34.56
C GLY B 196 10.05 -12.35 -33.85
N GLY B 197 10.36 -12.00 -32.60
CA GLY B 197 9.60 -10.95 -31.92
C GLY B 197 9.34 -11.18 -30.44
N ALA B 198 8.06 -11.23 -30.08
CA ALA B 198 7.65 -11.43 -28.69
C ALA B 198 6.51 -12.43 -28.66
N THR B 199 6.43 -13.20 -27.58
CA THR B 199 5.62 -14.43 -27.54
C THR B 199 4.17 -14.22 -27.12
N GLU B 200 3.85 -13.01 -26.63
CA GLU B 200 2.51 -12.70 -26.12
C GLU B 200 2.06 -11.34 -26.64
N ILE B 201 1.00 -11.35 -27.42
CA ILE B 201 0.43 -10.10 -27.92
C ILE B 201 -0.21 -9.31 -26.77
N PRO B 202 0.18 -8.03 -26.60
CA PRO B 202 -0.49 -7.22 -25.56
C PRO B 202 -2.02 -7.11 -25.74
N THR B 203 -2.75 -7.30 -24.65
CA THR B 203 -4.19 -7.07 -24.63
C THR B 203 -4.46 -5.67 -24.09
N ALA B 204 -5.65 -5.13 -24.37
CA ALA B 204 -5.98 -3.79 -23.83
C ALA B 204 -5.91 -3.79 -22.32
N ASP B 205 -6.43 -4.85 -21.70
CA ASP B 205 -6.42 -4.95 -20.24
C ASP B 205 -5.01 -4.96 -19.68
N LYS B 206 -4.13 -5.75 -20.28
CA LYS B 206 -2.76 -5.85 -19.77
C LYS B 206 -1.92 -4.59 -20.04
N VAL B 207 -2.19 -3.91 -21.16
CA VAL B 207 -1.57 -2.60 -21.39
C VAL B 207 -2.01 -1.61 -20.29
N ALA B 208 -3.31 -1.62 -19.95
CA ALA B 208 -3.81 -0.75 -18.90
C ALA B 208 -3.22 -1.08 -17.54
N GLU B 209 -3.03 -2.36 -17.25
CA GLU B 209 -2.42 -2.80 -15.99
C GLU B 209 -0.92 -2.42 -15.92
N TYR B 210 -0.21 -2.55 -17.03
CA TYR B 210 1.17 -2.04 -17.11
C TYR B 210 1.15 -0.53 -16.87
N ALA B 211 0.27 0.19 -17.56
CA ALA B 211 0.23 1.66 -17.44
C ALA B 211 -0.03 2.16 -16.01
N ALA B 212 -0.93 1.49 -15.29
CA ALA B 212 -1.26 1.89 -13.93
C ALA B 212 -0.03 1.76 -13.01
N ARG B 213 0.70 0.66 -13.15
CA ARG B 213 1.92 0.45 -12.37
C ARG B 213 2.99 1.47 -12.78
N PHE B 214 3.11 1.67 -14.09
CA PHE B 214 4.08 2.60 -14.63
C PHE B 214 3.87 4.00 -14.06
N LYS B 215 2.62 4.44 -13.97
CA LYS B 215 2.36 5.79 -13.46
C LYS B 215 2.86 5.94 -12.02
N GLU B 216 2.79 4.85 -11.24
CA GLU B 216 3.30 4.90 -9.85
C GLU B 216 4.82 5.02 -9.84
N VAL B 217 5.48 4.28 -10.73
CA VAL B 217 6.94 4.34 -10.86
C VAL B 217 7.37 5.73 -11.33
N GLN B 218 6.71 6.22 -12.36
CA GLN B 218 6.98 7.54 -12.91
C GLN B 218 6.83 8.64 -11.86
N LYS B 219 5.78 8.57 -11.06
CA LYS B 219 5.58 9.54 -9.97
C LYS B 219 6.77 9.53 -8.99
N PHE B 220 7.24 8.34 -8.61
CA PHE B 220 8.40 8.22 -7.74
C PHE B 220 9.66 8.84 -8.38
N VAL B 221 9.84 8.58 -9.67
CA VAL B 221 11.01 9.10 -10.38
C VAL B 221 11.04 10.63 -10.35
N ILE B 222 9.91 11.25 -10.70
CA ILE B 222 9.84 12.71 -10.81
C ILE B 222 9.81 13.44 -9.47
N GLU B 223 9.07 12.86 -8.53
CA GLU B 223 8.76 13.55 -7.29
C GLU B 223 9.73 13.23 -6.17
N GLU B 224 10.41 12.09 -6.28
CA GLU B 224 11.28 11.64 -5.19
C GLU B 224 12.75 11.47 -5.62
N TYR B 225 12.98 10.62 -6.62
CA TYR B 225 14.32 10.27 -7.09
C TYR B 225 15.10 11.46 -7.67
N LEU B 226 14.54 12.16 -8.64
CA LEU B 226 15.24 13.32 -9.19
C LEU B 226 15.56 14.41 -8.13
N PRO B 227 14.57 14.78 -7.29
CA PRO B 227 14.87 15.76 -6.24
C PRO B 227 15.98 15.30 -5.28
N LEU B 228 15.98 14.02 -4.92
CA LEU B 228 17.03 13.49 -4.04
C LEU B 228 18.42 13.60 -4.68
N ILE B 229 18.54 13.21 -5.94
CA ILE B 229 19.85 13.26 -6.61
C ILE B 229 20.39 14.68 -6.67
N TYR B 230 19.56 15.63 -7.06
CA TYR B 230 20.01 17.02 -7.15
C TYR B 230 20.33 17.59 -5.77
N THR B 231 19.54 17.23 -4.77
CA THR B 231 19.83 17.66 -3.39
C THR B 231 21.16 17.06 -2.91
N LEU B 232 21.34 15.76 -3.13
CA LEU B 232 22.58 15.06 -2.78
C LEU B 232 23.79 15.74 -3.42
N GLY B 233 23.71 16.05 -4.70
CA GLY B 233 24.80 16.73 -5.39
C GLY B 233 25.12 18.10 -4.82
N SER B 234 24.10 18.78 -4.28
CA SER B 234 24.27 20.12 -3.74
C SER B 234 25.01 20.10 -2.38
N VAL B 235 24.96 18.96 -1.71
CA VAL B 235 25.73 18.73 -0.49
C VAL B 235 27.16 18.25 -0.84
N TYR B 236 27.27 17.42 -1.86
CA TYR B 236 28.56 16.85 -2.24
C TYR B 236 29.12 17.49 -3.52
N THR B 237 29.24 18.82 -3.50
CA THR B 237 29.68 19.54 -4.70
C THR B 237 31.11 19.15 -5.10
N ASP B 238 31.92 18.79 -4.11
CA ASP B 238 33.28 18.28 -4.34
C ASP B 238 33.30 17.02 -5.21
N LEU B 239 32.20 16.26 -5.17
CA LEU B 239 32.12 15.00 -5.96
C LEU B 239 31.70 15.20 -7.43
N PHE B 240 31.39 16.44 -7.81
CA PHE B 240 31.32 16.81 -9.23
C PHE B 240 32.72 17.16 -9.79
N GLU B 241 33.74 17.13 -8.94
CA GLU B 241 35.05 17.64 -9.30
C GLU B 241 36.14 16.58 -9.26
N THR B 242 35.71 15.32 -9.13
CA THR B 242 36.66 14.22 -9.10
C THR B 242 35.99 12.96 -9.64
N GLY B 243 36.79 11.92 -9.85
CA GLY B 243 36.33 10.69 -10.50
C GLY B 243 36.16 10.96 -11.98
N ILE B 244 37.18 11.57 -12.59
CA ILE B 244 37.05 12.12 -13.95
C ILE B 244 37.31 11.07 -15.05
N GLY B 245 38.53 10.57 -15.16
CA GLY B 245 38.83 9.53 -16.14
C GLY B 245 39.16 10.03 -17.53
N TRP B 246 38.96 9.16 -18.54
CA TRP B 246 39.38 9.43 -19.92
C TRP B 246 38.55 10.50 -20.62
N LYS B 247 37.29 10.62 -20.20
CA LYS B 247 36.32 11.51 -20.86
C LYS B 247 36.03 11.07 -22.32
N ASN B 248 36.26 9.79 -22.58
CA ASN B 248 35.89 9.16 -23.85
C ASN B 248 34.69 8.28 -23.60
N VAL B 249 33.66 8.42 -24.44
CA VAL B 249 32.43 7.65 -24.28
C VAL B 249 31.97 7.04 -25.58
N ILE B 250 31.27 5.90 -25.49
CA ILE B 250 30.70 5.24 -26.66
CA ILE B 250 30.67 5.29 -26.67
C ILE B 250 29.26 4.77 -26.37
N ALA B 251 28.42 4.77 -27.40
CA ALA B 251 27.03 4.33 -27.32
C ALA B 251 26.62 3.65 -28.62
N PHE B 252 25.80 2.61 -28.52
CA PHE B 252 25.41 1.81 -29.69
C PHE B 252 24.01 2.12 -30.25
N GLY B 253 23.20 2.84 -29.49
CA GLY B 253 21.78 3.04 -29.84
C GLY B 253 20.92 2.07 -29.04
N VAL B 254 19.86 2.58 -28.43
CA VAL B 254 18.94 1.73 -27.67
C VAL B 254 17.49 2.18 -27.86
N PHE B 255 16.58 1.20 -27.85
CA PHE B 255 15.13 1.39 -28.01
C PHE B 255 14.82 1.94 -29.41
N PRO B 256 14.88 1.07 -30.43
CA PRO B 256 14.59 1.52 -31.79
C PRO B 256 13.15 2.04 -31.88
N GLU B 257 12.98 3.19 -32.53
CA GLU B 257 11.69 3.88 -32.58
C GLU B 257 10.97 3.67 -33.91
N ASP B 258 11.60 2.89 -34.79
CA ASP B 258 11.02 2.55 -36.10
C ASP B 258 11.49 1.15 -36.48
N ASP B 259 10.76 0.54 -37.40
CA ASP B 259 10.95 -0.86 -37.74
C ASP B 259 12.26 -1.19 -38.46
N ASP B 260 12.88 -0.19 -39.08
CA ASP B 260 14.19 -0.41 -39.70
C ASP B 260 15.41 -0.04 -38.83
N TYR B 261 15.16 0.22 -37.54
CA TYR B 261 16.23 0.48 -36.56
C TYR B 261 17.15 1.60 -37.00
N LYS B 262 16.58 2.63 -37.61
CA LYS B 262 17.31 3.81 -38.07
C LYS B 262 17.38 4.88 -36.97
N THR B 263 16.40 4.84 -36.08
CA THR B 263 16.23 5.88 -35.08
C THR B 263 15.99 5.22 -33.73
N PHE B 264 16.46 5.87 -32.68
CA PHE B 264 16.48 5.30 -31.32
C PHE B 264 16.07 6.37 -30.35
N LEU B 265 15.68 5.96 -29.15
CA LEU B 265 15.50 6.90 -28.06
C LEU B 265 16.82 7.60 -27.76
N LEU B 266 17.89 6.81 -27.66
CA LEU B 266 19.24 7.33 -27.40
C LEU B 266 20.15 6.84 -28.52
N LYS B 267 20.68 7.78 -29.30
CA LYS B 267 21.35 7.46 -30.56
C LYS B 267 22.77 6.88 -30.36
N PRO B 268 23.25 6.10 -31.35
CA PRO B 268 24.66 5.68 -31.34
C PRO B 268 25.60 6.87 -31.57
N GLY B 269 26.83 6.72 -31.11
CA GLY B 269 27.82 7.77 -31.29
C GLY B 269 29.02 7.54 -30.41
N VAL B 270 30.09 8.29 -30.69
CA VAL B 270 31.35 8.18 -29.98
C VAL B 270 31.79 9.61 -29.67
N TYR B 271 32.39 9.81 -28.50
CA TYR B 271 32.98 11.11 -28.18
C TYR B 271 34.35 10.82 -27.59
N ILE B 272 35.38 11.20 -28.32
CA ILE B 272 36.76 10.91 -27.93
C ILE B 272 37.56 12.19 -28.05
N ASP B 273 38.31 12.51 -27.01
CA ASP B 273 39.22 13.66 -27.03
C ASP B 273 38.50 14.92 -27.49
N GLY B 274 37.30 15.12 -26.95
CA GLY B 274 36.56 16.36 -27.18
C GLY B 274 35.81 16.42 -28.49
N LYS B 275 35.82 15.33 -29.26
CA LYS B 275 35.20 15.33 -30.60
C LYS B 275 34.16 14.22 -30.78
N ASP B 276 33.01 14.59 -31.36
CA ASP B 276 31.97 13.63 -31.73
C ASP B 276 32.30 12.94 -33.04
N GLU B 277 32.03 11.64 -33.10
CA GLU B 277 32.12 10.87 -34.35
C GLU B 277 31.03 9.82 -34.36
N GLU B 278 30.78 9.25 -35.53
CA GLU B 278 29.82 8.17 -35.64
C GLU B 278 30.40 6.89 -35.04
N PHE B 279 29.53 6.01 -34.56
CA PHE B 279 29.96 4.69 -34.10
C PHE B 279 30.12 3.73 -35.27
N ASP B 280 31.32 3.17 -35.40
CA ASP B 280 31.66 2.19 -36.42
C ASP B 280 32.07 0.90 -35.71
N SER B 281 31.19 -0.10 -35.76
CA SER B 281 31.44 -1.38 -35.07
C SER B 281 32.73 -2.11 -35.53
N LYS B 282 33.22 -1.79 -36.72
CA LYS B 282 34.47 -2.38 -37.21
C LYS B 282 35.67 -2.02 -36.36
N LEU B 283 35.56 -0.96 -35.57
CA LEU B 283 36.70 -0.44 -34.82
C LEU B 283 36.72 -0.92 -33.37
N VAL B 284 35.81 -1.81 -33.02
CA VAL B 284 35.80 -2.40 -31.69
C VAL B 284 36.76 -3.59 -31.69
N LYS B 285 37.68 -3.62 -30.75
CA LYS B 285 38.46 -4.84 -30.56
C LYS B 285 38.80 -5.03 -29.09
N GLU B 286 39.13 -6.28 -28.77
CA GLU B 286 39.49 -6.64 -27.41
C GLU B 286 40.93 -7.10 -27.30
N TYR B 287 41.60 -6.56 -26.28
CA TYR B 287 42.95 -6.95 -25.92
C TYR B 287 42.89 -7.85 -24.69
N VAL B 288 43.93 -8.66 -24.52
CA VAL B 288 43.97 -9.55 -23.36
C VAL B 288 45.33 -9.63 -22.66
N GLY B 289 46.21 -8.68 -22.94
CA GLY B 289 47.54 -8.65 -22.33
C GLY B 289 47.56 -8.75 -20.80
N HIS B 290 46.56 -8.18 -20.14
CA HIS B 290 46.47 -8.27 -18.66
C HIS B 290 45.23 -9.03 -18.20
N SER B 291 44.68 -9.86 -19.09
CA SER B 291 43.44 -10.62 -18.83
C SER B 291 43.78 -12.11 -18.89
N PHE B 292 43.03 -12.92 -18.14
CA PHE B 292 43.28 -14.37 -18.04
C PHE B 292 42.76 -15.14 -19.24
N PHE B 293 43.25 -14.76 -20.43
CA PHE B 293 42.83 -15.36 -21.70
C PHE B 293 43.98 -15.45 -22.69
N ASP B 294 43.95 -16.48 -23.53
CA ASP B 294 44.92 -16.62 -24.62
C ASP B 294 44.29 -16.22 -25.95
N HIS B 295 45.01 -15.42 -26.74
CA HIS B 295 44.59 -15.06 -28.10
C HIS B 295 45.56 -15.71 -29.08
N SER B 296 45.01 -16.24 -30.18
CA SER B 296 45.79 -16.92 -31.21
C SER B 296 46.70 -15.99 -32.02
N ALA B 297 46.44 -14.69 -31.93
CA ALA B 297 47.17 -13.69 -32.70
C ALA B 297 47.30 -12.40 -31.92
N PRO B 298 48.38 -11.63 -32.15
CA PRO B 298 48.58 -10.40 -31.42
C PRO B 298 47.70 -9.27 -31.94
N GLY B 299 47.65 -8.17 -31.20
CA GLY B 299 47.06 -6.93 -31.69
C GLY B 299 45.61 -6.65 -31.33
N GLY B 300 45.00 -7.52 -30.53
CA GLY B 300 43.59 -7.33 -30.24
C GLY B 300 42.70 -7.91 -31.32
N LEU B 301 41.54 -8.41 -30.92
CA LEU B 301 40.68 -9.13 -31.83
C LEU B 301 39.32 -8.47 -31.94
N HIS B 302 38.87 -8.26 -33.16
CA HIS B 302 37.49 -7.83 -33.38
C HIS B 302 36.56 -8.94 -32.88
N TYR B 303 35.41 -8.56 -32.32
CA TYR B 303 34.51 -9.52 -31.69
C TYR B 303 34.00 -10.61 -32.65
N SER B 304 33.91 -10.28 -33.95
CA SER B 304 33.50 -11.26 -34.96
C SER B 304 34.47 -12.45 -35.13
N VAL B 305 35.70 -12.30 -34.63
CA VAL B 305 36.67 -13.40 -34.56
C VAL B 305 37.18 -13.57 -33.12
N GLY B 306 36.34 -13.19 -32.16
CA GLY B 306 36.70 -13.27 -30.75
C GLY B 306 36.99 -14.71 -30.33
N GLU B 307 37.82 -14.85 -29.31
CA GLU B 307 38.24 -16.15 -28.80
C GLU B 307 38.14 -16.15 -27.29
N THR B 308 37.65 -17.26 -26.75
CA THR B 308 37.48 -17.37 -25.30
C THR B 308 38.17 -18.63 -24.81
N ASN B 309 39.45 -18.47 -24.51
CA ASN B 309 40.34 -19.54 -24.07
C ASN B 309 40.91 -19.13 -22.72
N PRO B 310 40.18 -19.43 -21.64
CA PRO B 310 40.59 -18.97 -20.32
C PRO B 310 41.95 -19.54 -19.88
N ASN B 311 42.73 -18.72 -19.19
CA ASN B 311 44.05 -19.12 -18.74
C ASN B 311 44.40 -18.36 -17.46
N PRO B 312 43.97 -18.90 -16.30
CA PRO B 312 44.23 -18.22 -15.02
C PRO B 312 45.71 -18.16 -14.63
N ASP B 313 46.56 -18.87 -15.37
CA ASP B 313 48.00 -18.88 -15.11
C ASP B 313 48.77 -17.91 -16.00
N LYS B 314 48.07 -17.10 -16.78
CA LYS B 314 48.75 -16.22 -17.72
C LYS B 314 49.63 -15.21 -16.98
N PRO B 315 50.96 -15.24 -17.23
CA PRO B 315 51.81 -14.27 -16.54
C PRO B 315 51.45 -12.81 -16.82
N GLY B 316 51.42 -12.00 -15.77
CA GLY B 316 51.15 -10.57 -15.87
C GLY B 316 49.68 -10.20 -15.90
N ALA B 317 48.80 -11.19 -16.02
CA ALA B 317 47.36 -10.94 -16.07
C ALA B 317 46.78 -10.77 -14.67
N TYR B 318 45.70 -9.99 -14.55
CA TYR B 318 45.09 -9.79 -13.24
C TYR B 318 43.56 -9.75 -13.21
N SER B 319 42.92 -10.04 -14.34
CA SER B 319 41.45 -9.99 -14.36
C SER B 319 40.85 -10.96 -15.37
N PHE B 320 39.64 -11.45 -15.08
CA PHE B 320 38.86 -12.21 -16.07
C PHE B 320 38.10 -11.31 -17.04
N VAL B 321 38.26 -9.98 -16.91
CA VAL B 321 37.60 -9.05 -17.84
C VAL B 321 38.60 -8.79 -18.96
N LYS B 322 38.16 -8.93 -20.21
CA LYS B 322 38.97 -8.53 -21.38
C LYS B 322 39.02 -7.00 -21.45
N ALA B 323 39.80 -6.46 -22.39
CA ALA B 323 39.98 -5.01 -22.48
C ALA B 323 39.55 -4.46 -23.85
N PRO B 324 38.28 -4.04 -23.97
CA PRO B 324 37.82 -3.48 -25.23
C PRO B 324 38.33 -2.06 -25.43
N ARG B 325 38.70 -1.75 -26.67
CA ARG B 325 39.15 -0.41 -27.03
C ARG B 325 38.50 -0.04 -28.35
N TYR B 326 38.31 1.25 -28.55
CA TYR B 326 37.72 1.75 -29.79
C TYR B 326 38.77 2.63 -30.43
N LYS B 327 39.21 2.27 -31.64
CA LYS B 327 40.36 2.96 -32.25
C LYS B 327 41.54 3.02 -31.27
N ASP B 328 41.76 1.92 -30.53
CA ASP B 328 42.79 1.85 -29.48
C ASP B 328 42.64 2.82 -28.30
N LYS B 329 41.44 3.36 -28.10
CA LYS B 329 41.16 4.25 -26.99
C LYS B 329 40.27 3.57 -25.96
N PRO B 330 40.60 3.70 -24.66
CA PRO B 330 39.62 3.30 -23.65
C PRO B 330 38.40 4.24 -23.72
N CYS B 331 37.20 3.66 -23.64
CA CYS B 331 35.97 4.44 -23.68
C CYS B 331 35.06 3.89 -22.61
N GLU B 332 34.40 4.80 -21.88
CA GLU B 332 33.41 4.37 -20.90
C GLU B 332 31.99 4.39 -21.47
N VAL B 333 31.10 3.71 -20.75
CA VAL B 333 29.73 3.47 -21.21
C VAL B 333 28.74 3.65 -20.06
N GLY B 334 27.46 3.71 -20.42
CA GLY B 334 26.42 3.85 -19.41
C GLY B 334 25.61 5.11 -19.63
N PRO B 335 24.80 5.52 -18.64
CA PRO B 335 23.97 6.70 -18.81
C PRO B 335 24.81 7.94 -19.15
N LEU B 336 25.95 8.15 -18.48
CA LEU B 336 26.80 9.29 -18.84
C LEU B 336 27.14 9.29 -20.33
N ALA B 337 27.55 8.14 -20.84
CA ALA B 337 27.88 8.00 -22.25
C ALA B 337 26.70 8.30 -23.14
N ARG B 338 25.55 7.67 -22.86
CA ARG B 338 24.39 7.83 -23.75
C ARG B 338 23.85 9.25 -23.70
N MET B 339 23.79 9.81 -22.49
CA MET B 339 23.24 11.16 -22.31
C MET B 339 24.18 12.18 -22.91
N TRP B 340 25.49 11.98 -22.78
CA TRP B 340 26.45 12.87 -23.43
C TRP B 340 26.32 12.84 -24.97
N VAL B 341 26.27 11.64 -25.54
CA VAL B 341 26.15 11.46 -26.99
C VAL B 341 24.85 12.04 -27.53
N GLN B 342 23.71 11.69 -26.91
CA GLN B 342 22.41 12.17 -27.37
C GLN B 342 22.19 13.66 -27.07
N ASN B 343 22.72 14.08 -25.92
CA ASN B 343 22.52 15.44 -25.39
C ASN B 343 21.05 15.86 -25.37
N PRO B 344 20.21 15.10 -24.64
CA PRO B 344 18.79 15.45 -24.56
C PRO B 344 18.53 16.63 -23.66
N GLU B 345 17.34 17.19 -23.76
CA GLU B 345 16.91 18.20 -22.82
C GLU B 345 16.76 17.57 -21.43
N LEU B 346 17.22 18.30 -20.42
CA LEU B 346 17.08 17.86 -19.02
C LEU B 346 15.62 17.87 -18.57
N SER B 347 15.30 17.02 -17.61
CA SER B 347 13.98 17.03 -16.97
C SER B 347 13.62 18.43 -16.44
N PRO B 348 12.33 18.74 -16.33
CA PRO B 348 11.97 20.04 -15.72
C PRO B 348 12.50 20.15 -14.29
N VAL B 349 12.54 19.04 -13.56
CA VAL B 349 13.06 19.06 -12.19
C VAL B 349 14.54 19.44 -12.17
N GLY B 350 15.30 18.86 -13.10
CA GLY B 350 16.73 19.12 -13.19
C GLY B 350 17.01 20.56 -13.56
N GLN B 351 16.29 21.05 -14.56
CA GLN B 351 16.44 22.46 -14.96
C GLN B 351 16.21 23.39 -13.77
N LYS B 352 15.16 23.10 -13.00
CA LYS B 352 14.77 23.92 -11.86
C LYS B 352 15.77 23.80 -10.70
N LEU B 353 16.13 22.58 -10.33
CA LEU B 353 16.98 22.38 -9.16
C LEU B 353 18.43 22.76 -9.43
N LEU B 354 18.89 22.61 -10.68
CA LEU B 354 20.23 23.11 -11.00
C LEU B 354 20.31 24.62 -10.76
N LYS B 355 19.24 25.34 -11.14
CA LYS B 355 19.17 26.78 -10.90
C LYS B 355 19.07 27.10 -9.39
N GLU B 356 18.09 26.49 -8.74
CA GLU B 356 17.79 26.80 -7.34
C GLU B 356 18.90 26.40 -6.37
N LEU B 357 19.48 25.21 -6.57
CA LEU B 357 20.42 24.66 -5.60
C LEU B 357 21.89 24.92 -5.94
N TYR B 358 22.18 25.20 -7.21
CA TYR B 358 23.57 25.38 -7.64
C TYR B 358 23.85 26.70 -8.33
N GLY B 359 22.82 27.44 -8.71
CA GLY B 359 22.99 28.66 -9.53
C GLY B 359 23.45 28.34 -10.95
N ILE B 360 23.08 27.15 -11.44
CA ILE B 360 23.46 26.71 -12.78
C ILE B 360 22.27 26.81 -13.73
N GLU B 361 22.48 27.51 -14.86
CA GLU B 361 21.51 27.55 -15.95
C GLU B 361 21.86 26.43 -16.92
N ALA B 362 20.96 25.46 -17.04
CA ALA B 362 21.19 24.30 -17.90
C ALA B 362 19.88 23.87 -18.53
N LYS B 363 19.94 23.63 -19.83
CA LYS B 363 18.79 23.20 -20.60
C LYS B 363 19.00 21.77 -21.08
N ASN B 364 20.19 21.49 -21.62
CA ASN B 364 20.53 20.19 -22.18
C ASN B 364 21.64 19.54 -21.36
N PHE B 365 21.77 18.22 -21.46
CA PHE B 365 22.72 17.49 -20.63
C PHE B 365 24.14 18.07 -20.71
N ARG B 366 24.59 18.42 -21.91
CA ARG B 366 25.97 18.89 -22.07
C ARG B 366 26.22 20.23 -21.40
N ASP B 367 25.14 20.91 -21.00
CA ASP B 367 25.27 22.18 -20.28
C ASP B 367 25.92 21.97 -18.91
N LEU B 368 25.91 20.73 -18.43
CA LEU B 368 26.66 20.39 -17.20
C LEU B 368 28.16 20.52 -17.37
N GLY B 369 28.62 20.47 -18.62
CA GLY B 369 30.06 20.60 -18.94
C GLY B 369 30.92 19.59 -18.20
N ASP B 370 32.03 20.05 -17.64
CA ASP B 370 32.96 19.20 -16.87
C ASP B 370 32.28 18.40 -15.75
N LYS B 371 31.25 18.99 -15.13
CA LYS B 371 30.53 18.31 -14.03
C LYS B 371 29.94 16.95 -14.44
N ALA B 372 29.65 16.76 -15.73
CA ALA B 372 29.13 15.46 -16.19
C ALA B 372 30.11 14.30 -15.93
N PHE B 373 31.40 14.55 -16.16
CA PHE B 373 32.44 13.52 -16.03
C PHE B 373 33.00 13.48 -14.62
N SER B 374 32.21 12.94 -13.71
CA SER B 374 32.54 12.93 -12.29
C SER B 374 31.68 11.91 -11.57
N ILE B 375 32.00 11.64 -10.31
CA ILE B 375 31.18 10.77 -9.46
C ILE B 375 29.70 11.18 -9.48
N MET B 376 29.43 12.43 -9.12
CA MET B 376 28.04 12.89 -9.07
C MET B 376 27.43 13.02 -10.46
N GLY B 377 28.24 13.37 -11.45
CA GLY B 377 27.77 13.46 -12.84
C GLY B 377 27.19 12.13 -13.32
N ARG B 378 27.83 11.03 -12.95
CA ARG B 378 27.33 9.71 -13.35
C ARG B 378 25.98 9.39 -12.70
N HIS B 379 25.79 9.78 -11.44
CA HIS B 379 24.49 9.57 -10.80
C HIS B 379 23.40 10.45 -11.42
N VAL B 380 23.76 11.71 -11.69
CA VAL B 380 22.85 12.65 -12.36
C VAL B 380 22.41 12.12 -13.73
N ALA B 381 23.37 11.66 -14.52
CA ALA B 381 23.08 11.10 -15.85
C ALA B 381 22.09 9.93 -15.71
N ARG B 382 22.34 9.07 -14.74
CA ARG B 382 21.48 7.91 -14.54
C ARG B 382 20.05 8.30 -14.12
N ALA B 383 19.92 9.27 -13.22
CA ALA B 383 18.60 9.76 -12.79
C ALA B 383 17.86 10.44 -13.94
N GLU B 384 18.56 11.29 -14.67
CA GLU B 384 17.96 11.97 -15.82
C GLU B 384 17.51 10.97 -16.87
N GLU B 385 18.32 9.94 -17.11
CA GLU B 385 17.97 8.91 -18.09
C GLU B 385 16.76 8.08 -17.64
N THR B 386 16.64 7.87 -16.33
CA THR B 386 15.45 7.20 -15.81
C THR B 386 14.20 8.01 -16.17
N TRP B 387 14.26 9.32 -15.97
CA TRP B 387 13.14 10.18 -16.34
C TRP B 387 12.88 10.13 -17.86
N LEU B 388 13.96 10.20 -18.64
CA LEU B 388 13.85 10.22 -20.11
C LEU B 388 13.23 8.92 -20.63
N THR B 389 13.64 7.80 -20.03
CA THR B 389 13.09 6.49 -20.36
C THR B 389 11.61 6.41 -19.96
N ALA B 390 11.26 6.99 -18.82
CA ALA B 390 9.85 7.01 -18.40
C ALA B 390 8.98 7.79 -19.41
N VAL B 391 9.49 8.93 -19.87
CA VAL B 391 8.78 9.70 -20.92
C VAL B 391 8.55 8.80 -22.15
N ALA B 392 9.57 8.03 -22.53
CA ALA B 392 9.46 7.14 -23.70
C ALA B 392 8.44 6.03 -23.46
N VAL B 393 8.49 5.39 -22.30
CA VAL B 393 7.56 4.31 -21.96
C VAL B 393 6.10 4.83 -22.01
N GLU B 394 5.88 6.03 -21.48
CA GLU B 394 4.58 6.67 -21.48
C GLU B 394 4.06 6.79 -22.93
N LYS B 395 4.95 7.18 -23.84
CA LYS B 395 4.62 7.24 -25.25
C LYS B 395 4.36 5.85 -25.87
N TRP B 396 5.23 4.88 -25.57
CA TRP B 396 5.09 3.54 -26.13
C TRP B 396 3.78 2.87 -25.71
N LEU B 397 3.34 3.18 -24.49
CA LEU B 397 2.05 2.72 -23.98
C LEU B 397 0.86 3.22 -24.81
N LYS B 398 1.03 4.35 -25.49
CA LYS B 398 0.00 4.88 -26.41
C LYS B 398 0.14 4.27 -27.82
N GLN B 399 1.37 3.91 -28.19
CA GLN B 399 1.64 3.38 -29.53
C GLN B 399 1.29 1.89 -29.65
N VAL B 400 1.51 1.13 -28.58
CA VAL B 400 1.26 -0.31 -28.63
C VAL B 400 -0.20 -0.58 -29.02
N GLN B 401 -0.41 -1.57 -29.89
CA GLN B 401 -1.73 -1.89 -30.41
C GLN B 401 -2.22 -3.24 -29.88
N PRO B 402 -3.23 -3.23 -29.00
CA PRO B 402 -3.77 -4.50 -28.53
C PRO B 402 -4.18 -5.37 -29.71
N GLY B 403 -3.81 -6.64 -29.65
CA GLY B 403 -4.24 -7.58 -30.68
C GLY B 403 -3.30 -7.72 -31.88
N ALA B 404 -2.42 -6.74 -32.09
CA ALA B 404 -1.54 -6.77 -33.28
C ALA B 404 -0.38 -7.76 -33.13
N GLU B 405 -0.19 -8.58 -34.16
CA GLU B 405 0.81 -9.65 -34.17
C GLU B 405 2.19 -9.16 -33.72
N THR B 406 2.80 -9.92 -32.80
CA THR B 406 4.12 -9.57 -32.25
C THR B 406 5.19 -10.58 -32.68
N TYR B 407 4.77 -11.67 -33.31
CA TYR B 407 5.68 -12.78 -33.65
C TYR B 407 5.62 -13.14 -35.12
N VAL B 408 6.79 -13.38 -35.70
CA VAL B 408 6.92 -13.84 -37.08
C VAL B 408 7.74 -15.13 -37.05
N LYS B 409 7.25 -16.16 -37.74
CA LYS B 409 7.93 -17.45 -37.80
C LYS B 409 9.30 -17.36 -38.51
N SER B 410 10.20 -18.27 -38.16
CA SER B 410 11.52 -18.34 -38.79
C SER B 410 12.01 -19.78 -38.74
N GLU B 411 13.11 -20.08 -39.43
CA GLU B 411 13.75 -21.37 -39.39
C GLU B 411 15.22 -21.18 -39.09
N ILE B 412 15.81 -22.06 -38.29
CA ILE B 412 17.25 -22.02 -38.04
C ILE B 412 18.00 -22.20 -39.38
N PRO B 413 18.87 -21.23 -39.71
CA PRO B 413 19.66 -21.37 -40.95
C PRO B 413 20.80 -22.37 -40.76
N ASP B 414 21.25 -22.97 -41.86
CA ASP B 414 22.44 -23.81 -41.81
C ASP B 414 23.65 -22.99 -41.38
N ALA B 415 23.90 -21.90 -42.11
CA ALA B 415 25.09 -21.09 -41.96
C ALA B 415 24.70 -19.62 -42.05
N ALA B 416 25.12 -18.84 -41.05
CA ALA B 416 24.74 -17.44 -41.00
C ALA B 416 25.54 -16.73 -39.92
N GLU B 417 25.48 -15.42 -39.94
CA GLU B 417 25.94 -14.64 -38.80
C GLU B 417 24.97 -13.50 -38.52
N GLY B 418 24.93 -13.06 -37.27
CA GLY B 418 24.11 -11.93 -36.88
C GLY B 418 24.70 -11.22 -35.68
N THR B 419 24.45 -9.91 -35.59
CA THR B 419 24.86 -9.14 -34.43
C THR B 419 23.68 -8.33 -33.91
N GLY B 420 23.46 -8.41 -32.61
CA GLY B 420 22.44 -7.62 -31.93
C GLY B 420 23.14 -6.51 -31.18
N PHE B 421 22.74 -5.26 -31.45
CA PHE B 421 23.31 -4.09 -30.78
C PHE B 421 22.21 -3.46 -29.92
N THR B 422 22.56 -3.09 -28.70
CA THR B 422 21.65 -2.37 -27.82
C THR B 422 22.48 -1.65 -26.75
N GLU B 423 21.81 -1.06 -25.77
CA GLU B 423 22.48 -0.55 -24.58
C GLU B 423 21.82 -1.18 -23.38
N ALA B 424 22.60 -1.94 -22.62
CA ALA B 424 22.16 -2.37 -21.31
C ALA B 424 22.08 -1.14 -20.41
N PRO B 425 21.32 -1.23 -19.31
CA PRO B 425 21.29 -0.09 -18.37
C PRO B 425 22.69 0.44 -17.99
N ARG B 426 23.69 -0.43 -18.00
CA ARG B 426 25.04 -0.02 -17.63
C ARG B 426 25.93 0.38 -18.79
N GLY B 427 25.46 0.18 -20.03
CA GLY B 427 26.22 0.63 -21.20
C GLY B 427 26.13 -0.25 -22.43
N ALA B 428 26.93 0.10 -23.43
CA ALA B 428 26.89 -0.51 -24.76
C ALA B 428 26.99 -2.02 -24.70
N LEU B 429 26.12 -2.69 -25.44
CA LEU B 429 26.06 -4.16 -25.44
C LEU B 429 25.86 -4.70 -26.85
N LEU B 430 26.70 -5.64 -27.26
CA LEU B 430 26.42 -6.41 -28.47
C LEU B 430 26.65 -7.90 -28.21
N HIS B 431 25.88 -8.70 -28.94
CA HIS B 431 26.08 -10.15 -29.03
C HIS B 431 26.31 -10.48 -30.48
N TYR B 432 27.40 -11.18 -30.76
CA TYR B 432 27.73 -11.64 -32.08
C TYR B 432 27.48 -13.16 -32.15
N LEU B 433 26.74 -13.59 -33.16
CA LEU B 433 26.33 -15.00 -33.33
C LEU B 433 26.76 -15.55 -34.68
N LYS B 434 27.53 -16.64 -34.67
CA LYS B 434 27.89 -17.34 -35.91
C LYS B 434 27.32 -18.75 -35.87
N ILE B 435 26.62 -19.11 -36.93
CA ILE B 435 25.91 -20.38 -37.01
C ILE B 435 26.52 -21.24 -38.11
N LYS B 436 26.74 -22.52 -37.80
CA LYS B 436 27.24 -23.51 -38.77
C LYS B 436 26.55 -24.83 -38.47
N ASP B 437 26.10 -25.52 -39.53
CA ASP B 437 25.33 -26.76 -39.37
C ASP B 437 24.15 -26.60 -38.39
N LYS B 438 23.47 -25.45 -38.47
CA LYS B 438 22.33 -25.09 -37.61
C LYS B 438 22.64 -25.02 -36.10
N LYS B 439 23.91 -24.92 -35.75
CA LYS B 439 24.34 -24.85 -34.35
C LYS B 439 25.23 -23.63 -34.10
N ILE B 440 25.32 -23.19 -32.85
CA ILE B 440 26.22 -22.08 -32.52
C ILE B 440 27.67 -22.50 -32.74
N GLU B 441 28.32 -21.85 -33.70
CA GLU B 441 29.74 -22.08 -33.96
C GLU B 441 30.61 -21.19 -33.07
N ASN B 442 30.25 -19.90 -33.00
CA ASN B 442 30.91 -18.96 -32.11
C ASN B 442 29.84 -18.00 -31.60
N TYR B 443 29.97 -17.58 -30.34
CA TYR B 443 29.09 -16.56 -29.79
C TYR B 443 29.98 -15.65 -28.96
N GLN B 444 29.98 -14.36 -29.28
CA GLN B 444 30.88 -13.43 -28.60
C GLN B 444 30.07 -12.27 -28.03
N ILE B 445 30.25 -12.03 -26.74
CA ILE B 445 29.52 -11.00 -26.02
C ILE B 445 30.47 -9.85 -25.65
N VAL B 446 30.10 -8.62 -26.02
CA VAL B 446 30.86 -7.43 -25.64
C VAL B 446 29.85 -6.62 -24.84
N SER B 447 30.05 -6.64 -23.52
N SER B 447 30.02 -6.59 -23.52
CA SER B 447 29.07 -6.07 -22.61
CA SER B 447 28.90 -6.23 -22.62
C SER B 447 29.47 -4.72 -22.06
C SER B 447 29.14 -5.19 -21.51
N ALA B 448 28.55 -4.16 -21.30
N ALA B 448 28.58 -4.00 -21.70
CA ALA B 448 28.62 -2.82 -20.78
C ALA B 448 29.78 -2.69 -19.77
N THR B 449 29.67 -3.31 -18.61
CA THR B 449 30.72 -3.15 -17.59
C THR B 449 32.08 -3.62 -18.12
N LEU B 450 32.07 -4.52 -19.11
CA LEU B 450 33.29 -4.85 -19.85
C LEU B 450 34.06 -3.57 -20.27
N TRP B 451 33.34 -2.58 -20.81
CA TRP B 451 33.97 -1.32 -21.23
C TRP B 451 34.45 -0.44 -20.08
N ASN B 452 33.86 -0.60 -18.90
CA ASN B 452 34.19 0.26 -17.75
C ASN B 452 35.23 -0.34 -16.81
N ALA B 453 35.06 -1.62 -16.46
CA ALA B 453 35.82 -2.25 -15.39
C ALA B 453 36.94 -3.15 -15.89
N ASN B 454 37.39 -2.90 -17.12
CA ASN B 454 38.47 -3.70 -17.70
C ASN B 454 39.86 -3.33 -17.16
N PRO B 455 40.82 -4.26 -17.29
CA PRO B 455 42.18 -3.98 -16.88
C PRO B 455 42.94 -3.24 -17.98
N ARG B 456 44.23 -3.00 -17.74
CA ARG B 456 45.10 -2.41 -18.73
C ARG B 456 45.12 -3.24 -20.01
N ASP B 457 45.21 -2.56 -21.16
CA ASP B 457 45.42 -3.25 -22.43
C ASP B 457 46.93 -3.55 -22.61
N ASP B 458 47.27 -4.14 -23.76
CA ASP B 458 48.65 -4.55 -24.03
C ASP B 458 49.63 -3.36 -24.01
N MET B 459 49.09 -2.15 -24.18
CA MET B 459 49.93 -0.93 -24.21
C MET B 459 49.93 -0.17 -22.88
N GLY B 460 49.37 -0.80 -21.85
CA GLY B 460 49.42 -0.24 -20.50
C GLY B 460 48.38 0.82 -20.21
N GLN B 461 47.47 1.06 -21.17
CA GLN B 461 46.41 2.05 -20.96
C GLN B 461 45.39 1.50 -19.97
N ARG B 462 45.20 2.21 -18.85
CA ARG B 462 44.24 1.80 -17.81
C ARG B 462 42.81 1.79 -18.35
N GLY B 463 42.00 0.85 -17.85
CA GLY B 463 40.57 0.86 -18.12
C GLY B 463 39.91 2.11 -17.53
N PRO B 464 38.66 2.40 -17.95
CA PRO B 464 38.03 3.66 -17.51
C PRO B 464 37.89 3.83 -15.99
N ILE B 465 37.45 2.80 -15.28
CA ILE B 465 37.33 2.91 -13.82
C ILE B 465 38.73 3.10 -13.18
N GLU B 466 39.71 2.33 -13.64
CA GLU B 466 41.10 2.49 -13.20
C GLU B 466 41.56 3.95 -13.38
N GLU B 467 41.31 4.51 -14.56
CA GLU B 467 41.74 5.86 -14.88
C GLU B 467 40.98 6.91 -14.07
N ALA B 468 39.67 6.69 -13.90
CA ALA B 468 38.81 7.62 -13.17
C ALA B 468 39.16 7.67 -11.68
N LEU B 469 39.76 6.60 -11.16
CA LEU B 469 40.23 6.58 -9.78
C LEU B 469 41.42 7.51 -9.53
N ILE B 470 42.21 7.77 -10.56
CA ILE B 470 43.37 8.64 -10.43
C ILE B 470 42.91 10.07 -10.07
N GLY B 471 43.44 10.59 -8.96
CA GLY B 471 43.06 11.91 -8.46
C GLY B 471 41.98 11.91 -7.40
N VAL B 472 41.32 10.77 -7.18
CA VAL B 472 40.24 10.72 -6.19
C VAL B 472 40.82 10.97 -4.79
N PRO B 473 40.23 11.90 -4.03
CA PRO B 473 40.78 12.19 -2.70
C PRO B 473 40.59 11.08 -1.69
N VAL B 474 41.66 10.75 -0.98
CA VAL B 474 41.60 9.81 0.15
C VAL B 474 42.33 10.47 1.33
N PRO B 475 41.66 11.44 1.99
CA PRO B 475 42.27 12.11 3.16
C PRO B 475 42.35 11.21 4.39
N ASP B 476 41.59 10.11 4.42
CA ASP B 476 41.58 9.16 5.53
C ASP B 476 41.73 7.73 4.98
N ILE B 477 42.95 7.19 5.09
CA ILE B 477 43.29 5.89 4.49
C ILE B 477 42.48 4.75 5.11
N LYS B 478 42.11 4.88 6.38
CA LYS B 478 41.29 3.86 7.06
C LYS B 478 39.81 3.92 6.69
N ASN B 479 39.38 5.04 6.09
CA ASN B 479 38.00 5.21 5.67
C ASN B 479 37.99 5.77 4.25
N PRO B 480 38.45 4.96 3.26
CA PRO B 480 38.66 5.48 1.90
C PRO B 480 37.35 5.51 1.09
N VAL B 481 36.39 6.27 1.59
CA VAL B 481 35.02 6.19 1.08
C VAL B 481 34.89 6.61 -0.39
N ASN B 482 35.79 7.47 -0.86
CA ASN B 482 35.64 7.99 -2.22
C ASN B 482 36.04 7.01 -3.29
N VAL B 483 36.86 6.01 -2.90
CA VAL B 483 37.22 4.92 -3.81
C VAL B 483 35.95 4.14 -4.20
N GLY B 484 35.22 3.64 -3.21
CA GLY B 484 33.95 2.95 -3.48
C GLY B 484 32.91 3.87 -4.14
N ARG B 485 32.86 5.14 -3.74
CA ARG B 485 31.92 6.06 -4.37
C ARG B 485 32.18 6.19 -5.86
N LEU B 486 33.44 6.28 -6.25
CA LEU B 486 33.77 6.38 -7.68
C LEU B 486 33.34 5.10 -8.39
N VAL B 487 33.78 3.96 -7.86
CA VAL B 487 33.48 2.68 -8.49
C VAL B 487 31.97 2.48 -8.68
N ARG B 488 31.20 2.77 -7.63
CA ARG B 488 29.75 2.53 -7.66
C ARG B 488 29.02 3.52 -8.56
N SER B 489 29.64 4.69 -8.82
CA SER B 489 29.02 5.66 -9.74
C SER B 489 28.89 5.08 -11.16
N TYR B 490 29.76 4.12 -11.49
CA TYR B 490 29.70 3.39 -12.77
C TYR B 490 28.69 2.25 -12.78
N ASP B 491 28.10 1.93 -11.63
CA ASP B 491 27.12 0.84 -11.55
C ASP B 491 27.69 -0.48 -12.16
N PRO B 492 28.85 -0.96 -11.65
CA PRO B 492 29.43 -2.14 -12.29
C PRO B 492 28.65 -3.45 -12.09
N SEC B 493 28.67 -4.28 -13.12
CA SEC B 493 28.13 -5.63 -13.12
C SEC B 493 29.23 -6.55 -13.55
N SE7 B 493 28.67 -4.28 -13.12
CA SE7 B 493 28.13 -5.63 -13.12
C SE7 B 493 29.23 -6.55 -13.55
O SE7 B 493 29.57 -6.59 -14.74
CB SE7 B 493 27.05 -5.81 -14.16
SEG SE7 B 493 25.27 -5.40 -13.43
OD1 SE7 B 493 24.75 -5.37 -15.18
OD2 SE7 B 493 24.48 -6.85 -13.02
N UOX B 493 28.67 -4.28 -13.12
CA UOX B 493 28.13 -5.63 -13.12
CB UOX B 493 27.08 -5.61 -14.22
SE UOX B 493 25.43 -6.65 -13.97
OD UOX B 493 24.75 -5.86 -15.49
C UOX B 493 29.23 -6.55 -13.55
O UOX B 493 29.57 -6.59 -14.74
N LEU B 494 29.82 -7.30 -12.62
CA LEU B 494 30.98 -8.12 -12.99
C LEU B 494 30.61 -9.45 -13.63
N GLY B 495 29.38 -9.90 -13.38
CA GLY B 495 28.82 -11.04 -14.10
C GLY B 495 28.78 -10.68 -15.58
N CYS B 496 28.21 -9.52 -15.91
CA CYS B 496 28.22 -9.07 -17.32
C CYS B 496 29.61 -8.88 -17.85
N ALA B 497 30.49 -8.30 -17.04
CA ALA B 497 31.83 -7.93 -17.53
C ALA B 497 32.60 -9.14 -18.00
N VAL B 498 32.40 -10.27 -17.31
CA VAL B 498 33.23 -11.47 -17.53
C VAL B 498 32.48 -12.56 -18.31
N HIS B 499 31.22 -12.78 -17.94
CA HIS B 499 30.37 -13.84 -18.50
C HIS B 499 31.12 -15.17 -18.62
N ALA C 5 -51.59 -9.13 7.48
CA ALA C 5 -50.96 -8.55 6.27
C ALA C 5 -49.48 -8.86 6.18
N LYS C 6 -49.04 -9.28 5.00
CA LYS C 6 -47.63 -9.58 4.74
C LYS C 6 -46.78 -8.32 4.94
N LYS C 7 -45.50 -8.50 5.27
CA LYS C 7 -44.62 -7.35 5.55
C LYS C 7 -44.14 -6.72 4.25
N ALA C 8 -43.90 -5.41 4.28
CA ALA C 8 -43.38 -4.68 3.11
C ALA C 8 -41.89 -4.98 2.91
N PRO C 9 -41.51 -5.61 1.76
CA PRO C 9 -40.09 -5.85 1.52
C PRO C 9 -39.35 -4.54 1.27
N VAL C 10 -38.19 -4.37 1.92
CA VAL C 10 -37.41 -3.15 1.79
C VAL C 10 -35.94 -3.48 1.48
N ILE C 11 -35.40 -2.82 0.46
CA ILE C 11 -33.95 -2.81 0.26
C ILE C 11 -33.53 -1.36 0.53
N TRP C 12 -32.69 -1.18 1.54
CA TRP C 12 -32.24 0.15 1.95
C TRP C 12 -30.80 0.33 1.53
N VAL C 13 -30.56 1.26 0.61
CA VAL C 13 -29.21 1.52 0.09
C VAL C 13 -28.70 2.90 0.52
N GLN C 14 -27.40 2.98 0.77
CA GLN C 14 -26.76 4.25 1.17
C GLN C 14 -25.77 4.71 0.12
N GLY C 15 -25.90 5.96 -0.29
CA GLY C 15 -24.92 6.60 -1.17
C GLY C 15 -24.09 7.57 -0.38
N GLN C 16 -24.15 8.85 -0.74
CA GLN C 16 -23.45 9.86 0.03
C GLN C 16 -24.31 10.31 1.20
N GLY C 17 -24.44 9.41 2.18
CA GLY C 17 -25.25 9.67 3.37
C GLY C 17 -24.37 9.74 4.61
N CYS C 18 -25.00 10.12 5.72
CA CYS C 18 -24.31 10.18 7.02
C CYS C 18 -24.87 9.15 7.98
N THR C 19 -25.82 8.33 7.50
CA THR C 19 -26.51 7.33 8.32
C THR C 19 -27.53 7.94 9.30
N GLY C 20 -27.65 9.27 9.29
CA GLY C 20 -28.61 10.00 10.12
C GLY C 20 -30.08 9.69 9.82
N CYS C 21 -30.41 9.40 8.56
CA CYS C 21 -31.79 9.02 8.22
C CYS C 21 -32.11 7.66 8.84
N SER C 22 -31.15 6.75 8.79
CA SER C 22 -31.29 5.44 9.45
C SER C 22 -31.40 5.61 10.96
N VAL C 23 -30.53 6.41 11.56
CA VAL C 23 -30.59 6.58 13.02
C VAL C 23 -31.93 7.21 13.41
N SER C 24 -32.40 8.17 12.62
CA SER C 24 -33.70 8.77 12.91
C SER C 24 -34.82 7.73 12.84
N LEU C 25 -34.75 6.86 11.84
CA LEU C 25 -35.69 5.73 11.76
C LEU C 25 -35.67 4.86 13.04
N LEU C 26 -34.48 4.58 13.57
CA LEU C 26 -34.35 3.80 14.81
C LEU C 26 -35.05 4.46 15.99
N ASN C 27 -35.28 5.78 15.90
CA ASN C 27 -35.99 6.53 16.95
C ASN C 27 -37.54 6.48 16.85
N ALA C 28 -38.07 5.68 15.92
CA ALA C 28 -39.52 5.62 15.68
C ALA C 28 -40.32 5.31 16.96
N VAL C 29 -41.51 5.89 17.06
CA VAL C 29 -42.47 5.53 18.11
C VAL C 29 -43.85 5.39 17.46
N HIS C 30 -44.69 4.52 18.00
CA HIS C 30 -46.06 4.31 17.47
C HIS C 30 -46.14 3.99 15.96
N PRO C 31 -45.50 2.90 15.50
CA PRO C 31 -44.76 1.87 16.23
C PRO C 31 -43.28 2.20 16.43
N ARG C 32 -42.69 1.50 17.39
CA ARG C 32 -41.25 1.55 17.61
C ARG C 32 -40.51 0.60 16.67
N ILE C 33 -39.19 0.74 16.61
CA ILE C 33 -38.40 0.01 15.61
C ILE C 33 -38.49 -1.53 15.74
N LYS C 34 -38.62 -2.06 16.95
CA LYS C 34 -38.72 -3.52 17.07
C LYS C 34 -39.95 -4.03 16.31
N GLU C 35 -41.09 -3.39 16.54
CA GLU C 35 -42.33 -3.74 15.86
C GLU C 35 -42.23 -3.47 14.35
N ILE C 36 -41.54 -2.41 13.95
CA ILE C 36 -41.34 -2.12 12.53
C ILE C 36 -40.62 -3.31 11.86
N LEU C 37 -39.50 -3.72 12.45
CA LEU C 37 -38.66 -4.76 11.88
C LEU C 37 -39.31 -6.14 11.91
N LEU C 38 -40.03 -6.44 12.98
CA LEU C 38 -40.61 -7.78 13.12
C LEU C 38 -42.01 -7.91 12.54
N ASP C 39 -42.75 -6.81 12.50
CA ASP C 39 -44.17 -6.87 12.11
C ASP C 39 -44.58 -6.07 10.88
N VAL C 40 -43.81 -5.04 10.50
CA VAL C 40 -44.28 -4.09 9.47
C VAL C 40 -43.53 -4.24 8.13
N ILE C 41 -42.21 -4.29 8.22
CA ILE C 41 -41.36 -4.42 7.03
C ILE C 41 -40.46 -5.65 7.11
N SER C 42 -40.01 -6.11 5.96
CA SER C 42 -38.94 -7.08 5.94
C SER C 42 -37.72 -6.34 5.42
N LEU C 43 -36.85 -5.92 6.35
CA LEU C 43 -35.66 -5.18 5.98
C LEU C 43 -34.62 -6.16 5.43
N GLU C 44 -34.61 -6.30 4.11
CA GLU C 44 -33.84 -7.37 3.47
C GLU C 44 -32.36 -7.05 3.35
N PHE C 45 -32.07 -5.77 3.11
CA PHE C 45 -30.71 -5.30 2.96
C PHE C 45 -30.63 -3.93 3.63
N HIS C 46 -29.65 -3.76 4.51
CA HIS C 46 -29.38 -2.47 5.15
C HIS C 46 -27.96 -2.55 5.65
N PRO C 47 -27.06 -1.74 5.06
CA PRO C 47 -25.63 -1.93 5.36
C PRO C 47 -25.25 -1.73 6.82
N THR C 48 -26.03 -0.95 7.56
CA THR C 48 -25.66 -0.60 8.93
C THR C 48 -26.01 -1.69 9.94
N VAL C 49 -27.05 -2.47 9.67
CA VAL C 49 -27.59 -3.39 10.70
C VAL C 49 -27.68 -4.89 10.30
N MET C 50 -27.56 -5.21 9.02
CA MET C 50 -27.81 -6.59 8.58
C MET C 50 -26.68 -7.55 9.01
N ALA C 51 -27.02 -8.83 9.14
CA ALA C 51 -26.07 -9.84 9.64
C ALA C 51 -24.93 -10.14 8.67
N SER C 52 -25.29 -10.34 7.41
CA SER C 52 -24.33 -10.72 6.39
C SER C 52 -23.52 -9.53 5.88
N GLU C 53 -22.38 -9.84 5.25
CA GLU C 53 -21.47 -8.85 4.74
C GLU C 53 -21.00 -9.24 3.34
N GLY C 54 -20.36 -8.29 2.66
CA GLY C 54 -19.63 -8.56 1.41
C GLY C 54 -20.43 -9.34 0.39
N GLU C 55 -19.83 -10.40 -0.15
CA GLU C 55 -20.47 -11.19 -1.21
C GLU C 55 -21.85 -11.72 -0.81
N MET C 56 -21.96 -12.21 0.42
CA MET C 56 -23.23 -12.76 0.89
C MET C 56 -24.33 -11.69 0.96
N ALA C 57 -23.97 -10.52 1.49
CA ALA C 57 -24.93 -9.41 1.61
C ALA C 57 -25.44 -8.96 0.24
N LEU C 58 -24.52 -8.76 -0.70
CA LEU C 58 -24.88 -8.33 -2.05
C LEU C 58 -25.67 -9.39 -2.81
N ALA C 59 -25.24 -10.65 -2.70
CA ALA C 59 -25.95 -11.74 -3.36
C ALA C 59 -27.40 -11.81 -2.86
N HIS C 60 -27.58 -11.64 -1.55
CA HIS C 60 -28.92 -11.63 -0.99
C HIS C 60 -29.75 -10.45 -1.54
N MET C 61 -29.15 -9.26 -1.56
CA MET C 61 -29.80 -8.06 -2.12
C MET C 61 -30.29 -8.30 -3.56
N TYR C 62 -29.40 -8.77 -4.42
CA TYR C 62 -29.79 -9.06 -5.80
C TYR C 62 -30.84 -10.18 -5.92
N GLU C 63 -30.75 -11.19 -5.05
CA GLU C 63 -31.73 -12.29 -5.06
C GLU C 63 -33.14 -11.79 -4.71
N ILE C 64 -33.23 -10.96 -3.68
CA ILE C 64 -34.48 -10.32 -3.28
C ILE C 64 -35.01 -9.44 -4.41
N ALA C 65 -34.15 -8.64 -5.02
CA ALA C 65 -34.57 -7.76 -6.12
C ALA C 65 -35.16 -8.57 -7.28
N GLU C 66 -34.63 -9.76 -7.51
CA GLU C 66 -35.16 -10.67 -8.54
C GLU C 66 -36.45 -11.36 -8.08
N LYS C 67 -36.41 -12.00 -6.92
CA LYS C 67 -37.56 -12.74 -6.38
C LYS C 67 -38.75 -11.82 -6.09
N PHE C 68 -38.46 -10.60 -5.62
CA PHE C 68 -39.50 -9.62 -5.31
C PHE C 68 -39.56 -8.48 -6.33
N ASN C 69 -39.17 -8.78 -7.56
CA ASN C 69 -39.23 -7.78 -8.64
C ASN C 69 -40.63 -7.15 -8.72
N GLY C 70 -40.65 -5.83 -8.74
CA GLY C 70 -41.89 -5.06 -8.80
C GLY C 70 -42.66 -5.09 -7.48
N ASN C 71 -42.04 -5.62 -6.43
CA ASN C 71 -42.73 -5.87 -5.16
C ASN C 71 -41.84 -5.61 -3.93
N PHE C 72 -40.85 -4.75 -4.08
CA PHE C 72 -40.08 -4.25 -2.92
C PHE C 72 -39.92 -2.74 -2.98
N PHE C 73 -39.82 -2.10 -1.82
CA PHE C 73 -39.48 -0.68 -1.76
C PHE C 73 -37.96 -0.49 -1.76
N LEU C 74 -37.48 0.35 -2.68
CA LEU C 74 -36.10 0.78 -2.69
C LEU C 74 -35.99 2.09 -1.91
N LEU C 75 -35.40 1.99 -0.72
CA LEU C 75 -35.16 3.16 0.11
C LEU C 75 -33.74 3.65 -0.09
N VAL C 76 -33.61 4.95 -0.36
CA VAL C 76 -32.32 5.52 -0.70
C VAL C 76 -31.97 6.62 0.29
N GLU C 77 -30.84 6.42 0.99
CA GLU C 77 -30.32 7.38 1.96
C GLU C 77 -29.01 7.93 1.39
N GLY C 78 -28.90 9.25 1.27
CA GLY C 78 -27.68 9.86 0.75
C GLY C 78 -27.78 10.21 -0.73
N ALA C 79 -26.91 11.11 -1.19
CA ALA C 79 -26.92 11.54 -2.58
C ALA C 79 -26.15 10.59 -3.52
N ILE C 80 -26.25 10.87 -4.82
CA ILE C 80 -25.61 10.04 -5.84
C ILE C 80 -24.54 10.86 -6.57
N PRO C 81 -23.24 10.56 -6.32
CA PRO C 81 -22.22 11.38 -6.99
C PRO C 81 -21.88 10.85 -8.38
N THR C 82 -21.94 11.72 -9.38
CA THR C 82 -21.74 11.29 -10.77
C THR C 82 -20.38 11.69 -11.35
N ALA C 83 -19.59 12.49 -10.63
CA ALA C 83 -18.27 12.87 -11.13
C ALA C 83 -17.33 11.68 -11.10
N LYS C 84 -16.25 11.77 -11.87
CA LYS C 84 -15.23 10.70 -11.90
C LYS C 84 -15.88 9.32 -12.10
N GLU C 85 -16.83 9.22 -13.04
CA GLU C 85 -17.46 7.94 -13.39
C GLU C 85 -18.11 7.23 -12.19
N GLY C 86 -18.64 8.02 -11.25
CA GLY C 86 -19.34 7.50 -10.07
C GLY C 86 -18.45 7.00 -8.94
N ARG C 87 -17.13 7.18 -9.09
CA ARG C 87 -16.15 6.62 -8.16
C ARG C 87 -16.03 7.30 -6.78
N TYR C 88 -16.78 8.38 -6.55
CA TYR C 88 -16.85 8.96 -5.20
C TYR C 88 -17.84 8.23 -4.28
N CYS C 89 -18.48 7.18 -4.79
CA CYS C 89 -19.26 6.31 -3.91
C CYS C 89 -19.31 4.86 -4.41
N ILE C 90 -18.44 4.03 -3.85
CA ILE C 90 -18.43 2.60 -4.15
C ILE C 90 -19.22 1.90 -3.06
N VAL C 91 -20.26 1.18 -3.46
CA VAL C 91 -21.16 0.54 -2.47
C VAL C 91 -20.86 -0.93 -2.23
N GLY C 92 -20.01 -1.52 -3.08
CA GLY C 92 -19.68 -2.93 -2.92
C GLY C 92 -18.84 -3.48 -4.05
N GLU C 93 -18.47 -4.74 -3.90
CA GLU C 93 -17.68 -5.43 -4.89
C GLU C 93 -18.20 -6.85 -5.04
N THR C 94 -18.54 -7.22 -6.27
CA THR C 94 -18.98 -8.59 -6.56
C THR C 94 -17.82 -9.43 -7.09
N LEU C 95 -18.02 -10.75 -7.11
CA LEU C 95 -17.05 -11.70 -7.63
C LEU C 95 -17.75 -12.53 -8.71
N ASP C 96 -17.21 -12.54 -9.92
CA ASP C 96 -17.84 -13.27 -11.04
C ASP C 96 -17.51 -14.78 -11.06
N ALA C 97 -18.01 -15.48 -12.07
CA ALA C 97 -17.69 -16.90 -12.28
C ALA C 97 -16.21 -17.13 -12.57
N LYS C 98 -15.64 -16.22 -13.37
CA LYS C 98 -14.23 -16.35 -13.80
C LYS C 98 -13.20 -15.83 -12.78
N GLY C 99 -13.66 -15.52 -11.58
CA GLY C 99 -12.78 -15.12 -10.48
C GLY C 99 -12.25 -13.69 -10.52
N HIS C 100 -12.99 -12.78 -11.14
CA HIS C 100 -12.61 -11.36 -11.17
C HIS C 100 -13.60 -10.49 -10.40
N HIS C 101 -13.05 -9.57 -9.60
CA HIS C 101 -13.85 -8.64 -8.79
C HIS C 101 -14.33 -7.45 -9.60
N HIS C 102 -15.53 -6.97 -9.29
CA HIS C 102 -16.10 -5.81 -9.99
C HIS C 102 -16.70 -4.84 -8.98
N GLU C 103 -16.21 -3.60 -9.00
CA GLU C 103 -16.72 -2.53 -8.13
C GLU C 103 -18.12 -2.12 -8.56
N VAL C 104 -18.99 -1.83 -7.60
CA VAL C 104 -20.31 -1.29 -7.92
C VAL C 104 -20.39 0.15 -7.42
N THR C 105 -20.62 1.10 -8.32
CA THR C 105 -20.84 2.48 -7.90
C THR C 105 -22.30 2.70 -7.47
N MET C 106 -22.55 3.78 -6.74
CA MET C 106 -23.92 4.18 -6.38
C MET C 106 -24.77 4.36 -7.64
N MET C 107 -24.22 5.01 -8.66
CA MET C 107 -24.90 5.16 -9.95
C MET C 107 -25.36 3.81 -10.50
N GLU C 108 -24.44 2.87 -10.55
CA GLU C 108 -24.71 1.53 -11.08
C GLU C 108 -25.79 0.83 -10.26
N LEU C 109 -25.70 0.93 -8.94
CA LEU C 109 -26.66 0.28 -8.05
C LEU C 109 -28.09 0.77 -8.24
N ILE C 110 -28.26 2.10 -8.26
CA ILE C 110 -29.59 2.68 -8.44
C ILE C 110 -30.13 2.41 -9.84
N ARG C 111 -29.25 2.46 -10.83
CA ARG C 111 -29.61 2.16 -12.21
C ARG C 111 -30.20 0.75 -12.30
N ASP C 112 -29.61 -0.17 -11.55
CA ASP C 112 -29.99 -1.58 -11.57
C ASP C 112 -31.26 -1.84 -10.77
N LEU C 113 -31.27 -1.39 -9.51
CA LEU C 113 -32.38 -1.71 -8.59
C LEU C 113 -33.67 -0.90 -8.80
N ALA C 114 -33.55 0.37 -9.18
CA ALA C 114 -34.78 1.18 -9.21
C ALA C 114 -35.88 0.64 -10.15
N PRO C 115 -35.52 0.25 -11.39
CA PRO C 115 -36.54 -0.32 -12.28
C PRO C 115 -37.18 -1.61 -11.76
N LYS C 116 -36.45 -2.32 -10.88
CA LYS C 116 -36.91 -3.56 -10.27
C LYS C 116 -37.83 -3.34 -9.07
N SER C 117 -37.83 -2.13 -8.52
CA SER C 117 -38.63 -1.84 -7.32
C SER C 117 -40.12 -1.67 -7.63
N LEU C 118 -40.93 -1.83 -6.58
CA LEU C 118 -42.33 -1.41 -6.53
C LEU C 118 -42.36 0.12 -6.64
N ALA C 119 -41.52 0.76 -5.85
CA ALA C 119 -41.37 2.22 -5.81
C ALA C 119 -40.04 2.51 -5.16
N THR C 120 -39.50 3.68 -5.47
CA THR C 120 -38.30 4.17 -4.81
C THR C 120 -38.72 5.29 -3.88
N VAL C 121 -38.20 5.25 -2.66
CA VAL C 121 -38.47 6.29 -1.67
C VAL C 121 -37.14 6.91 -1.31
N ALA C 122 -36.97 8.19 -1.64
CA ALA C 122 -35.77 8.94 -1.30
C ALA C 122 -35.99 9.48 0.09
N VAL C 123 -35.36 8.88 1.10
CA VAL C 123 -35.47 9.38 2.46
C VAL C 123 -34.32 10.34 2.74
N GLY C 124 -34.67 11.52 3.22
CA GLY C 124 -33.67 12.53 3.55
C GLY C 124 -33.49 13.54 2.44
N THR C 125 -33.04 14.73 2.80
CA THR C 125 -32.80 15.77 1.83
C THR C 125 -31.67 15.46 0.85
N CYS C 126 -30.68 14.67 1.27
CA CYS C 126 -29.60 14.28 0.35
C CYS C 126 -30.15 13.51 -0.86
N SER C 127 -30.84 12.41 -0.60
CA SER C 127 -31.37 11.62 -1.70
C SER C 127 -32.47 12.37 -2.43
N ALA C 128 -33.31 13.07 -1.69
CA ALA C 128 -34.45 13.75 -2.31
C ALA C 128 -34.04 14.93 -3.22
N TYR C 129 -33.12 15.76 -2.74
CA TYR C 129 -32.83 17.06 -3.38
C TYR C 129 -31.36 17.37 -3.57
N GLY C 130 -30.49 16.49 -3.06
CA GLY C 130 -29.03 16.69 -3.14
C GLY C 130 -28.43 17.07 -1.79
N GLY C 131 -29.04 18.06 -1.13
CA GLY C 131 -28.69 18.36 0.26
C GLY C 131 -27.26 18.82 0.44
N ILE C 132 -26.70 18.57 1.62
CA ILE C 132 -25.35 19.02 1.93
C ILE C 132 -24.26 18.51 0.97
N PRO C 133 -24.26 17.21 0.61
CA PRO C 133 -23.22 16.78 -0.34
C PRO C 133 -23.28 17.48 -1.70
N ALA C 134 -24.47 17.97 -2.08
CA ALA C 134 -24.63 18.66 -3.37
C ALA C 134 -24.48 20.17 -3.26
N ALA C 135 -24.09 20.65 -2.07
CA ALA C 135 -24.04 22.09 -1.82
C ALA C 135 -22.82 22.74 -2.44
N GLU C 136 -22.82 24.07 -2.45
CA GLU C 136 -21.76 24.84 -3.10
C GLU C 136 -20.38 24.44 -2.56
N GLY C 137 -19.45 24.20 -3.47
CA GLY C 137 -18.10 23.80 -3.10
C GLY C 137 -17.78 22.33 -3.32
N ASN C 138 -18.82 21.50 -3.43
CA ASN C 138 -18.58 20.05 -3.68
C ASN C 138 -18.06 19.82 -5.10
N VAL C 139 -17.21 18.81 -5.26
CA VAL C 139 -16.64 18.47 -6.57
C VAL C 139 -16.99 17.04 -6.98
N THR C 140 -18.02 16.46 -6.36
CA THR C 140 -18.34 15.04 -6.60
C THR C 140 -19.48 14.85 -7.60
N GLY C 141 -20.01 15.94 -8.15
CA GLY C 141 -21.18 15.87 -9.05
C GLY C 141 -22.37 15.22 -8.34
N SER C 142 -22.51 15.55 -7.06
CA SER C 142 -23.55 14.97 -6.21
C SER C 142 -24.94 15.36 -6.72
N LYS C 143 -25.83 14.37 -6.81
CA LYS C 143 -27.15 14.52 -7.43
C LYS C 143 -28.22 13.85 -6.61
N SER C 144 -29.45 14.37 -6.71
CA SER C 144 -30.61 13.76 -6.09
C SER C 144 -31.05 12.54 -6.89
N VAL C 145 -31.91 11.71 -6.28
CA VAL C 145 -32.51 10.57 -6.96
C VAL C 145 -33.36 11.03 -8.15
N ARG C 146 -34.22 12.03 -7.94
CA ARG C 146 -35.03 12.50 -9.08
C ARG C 146 -34.18 12.97 -10.28
N ASP C 147 -33.09 13.69 -10.01
CA ASP C 147 -32.22 14.15 -11.10
C ASP C 147 -31.59 12.97 -11.82
N PHE C 148 -31.10 12.01 -11.05
CA PHE C 148 -30.48 10.83 -11.62
C PHE C 148 -31.49 10.02 -12.46
N PHE C 149 -32.71 9.84 -11.95
CA PHE C 149 -33.81 9.19 -12.69
C PHE C 149 -34.06 9.90 -14.02
N ALA C 150 -34.07 11.22 -14.00
CA ALA C 150 -34.26 12.03 -15.22
C ALA C 150 -33.13 11.78 -16.23
N ASP C 151 -31.89 11.80 -15.73
CA ASP C 151 -30.71 11.53 -16.58
C ASP C 151 -30.75 10.15 -17.21
N GLU C 152 -31.26 9.18 -16.45
CA GLU C 152 -31.23 7.77 -16.82
C GLU C 152 -32.50 7.33 -17.52
N LYS C 153 -33.45 8.26 -17.65
CA LYS C 153 -34.78 7.99 -18.20
C LYS C 153 -35.47 6.84 -17.44
N ILE C 154 -35.28 6.82 -16.12
CA ILE C 154 -35.94 5.86 -15.26
C ILE C 154 -37.33 6.41 -14.91
N GLU C 155 -38.35 5.63 -15.26
CA GLU C 155 -39.75 5.86 -15.00
CA GLU C 155 -39.74 6.14 -15.03
C GLU C 155 -40.07 4.81 -13.95
C GLU C 155 -40.50 5.74 -13.73
N LYS C 156 -39.98 5.24 -12.71
N LYS C 156 -39.87 4.96 -12.87
CA LYS C 156 -40.41 4.43 -11.59
C LYS C 156 -41.03 5.43 -10.61
N LEU C 157 -42.14 5.03 -9.98
CA LEU C 157 -42.74 5.83 -8.93
C LEU C 157 -41.69 6.21 -7.88
N LEU C 158 -41.57 7.51 -7.64
CA LEU C 158 -40.61 8.06 -6.69
C LEU C 158 -41.34 8.96 -5.70
N VAL C 159 -41.13 8.70 -4.41
CA VAL C 159 -41.68 9.52 -3.35
C VAL C 159 -40.50 10.09 -2.55
N ASN C 160 -40.53 11.39 -2.30
CA ASN C 160 -39.48 12.04 -1.51
C ASN C 160 -39.94 12.26 -0.09
N VAL C 161 -39.12 11.85 0.88
CA VAL C 161 -39.44 12.12 2.29
C VAL C 161 -38.23 12.84 2.89
N PRO C 162 -38.17 14.17 2.69
CA PRO C 162 -36.96 14.91 3.02
C PRO C 162 -36.88 15.31 4.49
N GLY C 163 -35.85 16.09 4.82
CA GLY C 163 -35.51 16.41 6.18
C GLY C 163 -34.08 15.97 6.38
N CYS C 164 -33.39 16.63 7.29
CA CYS C 164 -31.98 16.34 7.53
C CYS C 164 -31.72 16.24 9.04
N PRO C 165 -32.13 15.11 9.66
CA PRO C 165 -32.82 13.95 9.06
C PRO C 165 -34.35 14.15 8.99
N PRO C 166 -35.06 13.28 8.26
CA PRO C 166 -36.51 13.28 8.38
C PRO C 166 -36.90 12.74 9.74
N HIS C 167 -38.07 13.16 10.24
CA HIS C 167 -38.66 12.57 11.43
C HIS C 167 -39.05 11.12 11.12
N PRO C 168 -38.84 10.19 12.08
CA PRO C 168 -39.27 8.82 11.82
C PRO C 168 -40.77 8.71 11.48
N ASP C 169 -41.61 9.58 12.07
CA ASP C 169 -43.05 9.56 11.75
C ASP C 169 -43.30 9.75 10.26
N TRP C 170 -42.50 10.61 9.62
CA TRP C 170 -42.68 10.86 8.18
C TRP C 170 -42.28 9.65 7.34
N MET C 171 -41.17 9.01 7.68
CA MET C 171 -40.69 7.85 6.93
C MET C 171 -41.63 6.65 7.09
N VAL C 172 -41.97 6.33 8.32
CA VAL C 172 -42.83 5.17 8.59
C VAL C 172 -44.24 5.43 8.05
N GLY C 173 -44.78 6.61 8.34
CA GLY C 173 -46.12 6.97 7.87
C GLY C 173 -46.26 6.90 6.35
N THR C 174 -45.24 7.38 5.64
CA THR C 174 -45.28 7.37 4.16
C THR C 174 -45.16 5.94 3.63
N LEU C 175 -44.23 5.17 4.18
CA LEU C 175 -44.03 3.80 3.72
C LEU C 175 -45.28 2.93 3.97
N VAL C 176 -45.85 3.03 5.17
CA VAL C 176 -47.08 2.28 5.47
C VAL C 176 -48.24 2.70 4.60
N ALA C 177 -48.43 4.01 4.42
CA ALA C 177 -49.51 4.49 3.54
C ALA C 177 -49.34 3.92 2.13
N ALA C 178 -48.11 3.93 1.62
CA ALA C 178 -47.83 3.41 0.28
C ALA C 178 -48.12 1.90 0.20
N TRP C 179 -47.70 1.15 1.21
CA TRP C 179 -47.94 -0.30 1.28
C TRP C 179 -49.44 -0.60 1.39
N SER C 180 -50.18 0.16 2.19
CA SER C 180 -51.65 -0.02 2.33
C SER C 180 -52.36 0.18 0.98
N HIS C 181 -51.88 1.15 0.21
CA HIS C 181 -52.38 1.37 -1.16
C HIS C 181 -52.06 0.19 -2.09
N VAL C 182 -50.85 -0.33 -2.02
CA VAL C 182 -50.48 -1.47 -2.86
C VAL C 182 -51.40 -2.68 -2.59
N LEU C 183 -51.71 -2.92 -1.31
CA LEU C 183 -52.48 -4.10 -0.93
C LEU C 183 -53.97 -3.95 -1.20
N ASN C 184 -54.46 -2.72 -1.18
CA ASN C 184 -55.89 -2.45 -1.36
C ASN C 184 -56.07 -1.07 -2.00
N PRO C 185 -55.75 -0.95 -3.30
CA PRO C 185 -55.61 0.39 -3.90
C PRO C 185 -56.91 1.18 -4.05
N THR C 186 -58.05 0.51 -4.15
CA THR C 186 -59.32 1.22 -4.32
C THR C 186 -59.87 1.75 -2.99
N GLU C 187 -59.28 1.36 -1.87
CA GLU C 187 -59.78 1.82 -0.56
C GLU C 187 -58.76 2.60 0.27
N HIS C 188 -57.49 2.48 -0.08
CA HIS C 188 -56.42 3.22 0.59
C HIS C 188 -55.64 3.99 -0.47
N PRO C 189 -55.73 5.33 -0.43
CA PRO C 189 -55.13 6.15 -1.47
C PRO C 189 -53.61 6.22 -1.34
N LEU C 190 -52.92 6.32 -2.47
CA LEU C 190 -51.51 6.68 -2.45
C LEU C 190 -51.41 8.10 -1.86
N PRO C 191 -50.42 8.36 -0.98
CA PRO C 191 -50.29 9.73 -0.45
C PRO C 191 -50.20 10.79 -1.56
N GLU C 192 -50.96 11.87 -1.42
CA GLU C 192 -50.90 12.97 -2.38
C GLU C 192 -49.58 13.72 -2.17
N LEU C 193 -48.92 14.07 -3.27
CA LEU C 193 -47.59 14.69 -3.21
C LEU C 193 -47.62 16.13 -3.68
N ASP C 194 -46.77 16.97 -3.10
CA ASP C 194 -46.61 18.34 -3.57
C ASP C 194 -45.75 18.34 -4.84
N ASP C 195 -45.44 19.51 -5.37
CA ASP C 195 -44.71 19.58 -6.64
C ASP C 195 -43.26 19.10 -6.55
N ASP C 196 -42.75 18.94 -5.33
CA ASP C 196 -41.42 18.35 -5.14
C ASP C 196 -41.46 16.93 -4.61
N GLY C 197 -42.59 16.26 -4.86
CA GLY C 197 -42.70 14.82 -4.66
C GLY C 197 -42.82 14.38 -3.21
N ARG C 198 -43.10 15.32 -2.31
CA ARG C 198 -43.23 14.95 -0.90
C ARG C 198 -44.68 14.90 -0.42
N PRO C 199 -44.98 13.96 0.49
CA PRO C 199 -46.37 13.78 0.92
C PRO C 199 -46.94 14.97 1.68
N LEU C 200 -48.09 15.47 1.21
CA LEU C 200 -48.80 16.54 1.88
C LEU C 200 -49.21 16.20 3.30
N LEU C 201 -49.34 14.89 3.59
CA LEU C 201 -49.63 14.41 4.94
C LEU C 201 -48.68 15.01 5.97
N PHE C 202 -47.41 15.17 5.60
CA PHE C 202 -46.38 15.63 6.53
C PHE C 202 -45.75 16.96 6.14
N PHE C 203 -45.82 17.32 4.86
CA PHE C 203 -45.14 18.53 4.37
C PHE C 203 -46.08 19.56 3.76
N GLY C 204 -47.37 19.45 4.05
CA GLY C 204 -48.37 20.42 3.61
C GLY C 204 -48.37 21.68 4.49
N ASP C 205 -48.15 21.50 5.78
CA ASP C 205 -48.14 22.62 6.74
C ASP C 205 -46.91 23.50 6.59
N ASN C 206 -47.11 24.82 6.65
CA ASN C 206 -46.02 25.77 6.80
C ASN C 206 -45.64 25.90 8.29
N ILE C 207 -44.35 25.80 8.59
CA ILE C 207 -43.88 25.86 9.98
C ILE C 207 -44.36 27.16 10.63
N HIS C 208 -44.07 28.29 9.99
CA HIS C 208 -44.37 29.62 10.52
C HIS C 208 -45.87 29.80 10.80
N GLU C 209 -46.70 29.40 9.85
CA GLU C 209 -48.16 29.54 10.01
C GLU C 209 -48.66 28.75 11.21
N ASN C 210 -47.95 27.68 11.54
CA ASN C 210 -48.32 26.80 12.64
C ASN C 210 -47.53 26.97 13.93
N CYS C 211 -46.71 28.01 13.97
CA CYS C 211 -45.73 28.18 15.04
C CYS C 211 -46.35 28.87 16.26
N PRO C 212 -46.05 28.38 17.48
CA PRO C 212 -46.57 29.02 18.70
C PRO C 212 -46.03 30.44 18.91
N TYR C 213 -44.98 30.81 18.19
CA TYR C 213 -44.41 32.15 18.30
C TYR C 213 -45.04 33.16 17.33
N LEU C 214 -46.02 32.73 16.55
CA LEU C 214 -46.55 33.55 15.45
C LEU C 214 -47.11 34.90 15.91
N ASP C 215 -47.81 34.90 17.05
CA ASP C 215 -48.34 36.15 17.62
C ASP C 215 -47.22 37.13 17.98
N LYS C 216 -46.11 36.60 18.49
CA LYS C 216 -44.94 37.42 18.79
C LYS C 216 -44.32 38.03 17.53
N TYR C 217 -44.17 37.21 16.48
CA TYR C 217 -43.69 37.68 15.17
C TYR C 217 -44.56 38.82 14.66
N ASP C 218 -45.88 38.61 14.69
CA ASP C 218 -46.83 39.61 14.19
C ASP C 218 -46.77 40.90 15.01
N ASN C 219 -46.40 40.76 16.28
CA ASN C 219 -46.21 41.90 17.20
C ASN C 219 -44.79 42.47 17.23
N SER C 220 -43.92 41.99 16.33
CA SER C 220 -42.52 42.41 16.30
C SER C 220 -41.78 42.21 17.63
N GLU C 221 -42.16 41.17 18.36
CA GLU C 221 -41.43 40.79 19.57
C GLU C 221 -40.41 39.68 19.22
N PHE C 222 -39.16 40.10 19.05
CA PHE C 222 -38.11 39.17 18.64
C PHE C 222 -37.08 38.95 19.72
N ALA C 223 -36.68 37.68 19.89
CA ALA C 223 -35.61 37.32 20.80
C ALA C 223 -34.31 38.00 20.39
N GLU C 224 -33.70 38.73 21.32
CA GLU C 224 -32.44 39.41 21.10
C GLU C 224 -31.28 38.41 21.00
N THR C 225 -31.33 37.34 21.81
CA THR C 225 -30.36 36.25 21.74
C THR C 225 -31.14 34.95 21.86
N PHE C 226 -30.45 33.81 21.68
CA PHE C 226 -31.08 32.49 21.83
C PHE C 226 -31.82 32.28 23.15
N THR C 227 -31.30 32.88 24.23
CA THR C 227 -31.83 32.63 25.56
C THR C 227 -32.70 33.78 26.10
N LYS C 228 -33.24 34.58 25.19
CA LYS C 228 -34.19 35.63 25.56
C LYS C 228 -35.55 35.33 24.95
N PRO C 229 -36.63 35.88 25.53
CA PRO C 229 -37.96 35.55 24.99
C PRO C 229 -38.26 36.24 23.65
N GLY C 230 -39.17 35.63 22.89
CA GLY C 230 -39.64 36.20 21.63
C GLY C 230 -39.52 35.25 20.44
N CYS C 231 -40.09 35.67 19.32
CA CYS C 231 -39.95 34.96 18.03
C CYS C 231 -38.47 34.88 17.64
N LYS C 232 -38.10 33.79 16.99
CA LYS C 232 -36.69 33.51 16.66
C LYS C 232 -36.25 34.08 15.30
N ALA C 233 -37.10 34.87 14.64
CA ALA C 233 -36.80 35.35 13.29
C ALA C 233 -35.44 36.06 13.14
N GLU C 234 -35.12 36.96 14.08
CA GLU C 234 -33.86 37.70 14.01
C GLU C 234 -32.63 36.86 14.29
N LEU C 235 -32.84 35.69 14.90
CA LEU C 235 -31.75 34.74 15.16
C LEU C 235 -31.46 33.86 13.94
N GLY C 236 -32.31 33.97 12.92
CA GLY C 236 -32.13 33.26 11.65
C GLY C 236 -33.20 32.25 11.27
N CYS C 237 -34.30 32.19 12.04
CA CYS C 237 -35.33 31.14 11.83
C CYS C 237 -35.87 31.15 10.39
N LYS C 238 -35.87 29.97 9.75
CA LYS C 238 -36.35 29.85 8.37
C LYS C 238 -37.76 29.26 8.29
N GLY C 239 -38.44 29.21 9.43
CA GLY C 239 -39.85 28.81 9.49
C GLY C 239 -40.76 29.38 8.40
N PRO C 240 -40.66 30.69 8.11
CA PRO C 240 -41.53 31.26 7.06
C PRO C 240 -41.44 30.57 5.70
N SER C 241 -40.29 29.98 5.36
CA SER C 241 -40.10 29.38 4.03
C SER C 241 -40.01 27.85 4.06
N THR C 242 -40.48 27.24 5.14
CA THR C 242 -40.30 25.79 5.36
C THR C 242 -41.63 25.10 5.56
N TYR C 243 -41.81 23.94 4.91
CA TYR C 243 -43.08 23.22 4.99
C TYR C 243 -42.87 21.82 5.57
N ALA C 244 -43.24 21.67 6.84
CA ALA C 244 -43.15 20.41 7.57
C ALA C 244 -44.06 20.57 8.78
N ASP C 245 -44.45 19.45 9.39
CA ASP C 245 -45.37 19.50 10.52
C ASP C 245 -44.68 19.45 11.90
N CYS C 246 -43.42 19.92 11.95
CA CYS C 246 -42.66 19.91 13.19
C CYS C 246 -43.32 20.66 14.34
N ALA C 247 -44.03 21.75 14.04
CA ALA C 247 -44.72 22.49 15.12
C ALA C 247 -45.76 21.63 15.82
N LYS C 248 -46.37 20.71 15.07
CA LYS C 248 -47.40 19.82 15.64
C LYS C 248 -46.79 18.60 16.35
N ARG C 249 -45.87 17.94 15.67
CA ARG C 249 -45.35 16.63 16.04
C ARG C 249 -44.12 16.75 16.94
N ARG C 250 -43.39 17.86 16.79
CA ARG C 250 -42.11 18.09 17.48
C ARG C 250 -41.13 16.92 17.21
N TRP C 251 -40.09 16.79 18.03
CA TRP C 251 -39.01 15.83 17.76
C TRP C 251 -38.71 14.93 18.95
N ASN C 252 -38.20 13.73 18.64
CA ASN C 252 -37.77 12.76 19.64
C ASN C 252 -38.85 12.45 20.67
N ASN C 253 -39.99 12.00 20.15
CA ASN C 253 -41.14 11.61 20.96
C ASN C 253 -41.68 12.80 21.74
N GLY C 254 -41.71 13.96 21.07
CA GLY C 254 -42.32 15.17 21.62
C GLY C 254 -41.51 15.91 22.65
N ILE C 255 -40.22 15.56 22.78
CA ILE C 255 -39.35 16.15 23.81
C ILE C 255 -39.01 17.63 23.56
N ASN C 256 -38.74 17.99 22.31
CA ASN C 256 -38.31 19.34 21.95
C ASN C 256 -38.46 19.53 20.44
N TRP C 257 -38.16 20.72 19.93
CA TRP C 257 -37.99 20.90 18.48
C TRP C 257 -37.13 22.11 18.20
N CYS C 258 -36.76 22.28 16.94
CA CYS C 258 -35.72 23.23 16.57
C CYS C 258 -36.09 24.66 16.92
N VAL C 259 -37.36 25.01 16.70
CA VAL C 259 -37.80 26.38 16.90
C VAL C 259 -37.83 26.74 18.39
N GLU C 260 -38.34 25.84 19.23
CA GLU C 260 -38.35 26.09 20.67
C GLU C 260 -36.91 26.22 21.18
N ASN C 261 -36.07 25.29 20.74
CA ASN C 261 -34.70 25.21 21.24
C ASN C 261 -33.79 26.33 20.70
N ALA C 262 -33.98 26.68 19.43
CA ALA C 262 -33.05 27.55 18.70
C ALA C 262 -33.75 28.18 17.49
N VAL C 263 -33.42 27.70 16.27
CA VAL C 263 -34.05 28.19 15.03
C VAL C 263 -34.37 27.00 14.12
N CYS C 264 -35.38 27.13 13.27
CA CYS C 264 -35.55 26.23 12.12
C CYS C 264 -34.51 26.59 11.06
N ILE C 265 -33.87 25.57 10.48
CA ILE C 265 -32.85 25.79 9.43
C ILE C 265 -33.38 25.35 8.06
N GLY C 266 -34.67 25.02 7.99
CA GLY C 266 -35.32 24.71 6.71
C GLY C 266 -34.87 23.37 6.11
N CYS C 267 -34.62 22.39 6.97
CA CYS C 267 -33.90 21.18 6.54
C CYS C 267 -34.66 20.29 5.54
N VAL C 268 -35.98 20.46 5.45
CA VAL C 268 -36.79 19.66 4.54
C VAL C 268 -36.90 20.24 3.12
N GLU C 269 -36.39 21.45 2.91
CA GLU C 269 -36.63 22.17 1.66
C GLU C 269 -35.62 21.82 0.57
N PRO C 270 -36.04 21.87 -0.72
CA PRO C 270 -35.14 21.54 -1.83
C PRO C 270 -33.87 22.38 -1.90
N ASP C 271 -33.91 23.61 -1.35
CA ASP C 271 -32.73 24.46 -1.36
C ASP C 271 -31.85 24.35 -0.10
N PHE C 272 -32.10 23.37 0.75
CA PHE C 272 -31.25 23.18 1.92
C PHE C 272 -29.95 22.49 1.51
N PRO C 273 -28.78 23.01 1.93
CA PRO C 273 -28.57 24.14 2.85
C PRO C 273 -28.40 25.53 2.24
N ASP C 274 -27.96 25.62 0.98
CA ASP C 274 -27.51 26.91 0.46
C ASP C 274 -28.57 28.01 0.46
N GLY C 275 -29.81 27.67 0.11
CA GLY C 275 -30.89 28.65 0.11
C GLY C 275 -31.46 28.97 1.49
N LYS C 276 -30.94 28.29 2.51
CA LYS C 276 -31.40 28.52 3.88
C LYS C 276 -30.26 29.08 4.73
N SER C 277 -29.15 29.38 4.08
CA SER C 277 -27.93 29.89 4.71
C SER C 277 -27.69 31.37 4.39
N PRO C 278 -26.99 32.09 5.28
CA PRO C 278 -26.46 31.68 6.59
C PRO C 278 -27.57 31.30 7.57
N PHE C 279 -27.33 30.30 8.41
CA PHE C 279 -28.38 29.81 9.30
C PHE C 279 -28.77 30.80 10.39
N TYR C 280 -27.83 31.66 10.77
CA TYR C 280 -28.06 32.58 11.89
C TYR C 280 -28.22 34.06 11.45
N VAL C 281 -28.60 34.22 10.18
CA VAL C 281 -28.99 35.50 9.61
C VAL C 281 -30.46 35.37 9.18
N ALA C 282 -31.28 36.34 9.56
CA ALA C 282 -32.71 36.32 9.25
C ALA C 282 -32.96 36.23 7.75
N GLU C 283 -34.02 35.53 7.36
CA GLU C 283 -34.48 35.62 5.97
C GLU C 283 -35.23 36.93 5.72
N GLY D 11 -2.67 -22.82 -0.10
N GLY D 11 -1.32 -22.66 1.14
CA GLY D 11 -1.65 -21.74 0.02
C GLY D 11 -2.23 -20.41 0.49
N LYS D 12 -1.80 -19.32 -0.14
CA LYS D 12 -2.23 -17.98 0.26
C LYS D 12 -3.56 -17.64 -0.43
N VAL D 13 -4.53 -17.20 0.36
CA VAL D 13 -5.86 -16.85 -0.13
C VAL D 13 -6.22 -15.40 0.19
N LYS D 14 -6.73 -14.68 -0.81
CA LYS D 14 -7.25 -13.33 -0.61
C LYS D 14 -8.74 -13.39 -0.24
N ILE D 15 -9.12 -12.71 0.83
CA ILE D 15 -10.53 -12.51 1.16
C ILE D 15 -10.84 -11.01 1.05
N SER D 16 -11.86 -10.69 0.25
CA SER D 16 -12.26 -9.31 0.00
C SER D 16 -13.70 -9.15 0.49
N ILE D 17 -13.93 -8.21 1.39
CA ILE D 17 -15.25 -7.97 1.97
C ILE D 17 -15.66 -6.53 1.71
N ASP D 18 -16.62 -6.37 0.80
CA ASP D 18 -17.11 -5.04 0.42
C ASP D 18 -18.56 -5.20 -0.03
N PRO D 19 -19.53 -4.70 0.77
CA PRO D 19 -19.38 -3.88 1.98
C PRO D 19 -19.09 -4.69 3.25
N LEU D 20 -18.19 -4.18 4.07
CA LEU D 20 -18.10 -4.67 5.42
C LEU D 20 -19.22 -3.97 6.18
N THR D 21 -20.28 -4.74 6.42
CA THR D 21 -21.51 -4.23 7.02
C THR D 21 -21.40 -4.11 8.54
N ARG D 22 -22.44 -3.52 9.15
CA ARG D 22 -22.46 -3.31 10.61
C ARG D 22 -21.25 -2.51 11.12
N VAL D 23 -20.88 -1.52 10.30
CA VAL D 23 -20.10 -0.35 10.69
C VAL D 23 -20.91 0.80 10.12
N GLU D 24 -20.59 2.04 10.49
CA GLU D 24 -21.21 3.17 9.78
C GLU D 24 -20.43 3.41 8.49
N GLY D 25 -21.16 3.56 7.38
CA GLY D 25 -20.55 4.04 6.14
C GLY D 25 -19.91 2.96 5.29
N HIS D 26 -19.12 3.40 4.31
CA HIS D 26 -18.67 2.54 3.23
C HIS D 26 -17.24 2.09 3.47
N LEU D 27 -17.09 0.80 3.81
CA LEU D 27 -15.81 0.20 4.17
C LEU D 27 -15.55 -1.08 3.37
N LYS D 28 -14.33 -1.22 2.89
CA LYS D 28 -13.84 -2.45 2.27
C LYS D 28 -12.64 -2.96 3.06
N ILE D 29 -12.63 -4.27 3.32
CA ILE D 29 -11.50 -4.94 3.97
C ILE D 29 -10.98 -6.04 3.05
N GLU D 30 -9.67 -6.04 2.85
CA GLU D 30 -9.00 -7.08 2.08
C GLU D 30 -7.91 -7.70 2.95
N VAL D 31 -7.94 -9.02 3.07
CA VAL D 31 -6.89 -9.74 3.80
C VAL D 31 -6.28 -10.86 2.99
N GLU D 32 -4.98 -11.09 3.21
CA GLU D 32 -4.32 -12.29 2.71
C GLU D 32 -4.20 -13.26 3.85
N VAL D 33 -4.61 -14.51 3.62
CA VAL D 33 -4.60 -15.53 4.67
C VAL D 33 -3.68 -16.68 4.26
N LYS D 34 -2.79 -17.05 5.17
CA LYS D 34 -1.95 -18.23 4.97
C LYS D 34 -1.83 -19.01 6.30
N ASP D 35 -1.87 -20.33 6.20
CA ASP D 35 -1.76 -21.21 7.39
C ASP D 35 -2.74 -20.81 8.51
N GLY D 36 -3.94 -20.42 8.12
CA GLY D 36 -5.01 -20.13 9.07
C GLY D 36 -4.94 -18.79 9.80
N LYS D 37 -4.09 -17.89 9.33
CA LYS D 37 -3.99 -16.56 9.94
C LYS D 37 -3.89 -15.48 8.86
N VAL D 38 -4.41 -14.30 9.18
CA VAL D 38 -4.19 -13.15 8.32
C VAL D 38 -2.69 -12.78 8.32
N VAL D 39 -2.12 -12.67 7.12
CA VAL D 39 -0.71 -12.27 6.99
C VAL D 39 -0.49 -10.85 6.42
N ASP D 40 -1.52 -10.27 5.80
CA ASP D 40 -1.46 -8.88 5.36
C ASP D 40 -2.88 -8.38 5.15
N ALA D 41 -3.05 -7.06 5.09
CA ALA D 41 -4.39 -6.47 5.06
C ALA D 41 -4.38 -5.08 4.44
N LYS D 42 -5.54 -4.71 3.89
CA LYS D 42 -5.82 -3.38 3.37
C LYS D 42 -7.20 -2.93 3.87
N CYS D 43 -7.29 -1.68 4.33
CA CYS D 43 -8.53 -1.08 4.82
C CYS D 43 -8.81 0.13 3.95
N SER D 44 -10.02 0.24 3.40
CA SER D 44 -10.34 1.36 2.51
C SER D 44 -11.72 1.92 2.69
N GLY D 45 -11.80 3.25 2.64
CA GLY D 45 -13.09 3.93 2.61
C GLY D 45 -13.42 4.30 1.17
N GLY D 46 -14.62 3.91 0.73
CA GLY D 46 -15.01 4.05 -0.67
C GLY D 46 -15.99 5.16 -0.99
N MET D 47 -16.24 6.07 -0.03
CA MET D 47 -17.17 7.17 -0.29
C MET D 47 -16.62 8.50 0.22
N PHE D 48 -16.73 9.54 -0.60
CA PHE D 48 -16.20 10.86 -0.27
C PHE D 48 -17.28 11.90 -0.52
N ARG D 49 -17.35 12.90 0.36
CA ARG D 49 -18.25 14.04 0.20
C ARG D 49 -17.51 15.37 0.12
N GLY D 50 -16.45 15.51 0.92
CA GLY D 50 -15.64 16.74 0.88
C GLY D 50 -16.19 17.93 1.66
N PHE D 51 -16.52 17.69 2.92
CA PHE D 51 -17.01 18.73 3.81
C PHE D 51 -16.05 19.90 3.94
N GLU D 52 -14.75 19.62 3.91
CA GLU D 52 -13.76 20.70 4.03
C GLU D 52 -13.84 21.65 2.83
N GLN D 53 -14.16 21.11 1.66
CA GLN D 53 -14.35 21.96 0.47
C GLN D 53 -15.70 22.69 0.51
N ILE D 54 -16.76 21.97 0.91
CA ILE D 54 -18.12 22.53 0.97
C ILE D 54 -18.20 23.72 1.94
N LEU D 55 -17.44 23.64 3.03
CA LEU D 55 -17.45 24.67 4.07
C LEU D 55 -16.85 26.00 3.63
N ARG D 56 -15.94 25.97 2.65
CA ARG D 56 -15.22 27.19 2.28
C ARG D 56 -16.16 28.32 1.87
N GLY D 57 -15.87 29.52 2.35
CA GLY D 57 -16.62 30.72 1.95
C GLY D 57 -17.89 30.99 2.73
N ARG D 58 -18.24 30.11 3.67
CA ARG D 58 -19.45 30.25 4.47
C ARG D 58 -19.24 31.11 5.72
N ASP D 59 -20.35 31.66 6.24
CA ASP D 59 -20.42 32.22 7.59
C ASP D 59 -19.86 31.15 8.54
N PRO D 60 -18.81 31.47 9.30
CA PRO D 60 -18.21 30.44 10.16
C PRO D 60 -19.18 29.79 11.15
N ARG D 61 -20.23 30.53 11.55
CA ARG D 61 -21.23 29.99 12.46
C ARG D 61 -22.01 28.82 11.85
N ASP D 62 -22.16 28.83 10.53
CA ASP D 62 -22.84 27.73 9.84
C ASP D 62 -22.12 26.40 10.03
N SER D 63 -20.81 26.45 10.31
CA SER D 63 -20.04 25.20 10.39
C SER D 63 -20.60 24.21 11.42
N SER D 64 -21.15 24.70 12.52
CA SER D 64 -21.59 23.79 13.58
C SER D 64 -22.89 23.03 13.21
N GLN D 65 -23.59 23.50 12.17
CA GLN D 65 -24.69 22.74 11.57
C GLN D 65 -24.20 21.86 10.41
N ILE D 66 -23.41 22.44 9.50
CA ILE D 66 -22.90 21.68 8.36
C ILE D 66 -22.10 20.44 8.79
N VAL D 67 -21.18 20.61 9.76
CA VAL D 67 -20.29 19.48 10.14
C VAL D 67 -21.04 18.32 10.78
N GLN D 68 -22.21 18.56 11.37
CA GLN D 68 -22.94 17.44 11.98
C GLN D 68 -23.34 16.43 10.93
N ARG D 69 -23.57 16.90 9.70
CA ARG D 69 -23.94 16.01 8.60
C ARG D 69 -22.82 15.10 8.08
N ILE D 70 -21.62 15.23 8.65
CA ILE D 70 -20.59 14.23 8.42
C ILE D 70 -21.09 12.87 8.90
N CYS D 71 -21.84 12.86 10.00
CA CYS D 71 -22.26 11.60 10.60
CA CYS D 71 -22.26 11.60 10.62
CA CYS D 71 -22.24 11.60 10.62
C CYS D 71 -23.47 11.75 11.50
N GLY D 72 -24.49 10.93 11.24
CA GLY D 72 -25.72 10.97 12.02
C GLY D 72 -25.68 10.09 13.26
N VAL D 73 -24.56 9.38 13.47
CA VAL D 73 -24.36 8.59 14.66
C VAL D 73 -23.66 9.44 15.74
N CYS D 74 -22.66 10.22 15.33
CA CYS D 74 -21.86 11.05 16.24
C CYS D 74 -21.95 12.58 15.97
N PRO D 75 -23.14 13.11 15.60
CA PRO D 75 -23.09 14.54 15.20
C PRO D 75 -22.75 15.49 16.34
N THR D 76 -23.11 15.12 17.57
CA THR D 76 -22.82 15.96 18.72
C THR D 76 -21.30 16.14 18.95
N ALA D 77 -20.50 15.15 18.59
CA ALA D 77 -19.06 15.26 18.70
C ALA D 77 -18.52 16.33 17.73
N HIS D 78 -18.97 16.25 16.47
CA HIS D 78 -18.56 17.24 15.47
C HIS D 78 -19.07 18.63 15.84
N CYS D 79 -20.32 18.70 16.32
CA CYS D 79 -20.86 19.98 16.77
C CYS D 79 -20.01 20.57 17.91
N THR D 80 -19.65 19.72 18.87
CA THR D 80 -18.79 20.13 19.98
C THR D 80 -17.45 20.67 19.51
N ALA D 81 -16.76 19.93 18.65
CA ALA D 81 -15.48 20.37 18.12
C ALA D 81 -15.62 21.69 17.37
N SER D 82 -16.69 21.82 16.57
CA SER D 82 -16.91 23.00 15.76
C SER D 82 -17.18 24.23 16.62
N VAL D 83 -18.11 24.12 17.57
CA VAL D 83 -18.42 25.27 18.42
C VAL D 83 -17.20 25.68 19.26
N MET D 84 -16.39 24.71 19.69
CA MET D 84 -15.17 25.06 20.42
C MET D 84 -14.13 25.77 19.54
N ALA D 85 -14.03 25.34 18.27
CA ALA D 85 -13.15 26.03 17.31
C ALA D 85 -13.65 27.47 17.09
N GLN D 86 -14.96 27.61 16.96
CA GLN D 86 -15.56 28.94 16.81
C GLN D 86 -15.37 29.79 18.06
N ASP D 87 -15.58 29.22 19.25
CA ASP D 87 -15.38 29.96 20.51
C ASP D 87 -13.95 30.52 20.53
N ASP D 88 -12.99 29.64 20.19
CA ASP D 88 -11.58 29.97 20.16
C ASP D 88 -11.32 31.12 19.19
N ALA D 89 -11.81 30.99 17.95
CA ALA D 89 -11.58 31.99 16.91
C ALA D 89 -12.26 33.33 17.21
N PHE D 90 -13.46 33.27 17.78
CA PHE D 90 -14.29 34.43 18.03
C PHE D 90 -13.86 35.16 19.31
N GLY D 91 -13.10 34.46 20.15
CA GLY D 91 -12.62 35.01 21.42
C GLY D 91 -13.70 35.06 22.49
N VAL D 92 -14.60 34.10 22.48
CA VAL D 92 -15.69 34.10 23.47
C VAL D 92 -15.51 32.96 24.47
N LYS D 93 -15.72 33.26 25.75
CA LYS D 93 -15.55 32.29 26.83
C LYS D 93 -16.91 31.79 27.29
N VAL D 94 -17.09 30.49 27.32
CA VAL D 94 -18.37 29.88 27.71
C VAL D 94 -18.59 29.97 29.22
N THR D 95 -19.83 30.15 29.63
CA THR D 95 -20.19 30.19 31.05
C THR D 95 -20.10 28.79 31.64
N THR D 96 -20.08 28.72 32.96
CA THR D 96 -20.14 27.45 33.67
C THR D 96 -21.35 26.62 33.21
N ASN D 97 -22.52 27.25 33.16
CA ASN D 97 -23.73 26.51 32.84
C ASN D 97 -23.76 26.11 31.37
N GLY D 98 -23.15 26.93 30.51
CA GLY D 98 -22.97 26.60 29.10
C GLY D 98 -22.10 25.37 28.91
N ARG D 99 -20.96 25.33 29.62
CA ARG D 99 -20.06 24.17 29.54
C ARG D 99 -20.77 22.89 29.99
N ILE D 100 -21.48 22.96 31.12
CA ILE D 100 -22.17 21.78 31.66
C ILE D 100 -23.31 21.31 30.75
N THR D 101 -24.09 22.26 30.25
CA THR D 101 -25.20 21.93 29.34
C THR D 101 -24.66 21.23 28.08
N ARG D 102 -23.57 21.77 27.53
CA ARG D 102 -22.91 21.12 26.39
C ARG D 102 -22.48 19.68 26.74
N ASN D 103 -21.94 19.48 27.95
CA ASN D 103 -21.56 18.14 28.40
C ASN D 103 -22.76 17.22 28.53
N LEU D 104 -23.90 17.75 28.96
CA LEU D 104 -25.12 16.94 29.12
C LEU D 104 -25.69 16.51 27.77
N ILE D 105 -25.66 17.42 26.80
CA ILE D 105 -26.15 17.15 25.46
C ILE D 105 -25.29 16.06 24.82
N PHE D 106 -23.98 16.24 24.85
CA PHE D 106 -22.99 15.36 24.22
C PHE D 106 -22.88 14.02 24.99
N GLY D 107 -22.82 14.11 26.31
CA GLY D 107 -22.75 12.91 27.17
C GLY D 107 -23.87 11.91 26.93
N ALA D 108 -25.10 12.41 26.74
CA ALA D 108 -26.24 11.54 26.41
C ALA D 108 -25.99 10.76 25.12
N ASN D 109 -25.29 11.37 24.15
CA ASN D 109 -24.99 10.64 22.92
C ASN D 109 -23.84 9.64 23.04
N TYR D 110 -22.89 9.87 23.95
CA TYR D 110 -21.91 8.84 24.24
C TYR D 110 -22.63 7.56 24.64
N LEU D 111 -23.60 7.69 25.56
CA LEU D 111 -24.37 6.52 25.99
C LEU D 111 -25.10 5.87 24.82
N GLN D 112 -25.73 6.70 23.97
CA GLN D 112 -26.45 6.19 22.80
C GLN D 112 -25.51 5.41 21.89
N SER D 113 -24.34 5.99 21.65
CA SER D 113 -23.47 5.50 20.59
C SER D 113 -22.84 4.17 20.99
N HIS D 114 -22.40 4.08 22.24
CA HIS D 114 -21.75 2.86 22.72
C HIS D 114 -22.75 1.70 22.74
N ILE D 115 -23.97 2.00 23.17
CA ILE D 115 -25.04 1.00 23.21
C ILE D 115 -25.48 0.58 21.80
N LEU D 116 -25.71 1.56 20.93
CA LEU D 116 -25.93 1.26 19.52
C LEU D 116 -24.82 0.36 18.99
N HIS D 117 -23.57 0.71 19.27
CA HIS D 117 -22.49 -0.07 18.69
C HIS D 117 -22.51 -1.51 19.17
N PHE D 118 -22.44 -1.71 20.49
CA PHE D 118 -22.29 -3.07 20.93
C PHE D 118 -23.42 -3.97 20.47
N TYR D 119 -24.65 -3.51 20.62
CA TYR D 119 -25.79 -4.36 20.32
C TYR D 119 -26.07 -4.41 18.83
N HIS D 120 -26.26 -3.25 18.23
CA HIS D 120 -26.86 -3.19 16.90
C HIS D 120 -25.87 -3.25 15.75
N LEU D 121 -24.58 -3.10 16.08
CA LEU D 121 -23.52 -3.28 15.10
C LEU D 121 -22.65 -4.53 15.39
N ALA D 122 -22.23 -4.72 16.64
CA ALA D 122 -21.26 -5.78 16.97
C ALA D 122 -21.87 -7.13 17.33
N ALA D 123 -23.02 -7.12 18.03
CA ALA D 123 -23.53 -8.34 18.67
C ALA D 123 -23.90 -9.47 17.70
N LEU D 124 -24.28 -9.16 16.46
CA LEU D 124 -24.65 -10.23 15.54
C LEU D 124 -23.47 -11.07 15.05
N ASP D 125 -22.27 -10.76 15.53
CA ASP D 125 -21.13 -11.66 15.31
C ASP D 125 -21.02 -12.70 16.43
N TYR D 126 -21.93 -12.63 17.41
CA TYR D 126 -21.90 -13.53 18.57
C TYR D 126 -23.27 -14.09 18.93
N VAL D 127 -24.30 -13.30 18.69
CA VAL D 127 -25.66 -13.65 19.05
C VAL D 127 -26.41 -14.11 17.80
N LYS D 128 -27.12 -15.22 17.92
CA LYS D 128 -28.00 -15.73 16.86
C LYS D 128 -29.35 -15.03 16.94
N GLY D 129 -29.70 -14.30 15.88
CA GLY D 129 -31.00 -13.61 15.85
C GLY D 129 -32.12 -14.52 15.35
N PRO D 130 -33.36 -14.02 15.36
CA PRO D 130 -34.47 -14.79 14.79
C PRO D 130 -34.28 -15.01 13.30
N ASP D 131 -34.93 -16.04 12.76
CA ASP D 131 -34.72 -16.46 11.38
C ASP D 131 -35.51 -15.59 10.38
N VAL D 132 -35.39 -14.27 10.52
CA VAL D 132 -35.99 -13.32 9.58
C VAL D 132 -34.97 -12.24 9.27
N SER D 133 -35.06 -11.66 8.07
CA SER D 133 -34.21 -10.53 7.71
C SER D 133 -34.50 -9.37 8.65
N PRO D 134 -33.46 -8.60 9.05
CA PRO D 134 -32.09 -8.59 8.57
C PRO D 134 -31.11 -9.47 9.36
N PHE D 135 -31.63 -10.41 10.14
CA PHE D 135 -30.79 -11.29 10.98
C PHE D 135 -30.22 -12.46 10.21
N VAL D 136 -30.87 -12.77 9.08
CA VAL D 136 -30.44 -13.80 8.14
C VAL D 136 -30.54 -13.17 6.75
N PRO D 137 -29.73 -13.61 5.78
CA PRO D 137 -28.73 -14.68 5.88
C PRO D 137 -27.55 -14.27 6.75
N ARG D 138 -26.78 -15.27 7.15
CA ARG D 138 -25.56 -15.06 7.92
C ARG D 138 -24.60 -16.18 7.54
N TYR D 139 -23.35 -16.09 7.98
CA TYR D 139 -22.39 -17.17 7.74
C TYR D 139 -22.92 -18.50 8.28
N ALA D 140 -22.76 -19.55 7.48
CA ALA D 140 -23.21 -20.90 7.86
C ALA D 140 -22.49 -21.41 9.10
N ASN D 141 -21.19 -21.15 9.20
CA ASN D 141 -20.40 -21.52 10.36
C ASN D 141 -19.97 -20.26 11.07
N ALA D 142 -20.87 -19.66 11.84
CA ALA D 142 -20.66 -18.30 12.35
C ALA D 142 -20.01 -18.25 13.74
N ASP D 143 -19.76 -19.41 14.35
CA ASP D 143 -19.05 -19.47 15.63
C ASP D 143 -19.75 -18.64 16.71
N LEU D 144 -21.09 -18.71 16.72
CA LEU D 144 -21.91 -17.93 17.65
C LEU D 144 -21.99 -18.62 19.02
N LEU D 145 -22.65 -17.95 19.97
CA LEU D 145 -22.87 -18.51 21.29
C LEU D 145 -23.53 -19.88 21.22
N THR D 146 -24.43 -20.04 20.27
CA THR D 146 -25.16 -21.27 20.02
C THR D 146 -24.27 -22.38 19.47
N ASP D 147 -23.10 -22.00 18.94
CA ASP D 147 -22.10 -22.94 18.42
C ASP D 147 -21.02 -23.23 19.44
N ARG D 148 -20.60 -22.20 20.15
CA ARG D 148 -19.51 -22.27 21.14
C ARG D 148 -19.86 -23.10 22.35
N ILE D 149 -21.05 -22.84 22.89
CA ILE D 149 -21.47 -23.46 24.13
C ILE D 149 -22.06 -24.83 23.79
N LYS D 150 -21.34 -25.88 24.15
CA LYS D 150 -21.69 -27.25 23.74
C LYS D 150 -22.92 -27.84 24.42
N ASP D 151 -23.17 -27.44 25.66
CA ASP D 151 -24.44 -27.76 26.32
C ASP D 151 -25.54 -26.92 25.67
N GLY D 152 -26.30 -27.56 24.78
CA GLY D 152 -27.30 -26.88 23.94
C GLY D 152 -28.32 -26.03 24.69
N ALA D 153 -28.76 -26.51 25.85
CA ALA D 153 -29.73 -25.79 26.66
C ALA D 153 -29.14 -24.51 27.23
N LYS D 154 -27.92 -24.60 27.73
CA LYS D 154 -27.21 -23.44 28.25
C LYS D 154 -26.85 -22.49 27.10
N ALA D 155 -26.60 -23.04 25.92
CA ALA D 155 -26.29 -22.22 24.74
C ALA D 155 -27.50 -21.39 24.36
N ASP D 156 -28.65 -22.04 24.28
CA ASP D 156 -29.91 -21.37 23.96
C ASP D 156 -30.27 -20.33 25.01
N ALA D 157 -30.05 -20.64 26.29
CA ALA D 157 -30.36 -19.69 27.36
C ALA D 157 -29.46 -18.46 27.33
N THR D 158 -28.16 -18.65 27.12
CA THR D 158 -27.22 -17.54 27.01
C THR D 158 -27.50 -16.71 25.76
N ASN D 159 -27.80 -17.38 24.65
CA ASN D 159 -28.15 -16.68 23.42
C ASN D 159 -29.38 -15.80 23.59
N THR D 160 -30.41 -16.38 24.20
CA THR D 160 -31.68 -15.69 24.41
C THR D 160 -31.48 -14.49 25.35
N TYR D 161 -30.69 -14.69 26.39
CA TYR D 161 -30.26 -13.59 27.26
C TYR D 161 -29.64 -12.43 26.45
N GLY D 162 -28.71 -12.75 25.54
CA GLY D 162 -28.06 -11.75 24.70
C GLY D 162 -29.02 -11.09 23.72
N LEU D 163 -29.87 -11.90 23.11
CA LEU D 163 -30.82 -11.41 22.10
C LEU D 163 -31.89 -10.53 22.74
N ASN D 164 -32.35 -10.88 23.94
CA ASN D 164 -33.31 -10.02 24.63
C ASN D 164 -32.73 -8.65 24.96
N GLN D 165 -31.43 -8.63 25.29
CA GLN D 165 -30.73 -7.36 25.53
C GLN D 165 -30.62 -6.54 24.25
N TYR D 166 -30.26 -7.19 23.13
CA TYR D 166 -30.25 -6.53 21.82
C TYR D 166 -31.58 -5.82 21.55
N LEU D 167 -32.68 -6.54 21.74
CA LEU D 167 -34.02 -6.01 21.48
C LEU D 167 -34.37 -4.86 22.44
N LYS D 168 -34.10 -5.07 23.74
CA LYS D 168 -34.34 -3.99 24.72
C LYS D 168 -33.45 -2.76 24.45
N ALA D 169 -32.22 -2.99 24.00
CA ALA D 169 -31.30 -1.89 23.70
C ALA D 169 -31.81 -0.93 22.60
N LEU D 170 -32.70 -1.41 21.74
CA LEU D 170 -33.35 -0.54 20.74
C LEU D 170 -34.11 0.59 21.41
N GLU D 171 -34.81 0.27 22.49
CA GLU D 171 -35.52 1.31 23.23
C GLU D 171 -34.58 2.13 24.12
N ILE D 172 -33.61 1.48 24.73
CA ILE D 172 -32.64 2.21 25.55
C ILE D 172 -31.91 3.30 24.74
N ARG D 173 -31.42 2.96 23.55
CA ARG D 173 -30.71 3.96 22.74
C ARG D 173 -31.65 5.10 22.31
N ARG D 174 -32.93 4.80 22.08
CA ARG D 174 -33.92 5.81 21.74
C ARG D 174 -34.13 6.80 22.90
N ILE D 175 -34.19 6.26 24.12
CA ILE D 175 -34.31 7.10 25.31
C ILE D 175 -33.09 8.03 25.44
N CYS D 176 -31.90 7.53 25.11
CA CYS D 176 -30.70 8.36 25.09
C CYS D 176 -30.89 9.57 24.17
N HIS D 177 -31.56 9.37 23.03
CA HIS D 177 -31.82 10.50 22.12
C HIS D 177 -32.86 11.48 22.64
N GLU D 178 -33.83 11.00 23.42
CA GLU D 178 -34.70 11.91 24.18
C GLU D 178 -33.86 12.79 25.11
N MET D 179 -32.88 12.18 25.79
CA MET D 179 -31.97 12.94 26.65
C MET D 179 -31.18 13.99 25.86
N VAL D 180 -30.66 13.61 24.70
CA VAL D 180 -29.95 14.57 23.84
C VAL D 180 -30.86 15.74 23.44
N ALA D 181 -32.09 15.41 23.04
CA ALA D 181 -33.02 16.43 22.54
C ALA D 181 -33.48 17.38 23.63
N MET D 182 -33.39 16.95 24.89
CA MET D 182 -33.89 17.75 26.00
C MET D 182 -33.35 19.18 25.94
N PHE D 183 -32.02 19.30 25.80
CA PHE D 183 -31.39 20.61 25.71
C PHE D 183 -30.77 20.87 24.33
N GLY D 184 -30.77 19.85 23.47
CA GLY D 184 -30.20 19.95 22.13
C GLY D 184 -31.18 20.19 21.00
N GLY D 185 -32.48 20.06 21.30
CA GLY D 185 -33.52 20.42 20.34
C GLY D 185 -34.09 19.25 19.57
N ARG D 186 -33.22 18.47 18.95
CA ARG D 186 -33.58 17.21 18.29
C ARG D 186 -32.32 16.40 18.09
N MET D 187 -32.49 15.15 17.67
CA MET D 187 -31.36 14.27 17.40
C MET D 187 -31.84 13.17 16.46
N PRO D 188 -31.03 12.81 15.44
CA PRO D 188 -29.76 13.40 15.02
C PRO D 188 -29.83 14.88 14.66
N HIS D 189 -28.67 15.52 14.81
CA HIS D 189 -28.36 16.86 14.33
C HIS D 189 -28.97 17.92 15.21
N VAL D 190 -28.28 18.17 16.32
CA VAL D 190 -28.76 19.11 17.34
C VAL D 190 -28.79 20.54 16.83
N GLN D 191 -29.64 21.35 17.46
CA GLN D 191 -29.68 22.79 17.23
C GLN D 191 -29.11 23.56 18.42
N GLY D 192 -28.92 22.87 19.55
CA GLY D 192 -28.72 23.54 20.84
C GLY D 192 -27.32 24.02 21.17
N MET D 193 -26.33 23.64 20.37
CA MET D 193 -24.95 24.11 20.61
C MET D 193 -24.52 25.05 19.51
N VAL D 194 -23.98 26.21 19.91
CA VAL D 194 -23.60 27.28 19.00
C VAL D 194 -22.34 27.95 19.56
N VAL D 195 -21.65 28.75 18.75
CA VAL D 195 -20.60 29.60 19.28
C VAL D 195 -21.17 30.48 20.40
N GLY D 196 -20.50 30.49 21.54
CA GLY D 196 -20.96 31.26 22.71
C GLY D 196 -21.64 30.41 23.77
N GLY D 197 -21.92 29.15 23.44
CA GLY D 197 -22.43 28.19 24.43
C GLY D 197 -23.57 27.29 23.98
N ALA D 198 -24.73 27.47 24.62
CA ALA D 198 -25.90 26.62 24.37
C ALA D 198 -27.13 27.50 24.29
N THR D 199 -28.10 27.09 23.47
CA THR D 199 -29.21 27.98 23.08
C THR D 199 -30.40 27.96 24.02
N GLU D 200 -30.42 26.97 24.91
CA GLU D 200 -31.55 26.79 25.81
C GLU D 200 -31.07 26.56 27.24
N ILE D 201 -31.43 27.47 28.13
CA ILE D 201 -31.08 27.35 29.54
C ILE D 201 -31.87 26.21 30.18
N PRO D 202 -31.17 25.25 30.82
CA PRO D 202 -31.90 24.16 31.50
C PRO D 202 -32.87 24.67 32.57
N THR D 203 -34.10 24.16 32.57
CA THR D 203 -35.06 24.43 33.63
C THR D 203 -34.99 23.28 34.64
N ALA D 204 -35.47 23.51 35.87
CA ALA D 204 -35.50 22.46 36.87
C ALA D 204 -36.32 21.26 36.40
N ASP D 205 -37.48 21.52 35.78
CA ASP D 205 -38.32 20.44 35.24
C ASP D 205 -37.61 19.59 34.19
N LYS D 206 -36.92 20.25 33.25
CA LYS D 206 -36.28 19.50 32.18
C LYS D 206 -35.05 18.74 32.67
N VAL D 207 -34.37 19.29 33.67
CA VAL D 207 -33.25 18.56 34.29
C VAL D 207 -33.77 17.27 34.93
N ALA D 208 -34.89 17.36 35.65
CA ALA D 208 -35.49 16.18 36.27
C ALA D 208 -35.95 15.16 35.22
N GLU D 209 -36.46 15.66 34.09
CA GLU D 209 -36.92 14.78 33.00
C GLU D 209 -35.76 14.04 32.34
N TYR D 210 -34.65 14.76 32.13
CA TYR D 210 -33.41 14.15 31.67
C TYR D 210 -32.99 13.09 32.68
N ALA D 211 -32.97 13.47 33.96
CA ALA D 211 -32.49 12.57 35.02
C ALA D 211 -33.32 11.27 35.13
N ALA D 212 -34.64 11.36 35.01
CA ALA D 212 -35.50 10.17 35.10
C ALA D 212 -35.19 9.17 33.98
N ARG D 213 -35.00 9.70 32.77
CA ARG D 213 -34.60 8.90 31.61
C ARG D 213 -33.19 8.33 31.80
N PHE D 214 -32.28 9.19 32.24
CA PHE D 214 -30.91 8.76 32.51
C PHE D 214 -30.84 7.58 33.49
N LYS D 215 -31.62 7.62 34.56
CA LYS D 215 -31.58 6.52 35.54
C LYS D 215 -31.93 5.17 34.91
N GLU D 216 -32.87 5.18 33.97
CA GLU D 216 -33.25 3.97 33.25
C GLU D 216 -32.09 3.43 32.40
N VAL D 217 -31.42 4.33 31.69
CA VAL D 217 -30.27 3.96 30.86
C VAL D 217 -29.14 3.42 31.72
N GLN D 218 -28.85 4.15 32.80
CA GLN D 218 -27.82 3.74 33.75
C GLN D 218 -28.05 2.34 34.33
N LYS D 219 -29.31 2.04 34.67
CA LYS D 219 -29.70 0.73 35.18
C LYS D 219 -29.41 -0.38 34.15
N PHE D 220 -29.77 -0.12 32.89
CA PHE D 220 -29.48 -1.05 31.81
C PHE D 220 -27.96 -1.31 31.68
N VAL D 221 -27.16 -0.25 31.76
CA VAL D 221 -25.71 -0.35 31.65
C VAL D 221 -25.12 -1.26 32.73
N ILE D 222 -25.54 -1.03 33.97
CA ILE D 222 -25.01 -1.76 35.12
C ILE D 222 -25.56 -3.18 35.24
N GLU D 223 -26.86 -3.34 34.99
CA GLU D 223 -27.54 -4.60 35.26
C GLU D 223 -27.55 -5.55 34.07
N GLU D 224 -27.37 -5.02 32.87
CA GLU D 224 -27.50 -5.83 31.66
C GLU D 224 -26.26 -5.81 30.76
N TYR D 225 -25.90 -4.62 30.28
CA TYR D 225 -24.78 -4.41 29.35
C TYR D 225 -23.44 -4.90 29.93
N LEU D 226 -23.02 -4.38 31.07
CA LEU D 226 -21.75 -4.82 31.66
C LEU D 226 -21.72 -6.34 31.94
N PRO D 227 -22.76 -6.90 32.59
CA PRO D 227 -22.77 -8.35 32.73
C PRO D 227 -22.66 -9.13 31.42
N LEU D 228 -23.35 -8.68 30.37
CA LEU D 228 -23.28 -9.37 29.09
C LEU D 228 -21.87 -9.35 28.49
N ILE D 229 -21.20 -8.19 28.54
CA ILE D 229 -19.85 -8.09 27.99
C ILE D 229 -18.84 -9.03 28.69
N TYR D 230 -18.86 -9.05 30.01
CA TYR D 230 -17.93 -9.90 30.74
C TYR D 230 -18.28 -11.38 30.54
N THR D 231 -19.57 -11.69 30.43
CA THR D 231 -20.00 -13.05 30.13
C THR D 231 -19.53 -13.47 28.73
N LEU D 232 -19.74 -12.58 27.76
CA LEU D 232 -19.32 -12.85 26.38
C LEU D 232 -17.83 -13.14 26.34
N GLY D 233 -17.04 -12.29 26.99
CA GLY D 233 -15.60 -12.44 27.01
C GLY D 233 -15.17 -13.75 27.63
N SER D 234 -15.96 -14.25 28.58
CA SER D 234 -15.63 -15.46 29.32
C SER D 234 -15.85 -16.70 28.44
N VAL D 235 -16.67 -16.54 27.40
CA VAL D 235 -16.88 -17.59 26.40
C VAL D 235 -15.83 -17.49 25.29
N TYR D 236 -15.46 -16.26 24.93
CA TYR D 236 -14.53 -16.02 23.83
C TYR D 236 -13.18 -15.54 24.36
N THR D 237 -12.61 -16.31 25.29
CA THR D 237 -11.33 -15.94 25.90
C THR D 237 -10.21 -15.85 24.87
N ASP D 238 -10.34 -16.62 23.78
CA ASP D 238 -9.42 -16.54 22.64
C ASP D 238 -9.39 -15.18 21.95
N LEU D 239 -10.49 -14.42 22.07
CA LEU D 239 -10.58 -13.10 21.43
C LEU D 239 -9.98 -11.97 22.29
N PHE D 240 -9.48 -12.33 23.47
CA PHE D 240 -8.61 -11.44 24.24
C PHE D 240 -7.17 -11.62 23.80
N GLU D 241 -6.92 -12.58 22.91
CA GLU D 241 -5.55 -12.96 22.56
C GLU D 241 -5.19 -12.66 21.11
N THR D 242 -6.05 -11.93 20.42
CA THR D 242 -5.83 -11.57 19.02
C THR D 242 -6.48 -10.23 18.70
N GLY D 243 -6.14 -9.68 17.53
CA GLY D 243 -6.58 -8.36 17.12
C GLY D 243 -5.81 -7.30 17.87
N ILE D 244 -4.48 -7.46 17.88
CA ILE D 244 -3.62 -6.70 18.79
C ILE D 244 -3.24 -5.32 18.23
N GLY D 245 -2.50 -5.30 17.12
CA GLY D 245 -2.11 -4.03 16.50
C GLY D 245 -0.87 -3.38 17.07
N TRP D 246 -0.77 -2.07 16.84
CA TRP D 246 0.40 -1.28 17.22
C TRP D 246 0.58 -1.12 18.72
N LYS D 247 -0.52 -1.14 19.47
CA LYS D 247 -0.53 -0.83 20.93
C LYS D 247 -0.04 0.59 21.26
N ASN D 248 -0.22 1.50 20.29
CA ASN D 248 -0.02 2.92 20.49
C ASN D 248 -1.40 3.57 20.52
N VAL D 249 -1.62 4.47 21.47
CA VAL D 249 -2.91 5.13 21.59
C VAL D 249 -2.75 6.62 21.86
N ILE D 250 -3.76 7.39 21.43
CA ILE D 250 -3.77 8.84 21.63
CA ILE D 250 -3.77 8.82 21.71
C ILE D 250 -5.16 9.29 22.11
N ALA D 251 -5.18 10.32 22.96
CA ALA D 251 -6.41 10.91 23.48
C ALA D 251 -6.22 12.42 23.65
N PHE D 252 -7.25 13.20 23.32
CA PHE D 252 -7.18 14.67 23.32
C PHE D 252 -7.80 15.32 24.57
N GLY D 253 -8.51 14.54 25.38
CA GLY D 253 -9.32 15.10 26.45
C GLY D 253 -10.77 15.30 26.03
N VAL D 254 -11.69 14.88 26.89
CA VAL D 254 -13.12 15.04 26.60
C VAL D 254 -13.90 15.34 27.87
N PHE D 255 -14.94 16.17 27.74
CA PHE D 255 -15.83 16.58 28.82
C PHE D 255 -15.09 17.46 29.83
N PRO D 256 -14.79 18.72 29.43
CA PRO D 256 -14.05 19.57 30.34
C PRO D 256 -14.81 19.76 31.67
N GLU D 257 -14.11 19.61 32.78
CA GLU D 257 -14.71 19.68 34.12
C GLU D 257 -14.52 21.05 34.79
N ASP D 258 -13.91 21.98 34.07
CA ASP D 258 -13.76 23.36 34.55
C ASP D 258 -13.79 24.32 33.37
N ASP D 259 -14.08 25.58 33.65
CA ASP D 259 -14.31 26.58 32.62
C ASP D 259 -13.08 26.95 31.81
N ASP D 260 -11.89 26.63 32.31
CA ASP D 260 -10.65 26.90 31.58
C ASP D 260 -10.13 25.69 30.80
N TYR D 261 -10.92 24.62 30.77
CA TYR D 261 -10.54 23.37 30.11
C TYR D 261 -9.18 22.81 30.59
N LYS D 262 -8.89 22.96 31.88
CA LYS D 262 -7.66 22.43 32.46
C LYS D 262 -7.81 20.95 32.81
N THR D 263 -9.03 20.55 33.14
CA THR D 263 -9.32 19.18 33.56
C THR D 263 -10.51 18.63 32.78
N PHE D 264 -10.55 17.31 32.69
CA PHE D 264 -11.51 16.60 31.87
C PHE D 264 -11.94 15.35 32.60
N LEU D 265 -13.06 14.76 32.17
CA LEU D 265 -13.46 13.42 32.62
C LEU D 265 -12.40 12.39 32.23
N LEU D 266 -11.96 12.46 30.99
CA LEU D 266 -10.93 11.58 30.46
C LEU D 266 -9.83 12.46 29.88
N LYS D 267 -8.65 12.37 30.47
CA LYS D 267 -7.56 13.30 30.18
C LYS D 267 -6.85 13.07 28.85
N PRO D 268 -6.23 14.12 28.29
CA PRO D 268 -5.38 13.95 27.12
C PRO D 268 -4.10 13.19 27.48
N GLY D 269 -3.52 12.52 26.49
CA GLY D 269 -2.28 11.79 26.68
C GLY D 269 -1.98 10.87 25.52
N VAL D 270 -0.75 10.38 25.47
CA VAL D 270 -0.29 9.52 24.40
C VAL D 270 0.44 8.34 25.05
N TYR D 271 0.29 7.16 24.48
CA TYR D 271 1.02 5.98 24.95
C TYR D 271 1.57 5.29 23.72
N ILE D 272 2.89 5.35 23.57
CA ILE D 272 3.57 4.84 22.39
C ILE D 272 4.72 3.96 22.86
N ASP D 273 4.82 2.76 22.30
CA ASP D 273 5.91 1.82 22.63
C ASP D 273 6.12 1.66 24.14
N GLY D 274 5.02 1.52 24.87
CA GLY D 274 5.07 1.21 26.29
C GLY D 274 5.30 2.40 27.22
N LYS D 275 5.36 3.61 26.66
CA LYS D 275 5.62 4.80 27.47
C LYS D 275 4.55 5.87 27.33
N ASP D 276 4.16 6.45 28.47
CA ASP D 276 3.22 7.56 28.52
C ASP D 276 3.93 8.88 28.24
N GLU D 277 3.26 9.75 27.48
CA GLU D 277 3.74 11.10 27.25
C GLU D 277 2.56 12.05 27.10
N GLU D 278 2.82 13.35 27.17
CA GLU D 278 1.75 14.34 27.04
C GLU D 278 1.33 14.44 25.58
N PHE D 279 0.07 14.80 25.34
CA PHE D 279 -0.38 15.06 23.98
C PHE D 279 0.03 16.47 23.53
N ASP D 280 0.74 16.53 22.40
CA ASP D 280 1.19 17.78 21.80
C ASP D 280 0.65 17.89 20.38
N SER D 281 -0.33 18.75 20.19
CA SER D 281 -1.03 18.88 18.91
C SER D 281 -0.11 19.23 17.73
N LYS D 282 1.09 19.73 18.02
CA LYS D 282 2.03 20.10 16.97
C LYS D 282 2.57 18.87 16.25
N LEU D 283 2.44 17.70 16.87
CA LEU D 283 3.05 16.48 16.35
C LEU D 283 2.07 15.63 15.56
N VAL D 284 0.88 16.16 15.33
CA VAL D 284 -0.11 15.51 14.46
C VAL D 284 0.17 15.85 12.99
N LYS D 285 0.24 14.83 12.16
CA LYS D 285 0.55 15.00 10.73
C LYS D 285 -0.32 14.05 9.93
N GLU D 286 -0.84 14.51 8.79
CA GLU D 286 -1.58 13.64 7.89
C GLU D 286 -0.78 13.36 6.64
N TYR D 287 -0.64 12.07 6.34
CA TYR D 287 -0.01 11.61 5.11
C TYR D 287 -1.08 11.19 4.10
N VAL D 288 -0.75 11.31 2.82
CA VAL D 288 -1.71 10.95 1.78
C VAL D 288 -1.10 10.07 0.66
N GLY D 289 0.09 9.53 0.87
CA GLY D 289 0.75 8.68 -0.12
C GLY D 289 -0.10 7.53 -0.66
N HIS D 290 -0.99 6.99 0.18
CA HIS D 290 -1.87 5.91 -0.27
C HIS D 290 -3.34 6.26 -0.19
N SER D 291 -3.60 7.58 -0.17
CA SER D 291 -4.95 8.12 -0.08
C SER D 291 -5.26 8.90 -1.38
N PHE D 292 -6.55 8.97 -1.71
CA PHE D 292 -7.00 9.64 -2.95
C PHE D 292 -6.99 11.17 -2.81
N PHE D 293 -5.84 11.73 -2.46
CA PHE D 293 -5.70 13.20 -2.29
C PHE D 293 -4.32 13.61 -2.73
N ASP D 294 -4.24 14.78 -3.35
CA ASP D 294 -2.96 15.37 -3.72
C ASP D 294 -2.64 16.51 -2.76
N HIS D 295 -1.43 16.49 -2.21
CA HIS D 295 -0.88 17.64 -1.52
C HIS D 295 -0.05 18.41 -2.56
N SER D 296 0.08 19.73 -2.39
CA SER D 296 0.86 20.55 -3.33
C SER D 296 2.33 20.12 -3.44
N ALA D 297 2.91 19.73 -2.30
CA ALA D 297 4.27 19.21 -2.27
C ALA D 297 4.25 17.78 -1.72
N PRO D 298 5.31 16.98 -2.00
CA PRO D 298 5.40 15.67 -1.34
C PRO D 298 5.45 15.77 0.19
N GLY D 299 5.02 14.69 0.85
CA GLY D 299 5.06 14.59 2.31
C GLY D 299 3.72 14.82 2.98
N GLY D 300 3.74 14.78 4.32
CA GLY D 300 2.53 14.96 5.10
C GLY D 300 2.42 16.39 5.60
N LEU D 301 1.25 16.72 6.14
CA LEU D 301 0.96 18.09 6.58
C LEU D 301 0.30 18.11 7.94
N HIS D 302 0.70 19.09 8.74
CA HIS D 302 -0.02 19.42 9.97
C HIS D 302 -1.41 19.92 9.56
N TYR D 303 -2.42 19.62 10.39
CA TYR D 303 -3.80 19.95 10.03
C TYR D 303 -4.04 21.45 9.84
N SER D 304 -3.25 22.30 10.51
CA SER D 304 -3.40 23.75 10.40
C SER D 304 -3.05 24.26 9.00
N VAL D 305 -2.35 23.42 8.23
CA VAL D 305 -2.07 23.71 6.82
C VAL D 305 -2.58 22.58 5.94
N GLY D 306 -3.61 21.87 6.41
CA GLY D 306 -4.17 20.74 5.67
C GLY D 306 -4.73 21.14 4.32
N GLU D 307 -4.70 20.21 3.37
CA GLU D 307 -5.15 20.44 2.00
C GLU D 307 -6.06 19.29 1.61
N THR D 308 -7.20 19.61 1.00
CA THR D 308 -8.13 18.58 0.57
C THR D 308 -8.44 18.72 -0.93
N ASN D 309 -7.67 17.99 -1.71
CA ASN D 309 -7.76 17.99 -3.17
C ASN D 309 -7.96 16.55 -3.60
N PRO D 310 -9.23 16.11 -3.70
CA PRO D 310 -9.47 14.70 -4.02
C PRO D 310 -8.98 14.31 -5.41
N ASN D 311 -8.50 13.07 -5.52
CA ASN D 311 -8.01 12.52 -6.77
C ASN D 311 -8.15 10.99 -6.76
N PRO D 312 -9.29 10.47 -7.27
CA PRO D 312 -9.52 9.01 -7.29
C PRO D 312 -8.56 8.23 -8.18
N ASP D 313 -7.72 8.94 -8.94
CA ASP D 313 -6.76 8.29 -9.83
C ASP D 313 -5.30 8.40 -9.34
N LYS D 314 -5.09 8.86 -8.12
CA LYS D 314 -3.72 9.06 -7.64
C LYS D 314 -2.97 7.72 -7.65
N PRO D 315 -1.81 7.66 -8.34
CA PRO D 315 -1.08 6.38 -8.38
C PRO D 315 -0.67 5.92 -6.98
N GLY D 316 -0.92 4.64 -6.70
CA GLY D 316 -0.55 4.04 -5.41
C GLY D 316 -1.62 4.17 -4.34
N ALA D 317 -2.68 4.94 -4.62
CA ALA D 317 -3.70 5.20 -3.59
C ALA D 317 -4.79 4.15 -3.59
N TYR D 318 -5.42 3.96 -2.43
CA TYR D 318 -6.46 2.94 -2.31
C TYR D 318 -7.60 3.29 -1.35
N SER D 319 -7.59 4.49 -0.78
CA SER D 319 -8.63 4.87 0.17
C SER D 319 -8.88 6.38 0.16
N PHE D 320 -10.13 6.75 0.43
CA PHE D 320 -10.47 8.16 0.67
C PHE D 320 -10.19 8.61 2.10
N VAL D 321 -9.64 7.73 2.94
CA VAL D 321 -9.21 8.11 4.29
C VAL D 321 -7.76 8.57 4.25
N LYS D 322 -7.44 9.75 4.81
CA LYS D 322 -6.05 10.19 4.96
C LYS D 322 -5.39 9.35 6.06
N ALA D 323 -4.08 9.52 6.26
CA ALA D 323 -3.35 8.69 7.23
C ALA D 323 -2.69 9.55 8.31
N PRO D 324 -3.40 9.79 9.44
CA PRO D 324 -2.82 10.60 10.52
C PRO D 324 -1.78 9.79 11.30
N ARG D 325 -0.71 10.45 11.68
CA ARG D 325 0.34 9.83 12.50
C ARG D 325 0.75 10.82 13.57
N TYR D 326 1.24 10.29 14.70
CA TYR D 326 1.73 11.13 15.79
C TYR D 326 3.20 10.81 16.00
N LYS D 327 4.07 11.80 15.79
CA LYS D 327 5.52 11.57 15.77
C LYS D 327 5.84 10.43 14.80
N ASP D 328 5.12 10.40 13.67
CA ASP D 328 5.26 9.35 12.66
C ASP D 328 4.90 7.94 13.10
N LYS D 329 4.21 7.81 14.23
CA LYS D 329 3.75 6.51 14.72
C LYS D 329 2.24 6.37 14.45
N PRO D 330 1.82 5.22 13.93
CA PRO D 330 0.36 4.98 13.88
C PRO D 330 -0.17 4.82 15.30
N CYS D 331 -1.28 5.47 15.60
CA CYS D 331 -1.90 5.39 16.92
C CYS D 331 -3.37 5.14 16.73
N GLU D 332 -3.94 4.27 17.58
CA GLU D 332 -5.39 4.07 17.55
C GLU D 332 -6.08 4.91 18.62
N VAL D 333 -7.40 5.05 18.45
CA VAL D 333 -8.22 5.92 19.26
C VAL D 333 -9.50 5.21 19.64
N GLY D 334 -10.22 5.79 20.59
CA GLY D 334 -11.49 5.23 21.02
C GLY D 334 -11.48 4.94 22.50
N PRO D 335 -12.50 4.22 22.98
CA PRO D 335 -12.56 3.88 24.40
C PRO D 335 -11.26 3.22 24.91
N LEU D 336 -10.73 2.23 24.20
CA LEU D 336 -9.46 1.61 24.61
C LEU D 336 -8.39 2.68 24.86
N ALA D 337 -8.24 3.62 23.93
CA ALA D 337 -7.23 4.67 24.03
C ALA D 337 -7.47 5.55 25.27
N ARG D 338 -8.68 6.08 25.40
CA ARG D 338 -9.02 6.96 26.52
C ARG D 338 -8.91 6.25 27.87
N MET D 339 -9.42 5.03 27.94
CA MET D 339 -9.40 4.27 29.20
C MET D 339 -7.98 3.85 29.57
N TRP D 340 -7.16 3.51 28.57
CA TRP D 340 -5.76 3.20 28.82
C TRP D 340 -5.00 4.45 29.30
N VAL D 341 -5.21 5.57 28.63
CA VAL D 341 -4.54 6.83 29.01
C VAL D 341 -4.96 7.30 30.42
N GLN D 342 -6.26 7.34 30.67
CA GLN D 342 -6.77 7.79 31.98
C GLN D 342 -6.52 6.77 33.10
N ASN D 343 -6.60 5.49 32.75
CA ASN D 343 -6.47 4.37 33.70
C ASN D 343 -7.41 4.49 34.91
N PRO D 344 -8.73 4.62 34.66
CA PRO D 344 -9.63 4.79 35.79
C PRO D 344 -9.91 3.48 36.49
N GLU D 345 -10.55 3.56 37.66
CA GLU D 345 -10.98 2.38 38.36
C GLU D 345 -12.10 1.71 37.58
N LEU D 346 -12.04 0.38 37.50
CA LEU D 346 -13.07 -0.40 36.84
C LEU D 346 -14.40 -0.31 37.60
N SER D 347 -15.50 -0.51 36.88
CA SER D 347 -16.82 -0.62 37.50
C SER D 347 -16.85 -1.72 38.58
N PRO D 348 -17.74 -1.59 39.57
CA PRO D 348 -17.86 -2.68 40.57
C PRO D 348 -18.23 -4.01 39.91
N VAL D 349 -19.09 -3.96 38.90
CA VAL D 349 -19.48 -5.15 38.14
C VAL D 349 -18.29 -5.80 37.43
N GLY D 350 -17.47 -4.98 36.78
CA GLY D 350 -16.26 -5.47 36.10
C GLY D 350 -15.30 -6.13 37.07
N GLN D 351 -15.02 -5.45 38.18
CA GLN D 351 -14.13 -6.02 39.20
C GLN D 351 -14.64 -7.38 39.71
N LYS D 352 -15.95 -7.44 39.95
CA LYS D 352 -16.63 -8.64 40.41
C LYS D 352 -16.58 -9.78 39.39
N LEU D 353 -16.96 -9.50 38.15
CA LEU D 353 -17.06 -10.55 37.14
C LEU D 353 -15.70 -10.99 36.61
N LEU D 354 -14.72 -10.08 36.62
CA LEU D 354 -13.34 -10.50 36.27
C LEU D 354 -12.85 -11.55 37.26
N LYS D 355 -13.14 -11.34 38.55
CA LYS D 355 -12.81 -12.33 39.57
C LYS D 355 -13.59 -13.63 39.38
N GLU D 356 -14.92 -13.52 39.31
CA GLU D 356 -15.79 -14.69 39.27
C GLU D 356 -15.67 -15.52 38.00
N LEU D 357 -15.62 -14.87 36.86
CA LEU D 357 -15.67 -15.57 35.57
C LEU D 357 -14.30 -15.85 34.96
N TYR D 358 -13.27 -15.11 35.40
CA TYR D 358 -11.95 -15.20 34.77
C TYR D 358 -10.85 -15.57 35.76
N GLY D 359 -11.11 -15.39 37.05
CA GLY D 359 -10.09 -15.58 38.09
C GLY D 359 -9.05 -14.47 38.06
N ILE D 360 -9.46 -13.30 37.59
CA ILE D 360 -8.57 -12.14 37.47
C ILE D 360 -8.90 -11.12 38.55
N GLU D 361 -7.86 -10.69 39.26
CA GLU D 361 -7.95 -9.64 40.27
C GLU D 361 -7.54 -8.32 39.62
N ALA D 362 -8.52 -7.44 39.41
CA ALA D 362 -8.30 -6.19 38.71
C ALA D 362 -9.01 -5.02 39.39
N LYS D 363 -8.31 -3.89 39.51
CA LYS D 363 -8.88 -2.70 40.13
C LYS D 363 -9.00 -1.56 39.12
N ASN D 364 -7.91 -1.30 38.41
CA ASN D 364 -7.88 -0.25 37.39
C ASN D 364 -7.78 -0.82 35.99
N PHE D 365 -8.10 0.01 34.99
CA PHE D 365 -8.18 -0.48 33.62
C PHE D 365 -6.89 -1.17 33.16
N ARG D 366 -5.75 -0.57 33.45
CA ARG D 366 -4.46 -1.13 33.02
C ARG D 366 -4.14 -2.49 33.64
N ASP D 367 -4.87 -2.87 34.69
CA ASP D 367 -4.72 -4.19 35.30
C ASP D 367 -5.13 -5.31 34.32
N LEU D 368 -5.83 -4.94 33.25
CA LEU D 368 -6.16 -5.90 32.21
C LEU D 368 -4.92 -6.31 31.41
N GLY D 369 -3.88 -5.47 31.46
CA GLY D 369 -2.62 -5.72 30.75
C GLY D 369 -2.84 -5.95 29.27
N ASP D 370 -2.21 -6.99 28.74
CA ASP D 370 -2.28 -7.30 27.30
C ASP D 370 -3.69 -7.57 26.78
N LYS D 371 -4.57 -8.04 27.66
CA LYS D 371 -5.95 -8.34 27.27
C LYS D 371 -6.69 -7.10 26.76
N ALA D 372 -6.27 -5.92 27.20
CA ALA D 372 -6.92 -4.69 26.76
C ALA D 372 -6.75 -4.47 25.25
N PHE D 373 -5.58 -4.83 24.72
CA PHE D 373 -5.28 -4.63 23.29
C PHE D 373 -5.70 -5.86 22.49
N SER D 374 -7.01 -6.01 22.30
CA SER D 374 -7.58 -7.17 21.63
C SER D 374 -9.01 -6.90 21.22
N ILE D 375 -9.58 -7.83 20.48
CA ILE D 375 -10.97 -7.72 20.04
C ILE D 375 -11.87 -7.51 21.25
N MET D 376 -11.79 -8.42 22.23
CA MET D 376 -12.65 -8.31 23.41
C MET D 376 -12.26 -7.16 24.32
N GLY D 377 -10.96 -6.84 24.37
CA GLY D 377 -10.47 -5.67 25.10
C GLY D 377 -11.16 -4.38 24.69
N ARG D 378 -11.36 -4.19 23.38
CA ARG D 378 -11.99 -2.96 22.88
C ARG D 378 -13.46 -2.87 23.28
N HIS D 379 -14.15 -4.02 23.28
CA HIS D 379 -15.56 -4.07 23.71
C HIS D 379 -15.66 -3.82 25.22
N VAL D 380 -14.74 -4.40 25.98
CA VAL D 380 -14.69 -4.17 27.43
C VAL D 380 -14.40 -2.70 27.75
N ALA D 381 -13.44 -2.09 27.07
CA ALA D 381 -13.16 -0.66 27.28
C ALA D 381 -14.40 0.18 27.00
N ARG D 382 -15.13 -0.17 25.94
CA ARG D 382 -16.30 0.61 25.54
C ARG D 382 -17.42 0.51 26.57
N ALA D 383 -17.65 -0.71 27.08
CA ALA D 383 -18.65 -0.93 28.13
C ALA D 383 -18.27 -0.23 29.43
N GLU D 384 -17.02 -0.36 29.85
CA GLU D 384 -16.54 0.31 31.06
C GLU D 384 -16.67 1.84 30.93
N GLU D 385 -16.36 2.37 29.76
CA GLU D 385 -16.43 3.80 29.54
C GLU D 385 -17.88 4.29 29.55
N THR D 386 -18.79 3.44 29.08
CA THR D 386 -20.22 3.74 29.16
C THR D 386 -20.64 3.95 30.63
N TRP D 387 -20.23 3.01 31.48
CA TRP D 387 -20.50 3.12 32.92
C TRP D 387 -19.84 4.37 33.49
N LEU D 388 -18.58 4.61 33.12
CA LEU D 388 -17.83 5.76 33.63
C LEU D 388 -18.47 7.09 33.22
N THR D 389 -18.93 7.15 31.96
CA THR D 389 -19.63 8.34 31.48
C THR D 389 -20.95 8.51 32.21
N ALA D 390 -21.65 7.41 32.48
CA ALA D 390 -22.88 7.49 33.26
C ALA D 390 -22.65 8.04 34.68
N VAL D 391 -21.57 7.62 35.34
CA VAL D 391 -21.20 8.21 36.64
C VAL D 391 -21.03 9.72 36.52
N ALA D 392 -20.37 10.17 35.45
CA ALA D 392 -20.15 11.60 35.22
C ALA D 392 -21.46 12.35 34.96
N VAL D 393 -22.34 11.76 34.14
CA VAL D 393 -23.62 12.39 33.81
C VAL D 393 -24.45 12.58 35.09
N GLU D 394 -24.45 11.56 35.93
CA GLU D 394 -25.12 11.60 37.23
C GLU D 394 -24.65 12.80 38.07
N LYS D 395 -23.32 13.02 38.09
CA LYS D 395 -22.69 14.15 38.75
C LYS D 395 -23.08 15.48 38.08
N TRP D 396 -23.00 15.54 36.75
CA TRP D 396 -23.34 16.78 36.03
C TRP D 396 -24.77 17.22 36.25
N LEU D 397 -25.68 16.24 36.39
CA LEU D 397 -27.09 16.54 36.67
C LEU D 397 -27.30 17.26 38.01
N LYS D 398 -26.35 17.09 38.93
CA LYS D 398 -26.41 17.81 40.20
C LYS D 398 -25.72 19.16 40.11
N GLN D 399 -24.77 19.29 39.19
CA GLN D 399 -24.02 20.54 39.03
C GLN D 399 -24.78 21.59 38.22
N VAL D 400 -25.51 21.14 37.22
CA VAL D 400 -26.20 22.07 36.31
C VAL D 400 -27.15 22.95 37.11
N GLN D 401 -27.23 24.24 36.75
CA GLN D 401 -27.99 25.23 37.53
C GLN D 401 -29.19 25.75 36.74
N PRO D 402 -30.41 25.36 37.13
CA PRO D 402 -31.58 25.89 36.42
C PRO D 402 -31.54 27.41 36.38
N GLY D 403 -31.87 28.00 35.23
CA GLY D 403 -31.92 29.46 35.11
C GLY D 403 -30.62 30.19 34.76
N ALA D 404 -29.46 29.57 34.99
CA ALA D 404 -28.17 30.23 34.79
C ALA D 404 -27.82 30.34 33.31
N GLU D 405 -27.40 31.54 32.89
CA GLU D 405 -27.09 31.83 31.50
C GLU D 405 -26.16 30.79 30.86
N THR D 406 -26.53 30.35 29.65
CA THR D 406 -25.74 29.36 28.90
C THR D 406 -25.10 29.95 27.64
N TYR D 407 -25.53 31.15 27.27
CA TYR D 407 -25.10 31.77 26.01
C TYR D 407 -24.44 33.15 26.22
N VAL D 408 -23.32 33.35 25.53
CA VAL D 408 -22.65 34.65 25.50
C VAL D 408 -22.57 35.12 24.05
N LYS D 409 -22.97 36.37 23.82
CA LYS D 409 -22.84 37.04 22.52
C LYS D 409 -21.40 37.12 22.02
N SER D 410 -21.24 37.08 20.71
CA SER D 410 -19.92 37.27 20.09
C SER D 410 -20.13 37.84 18.69
N GLU D 411 -19.03 38.26 18.07
CA GLU D 411 -19.06 38.78 16.72
C GLU D 411 -18.12 37.96 15.86
N ILE D 412 -18.49 37.74 14.60
CA ILE D 412 -17.59 37.09 13.65
C ILE D 412 -16.36 37.99 13.45
N PRO D 413 -15.16 37.47 13.73
CA PRO D 413 -13.95 38.27 13.49
C PRO D 413 -13.63 38.33 11.99
N ASP D 414 -12.95 39.40 11.59
CA ASP D 414 -12.50 39.52 10.21
C ASP D 414 -11.52 38.40 9.85
N ALA D 415 -10.53 38.18 10.71
CA ALA D 415 -9.52 37.18 10.48
C ALA D 415 -9.13 36.54 11.81
N ALA D 416 -9.12 35.22 11.84
CA ALA D 416 -8.80 34.49 13.07
C ALA D 416 -8.59 33.01 12.78
N GLU D 417 -7.97 32.33 13.73
CA GLU D 417 -7.86 30.88 13.72
C GLU D 417 -8.39 30.33 15.05
N GLY D 418 -8.95 29.14 15.01
CA GLY D 418 -9.40 28.45 16.22
C GLY D 418 -9.39 26.96 16.04
N THR D 419 -9.13 26.24 17.11
CA THR D 419 -9.18 24.78 17.09
C THR D 419 -10.03 24.27 18.25
N GLY D 420 -10.95 23.37 17.94
CA GLY D 420 -11.73 22.65 18.95
C GLY D 420 -11.20 21.23 19.08
N PHE D 421 -10.89 20.83 20.31
CA PHE D 421 -10.42 19.48 20.62
C PHE D 421 -11.47 18.78 21.48
N THR D 422 -11.75 17.52 21.15
CA THR D 422 -12.63 16.67 21.98
C THR D 422 -12.34 15.19 21.67
N GLU D 423 -13.17 14.30 22.23
CA GLU D 423 -13.16 12.90 21.84
C GLU D 423 -14.55 12.54 21.41
N ALA D 424 -14.71 12.15 20.15
CA ALA D 424 -15.95 11.53 19.73
C ALA D 424 -16.01 10.15 20.38
N PRO D 425 -17.21 9.53 20.44
CA PRO D 425 -17.32 8.17 21.02
C PRO D 425 -16.32 7.16 20.41
N ARG D 426 -15.91 7.39 19.17
CA ARG D 426 -14.97 6.49 18.51
C ARG D 426 -13.51 6.92 18.61
N GLY D 427 -13.26 8.10 19.18
CA GLY D 427 -11.87 8.53 19.43
C GLY D 427 -11.61 9.99 19.16
N ALA D 428 -10.33 10.34 19.20
CA ALA D 428 -9.84 11.73 19.17
C ALA D 428 -10.38 12.53 18.00
N LEU D 429 -10.87 13.73 18.29
CA LEU D 429 -11.47 14.58 17.26
C LEU D 429 -11.03 16.03 17.42
N LEU D 430 -10.59 16.67 16.33
CA LEU D 430 -10.38 18.10 16.35
C LEU D 430 -10.91 18.72 15.07
N HIS D 431 -11.36 19.97 15.19
CA HIS D 431 -11.72 20.80 14.04
C HIS D 431 -10.85 22.04 14.10
N TYR D 432 -10.18 22.33 12.99
CA TYR D 432 -9.38 23.53 12.83
C TYR D 432 -10.11 24.47 11.88
N LEU D 433 -10.24 25.73 12.31
CA LEU D 433 -10.97 26.76 11.59
C LEU D 433 -10.09 27.97 11.36
N LYS D 434 -9.97 28.37 10.10
CA LYS D 434 -9.30 29.61 9.73
C LYS D 434 -10.30 30.53 9.03
N ILE D 435 -10.39 31.76 9.53
CA ILE D 435 -11.33 32.75 9.02
C ILE D 435 -10.57 33.88 8.31
N LYS D 436 -11.07 34.29 7.15
CA LYS D 436 -10.55 35.43 6.40
C LYS D 436 -11.74 36.18 5.80
N ASP D 437 -11.73 37.52 5.91
CA ASP D 437 -12.83 38.35 5.42
C ASP D 437 -14.19 37.87 6.01
N LYS D 438 -14.17 37.48 7.28
CA LYS D 438 -15.37 37.00 8.01
C LYS D 438 -15.98 35.71 7.46
N LYS D 439 -15.21 34.99 6.65
CA LYS D 439 -15.68 33.74 6.04
C LYS D 439 -14.69 32.60 6.28
N ILE D 440 -15.16 31.35 6.15
CA ILE D 440 -14.28 30.19 6.30
C ILE D 440 -13.27 30.18 5.15
N GLU D 441 -12.00 30.33 5.52
CA GLU D 441 -10.89 30.25 4.57
C GLU D 441 -10.38 28.81 4.42
N ASN D 442 -10.18 28.12 5.54
CA ASN D 442 -9.83 26.70 5.55
C ASN D 442 -10.51 26.09 6.77
N TYR D 443 -10.95 24.85 6.63
CA TYR D 443 -11.55 24.11 7.73
C TYR D 443 -11.02 22.70 7.56
N GLN D 444 -10.30 22.21 8.57
CA GLN D 444 -9.70 20.88 8.51
C GLN D 444 -10.17 20.03 9.68
N ILE D 445 -10.64 18.83 9.34
CA ILE D 445 -11.21 17.91 10.33
C ILE D 445 -10.28 16.72 10.45
N VAL D 446 -9.92 16.38 11.70
CA VAL D 446 -9.12 15.19 12.00
C VAL D 446 -9.99 14.40 12.97
N SER D 447 -10.64 13.38 12.44
N SER D 447 -10.62 13.33 12.49
CA SER D 447 -11.65 12.63 13.16
CA SER D 447 -11.81 12.75 13.16
C SER D 447 -11.10 11.37 13.79
C SER D 447 -11.85 11.24 13.44
N ALA D 448 -12.00 10.68 14.47
N ALA D 448 -11.66 10.90 14.73
CA ALA D 448 -11.74 9.52 15.28
C ALA D 448 -11.35 8.34 14.39
N THR D 449 -12.33 7.78 13.68
CA THR D 449 -12.06 6.61 12.84
C THR D 449 -10.98 6.89 11.82
N LEU D 450 -10.78 8.16 11.48
CA LEU D 450 -9.62 8.55 10.68
C LEU D 450 -8.32 7.95 11.22
N TRP D 451 -8.18 7.96 12.55
CA TRP D 451 -6.99 7.41 13.21
C TRP D 451 -6.94 5.90 13.17
N ASN D 452 -8.09 5.24 13.03
CA ASN D 452 -8.15 3.77 13.10
C ASN D 452 -8.18 3.09 11.74
N ALA D 453 -9.00 3.62 10.84
CA ALA D 453 -9.29 2.92 9.58
C ALA D 453 -8.51 3.48 8.40
N ASN D 454 -7.39 4.12 8.69
CA ASN D 454 -6.60 4.75 7.62
C ASN D 454 -5.75 3.72 6.86
N PRO D 455 -5.32 4.07 5.63
CA PRO D 455 -4.45 3.19 4.86
C PRO D 455 -2.98 3.39 5.26
N ARG D 456 -2.07 2.72 4.56
CA ARG D 456 -0.64 2.91 4.79
C ARG D 456 -0.25 4.39 4.63
N ASP D 457 0.69 4.83 5.45
CA ASP D 457 1.28 6.17 5.27
C ASP D 457 2.36 6.10 4.17
N ASP D 458 3.04 7.22 3.93
CA ASP D 458 4.06 7.30 2.85
C ASP D 458 5.19 6.33 3.08
N MET D 459 5.42 6.01 4.35
CA MET D 459 6.52 5.14 4.77
C MET D 459 6.10 3.66 4.78
N GLY D 460 4.88 3.40 4.34
CA GLY D 460 4.39 2.02 4.25
C GLY D 460 3.87 1.42 5.54
N GLN D 461 3.73 2.22 6.58
CA GLN D 461 3.23 1.69 7.86
C GLN D 461 1.73 1.50 7.81
N ARG D 462 1.28 0.28 8.11
CA ARG D 462 -0.15 -0.03 8.13
C ARG D 462 -0.90 0.84 9.14
N GLY D 463 -2.13 1.20 8.78
CA GLY D 463 -3.07 1.82 9.71
C GLY D 463 -3.39 0.88 10.85
N PRO D 464 -3.96 1.40 11.95
CA PRO D 464 -4.16 0.52 13.12
C PRO D 464 -5.06 -0.70 12.88
N ILE D 465 -6.17 -0.55 12.16
CA ILE D 465 -7.02 -1.70 11.84
C ILE D 465 -6.29 -2.69 10.94
N GLU D 466 -5.61 -2.17 9.91
CA GLU D 466 -4.77 -3.03 9.05
C GLU D 466 -3.76 -3.84 9.87
N GLU D 467 -3.10 -3.18 10.81
CA GLU D 467 -2.07 -3.82 11.62
C GLU D 467 -2.68 -4.82 12.61
N ALA D 468 -3.81 -4.45 13.19
CA ALA D 468 -4.48 -5.31 14.16
C ALA D 468 -5.06 -6.56 13.50
N LEU D 469 -5.34 -6.50 12.21
CA LEU D 469 -5.79 -7.69 11.47
C LEU D 469 -4.68 -8.75 11.35
N ILE D 470 -3.43 -8.32 11.35
CA ILE D 470 -2.30 -9.26 11.20
C ILE D 470 -2.28 -10.25 12.36
N GLY D 471 -2.32 -11.54 12.03
CA GLY D 471 -2.36 -12.57 13.07
C GLY D 471 -3.73 -13.10 13.47
N VAL D 472 -4.80 -12.40 13.05
CA VAL D 472 -6.17 -12.84 13.35
C VAL D 472 -6.43 -14.24 12.74
N PRO D 473 -6.93 -15.18 13.54
CA PRO D 473 -7.17 -16.54 13.02
C PRO D 473 -8.32 -16.64 12.02
N VAL D 474 -8.05 -17.31 10.91
CA VAL D 474 -9.07 -17.62 9.91
C VAL D 474 -8.99 -19.13 9.61
N PRO D 475 -9.49 -19.98 10.53
CA PRO D 475 -9.49 -21.43 10.29
C PRO D 475 -10.48 -21.88 9.21
N ASP D 476 -11.48 -21.05 8.93
CA ASP D 476 -12.50 -21.34 7.92
C ASP D 476 -12.57 -20.16 6.93
N ILE D 477 -11.89 -20.33 5.79
CA ILE D 477 -11.84 -19.30 4.75
C ILE D 477 -13.22 -18.85 4.25
N LYS D 478 -14.16 -19.79 4.20
CA LYS D 478 -15.50 -19.46 3.72
C LYS D 478 -16.33 -18.75 4.78
N ASN D 479 -15.91 -18.86 6.05
CA ASN D 479 -16.58 -18.20 7.17
C ASN D 479 -15.59 -17.39 8.02
N PRO D 480 -15.00 -16.32 7.44
CA PRO D 480 -13.90 -15.60 8.09
C PRO D 480 -14.39 -14.63 9.18
N VAL D 481 -15.05 -15.18 10.19
CA VAL D 481 -15.79 -14.37 11.16
C VAL D 481 -14.94 -13.41 12.00
N ASN D 482 -13.69 -13.78 12.26
CA ASN D 482 -12.82 -12.96 13.11
C ASN D 482 -12.32 -11.69 12.44
N VAL D 483 -12.34 -11.67 11.10
CA VAL D 483 -12.00 -10.46 10.35
C VAL D 483 -13.00 -9.33 10.70
N GLY D 484 -14.28 -9.60 10.47
CA GLY D 484 -15.33 -8.65 10.84
C GLY D 484 -15.33 -8.38 12.34
N ARG D 485 -15.10 -9.41 13.15
CA ARG D 485 -15.07 -9.19 14.61
C ARG D 485 -14.00 -8.20 15.01
N LEU D 486 -12.83 -8.31 14.41
CA LEU D 486 -11.76 -7.36 14.70
C LEU D 486 -12.15 -5.95 14.27
N VAL D 487 -12.56 -5.82 13.01
CA VAL D 487 -12.88 -4.51 12.47
C VAL D 487 -13.98 -3.84 13.31
N ARG D 488 -15.03 -4.60 13.63
CA ARG D 488 -16.14 -4.02 14.39
C ARG D 488 -15.78 -3.70 15.86
N SER D 489 -14.73 -4.33 16.40
CA SER D 489 -14.31 -4.01 17.77
C SER D 489 -13.87 -2.54 17.87
N TYR D 490 -13.43 -1.98 16.74
CA TYR D 490 -13.03 -0.57 16.60
C TYR D 490 -14.22 0.39 16.42
N ASP D 491 -15.42 -0.14 16.21
CA ASP D 491 -16.61 0.70 16.00
C ASP D 491 -16.35 1.77 14.91
N PRO D 492 -15.92 1.34 13.70
CA PRO D 492 -15.57 2.33 12.65
C PRO D 492 -16.76 3.13 12.14
N SEC D 493 -16.50 4.40 11.86
CA SEC D 493 -17.43 5.32 11.21
C SEC D 493 -16.73 5.84 9.99
N SE7 D 493 -16.50 4.40 11.86
CA SE7 D 493 -17.43 5.32 11.21
C SE7 D 493 -16.73 5.84 9.99
O SE7 D 493 -15.84 6.69 10.10
CB SE7 D 493 -17.71 6.54 12.06
SEG SE7 D 493 -19.26 6.24 13.23
OD1 SE7 D 493 -18.71 7.71 14.18
OD2 SE7 D 493 -20.64 7.02 12.57
N UOX D 493 -16.50 4.40 11.86
CA UOX D 493 -17.43 5.32 11.21
CB UOX D 493 -17.56 6.47 12.19
SE UOX D 493 -19.33 7.33 12.34
OD UOX D 493 -18.66 8.27 13.80
C UOX D 493 -16.73 5.84 9.99
O UOX D 493 -15.84 6.69 10.10
N LEU D 494 -17.11 5.37 8.80
CA LEU D 494 -16.39 5.79 7.59
C LEU D 494 -16.83 7.15 7.06
N GLY D 495 -18.05 7.56 7.40
CA GLY D 495 -18.46 8.94 7.14
C GLY D 495 -17.53 9.89 7.88
N CYS D 496 -17.31 9.65 9.16
CA CYS D 496 -16.33 10.45 9.92
C CYS D 496 -14.93 10.36 9.37
N ALA D 497 -14.52 9.15 9.01
CA ALA D 497 -13.13 8.93 8.58
C ALA D 497 -12.78 9.74 7.35
N VAL D 498 -13.72 9.87 6.42
CA VAL D 498 -13.48 10.53 5.12
C VAL D 498 -14.01 11.97 5.07
N HIS D 499 -15.24 12.17 5.58
CA HIS D 499 -15.92 13.48 5.49
C HIS D 499 -15.80 14.11 4.09
FE1 SF4 E . 0.71 -28.07 -22.61
FE2 SF4 E . 0.58 -27.05 -20.10
FE3 SF4 E . 1.56 -29.49 -20.53
FE4 SF4 E . 3.03 -27.28 -21.30
S1 SF4 E . 2.51 -27.91 -19.16
S2 SF4 E . 2.72 -29.20 -22.48
S3 SF4 E . 1.26 -25.95 -21.99
S4 SF4 E . -0.59 -28.83 -20.92
FE1 SF4 F . 8.94 -21.12 -15.46
FE2 SF4 F . 8.21 -22.64 -13.34
FE3 SF4 F . 8.95 -23.83 -15.69
FE4 SF4 F . 10.86 -22.55 -14.19
S1 SF4 F . 9.65 -24.42 -13.63
S2 SF4 F . 10.60 -22.37 -16.45
S3 SF4 F . 9.62 -20.84 -13.32
S4 SF4 F . 7.10 -22.50 -15.30
FE1 SF4 G . 19.78 -18.95 -12.24
FE2 SF4 G . 20.13 -18.06 -9.63
FE3 SF4 G . 22.11 -19.37 -11.05
FE4 SF4 G . 21.35 -16.85 -11.67
S1 SF4 G . 22.38 -17.52 -9.72
S2 SF4 G . 21.85 -18.49 -13.16
S3 SF4 G . 19.07 -16.97 -11.35
S4 SF4 G . 20.07 -20.20 -10.35
CA CA H . 36.87 -33.01 4.17
CL CL I . 6.34 -12.57 -6.56
C1 GOL J . -1.43 -6.10 1.30
O1 GOL J . -1.91 -7.40 1.07
C2 GOL J . -1.09 -5.45 -0.04
O2 GOL J . -0.15 -6.24 -0.73
C3 GOL J . -0.52 -4.07 0.21
O3 GOL J . -0.60 -3.33 -0.99
C1 GOL K . 38.75 -17.69 8.73
O1 GOL K . 38.01 -18.87 8.87
C2 GOL K . 38.56 -16.87 10.00
O2 GOL K . 39.15 -17.54 11.10
C3 GOL K . 39.25 -15.53 9.85
O3 GOL K . 38.89 -14.74 10.96
CA CA L . 46.21 -15.76 -9.63
FE FCO M . 24.67 -5.91 -17.69
FE FCO M . 24.68 -5.88 -17.39
C1 FCO M . 26.26 -4.97 -17.46
C1 FCO M . 26.27 -4.95 -17.31
N1 FCO M . 27.24 -4.38 -17.31
N1 FCO M . 27.28 -4.37 -17.26
C2 FCO M . 23.76 -4.31 -17.60
C2 FCO M . 23.79 -4.25 -17.47
N2 FCO M . 23.18 -3.29 -17.54
N2 FCO M . 23.23 -3.24 -17.51
C3 FCO M . 24.87 -5.94 -19.39
C3 FCO M . 24.87 -5.99 -19.08
O3 FCO M . 25.00 -5.96 -20.54
O3 FCO M . 25.00 -6.06 -20.23
NI NI N . 23.75 -7.03 -14.90
NI NI N . 26.43 -8.41 -15.15
NI NI N . 24.36 -7.21 -15.50
CA CA O . 33.22 -11.54 -24.35
S H2S P . 18.16 -4.97 -18.66
FE1 SF4 Q . -40.90 33.23 14.53
FE2 SF4 Q . -42.01 30.75 14.62
FE3 SF4 Q . -42.04 32.15 12.33
FE4 SF4 Q . -39.67 31.09 13.30
S1 SF4 Q . -41.51 29.94 12.53
S2 SF4 Q . -39.98 33.18 12.41
S3 SF4 Q . -40.01 31.38 15.56
S4 SF4 Q . -43.11 32.74 14.28
FE1 SF4 R . -36.15 21.47 12.51
FE2 SF4 R . -38.47 20.87 11.24
FE3 SF4 R . -37.12 23.17 10.61
FE4 SF4 R . -36.04 20.73 9.91
S1 SF4 R . -38.00 21.66 9.14
S2 SF4 R . -34.93 22.48 10.84
S3 SF4 R . -36.71 19.45 11.67
S4 SF4 R . -38.12 22.67 12.59
FE1 SF4 S . -29.16 14.65 6.39
FE2 SF4 S . -30.04 12.04 6.04
FE3 SF4 S . -28.30 13.29 4.30
FE4 SF4 S . -27.52 12.56 6.77
S1 SF4 S . -28.15 11.14 5.07
S2 SF4 S . -26.93 14.48 5.72
S3 SF4 S . -29.40 13.06 8.00
S4 SF4 S . -30.49 13.82 4.71
CA CA T . -10.26 2.96 -8.28
CA CA U . -34.01 30.15 -0.70
CA CA V . -40.90 21.05 -8.79
FE FCO W . -17.47 10.03 14.51
FE FCO W . -17.65 9.76 14.43
C1 FCO W . -16.10 8.85 14.13
C1 FCO W . -16.17 8.70 14.08
N1 FCO W . -15.24 8.10 13.90
N1 FCO W . -15.24 8.04 13.86
C2 FCO W . -17.60 9.30 16.22
C2 FCO W . -17.63 9.15 16.19
N2 FCO W . -17.68 8.83 17.28
N2 FCO W . -17.63 8.76 17.29
C3 FCO W . -16.37 11.29 14.88
C3 FCO W . -16.58 11.06 14.76
O3 FCO W . -15.63 12.15 15.13
O3 FCO W . -15.87 11.95 14.97
NI NI X . -20.15 8.80 13.45
NI NI X . -18.66 8.96 10.82
NI NI X . -19.45 9.16 13.09
CA CA Y . -9.64 15.85 7.13
S H2S Z . -21.33 12.11 19.53
C1 GOL AA . -28.01 -16.75 31.11
O1 GOL AA . -27.93 -18.08 30.63
C2 GOL AA . -26.68 -16.37 31.74
O2 GOL AA . -25.65 -16.48 30.78
C3 GOL AA . -26.71 -14.95 32.26
O3 GOL AA . -25.40 -14.57 32.62
C1 GOL BA . 3.51 -4.47 4.20
O1 GOL BA . 2.29 -4.65 3.47
C2 GOL BA . 3.27 -3.68 5.49
O2 GOL BA . 4.42 -3.19 6.16
C3 GOL BA . 2.54 -2.42 5.10
O3 GOL BA . 3.15 -1.99 3.94
CA CA CA . -17.87 -0.41 0.72
#